data_8KD6
#
_entry.id   8KD6
#
_cell.length_a   1.00
_cell.length_b   1.00
_cell.length_c   1.00
_cell.angle_alpha   90.00
_cell.angle_beta   90.00
_cell.angle_gamma   90.00
#
_symmetry.space_group_name_H-M   'P 1'
#
loop_
_entity.id
_entity.type
_entity.pdbx_description
1 polymer 'Chromatin modification-related protein EAF3'
2 polymer 'Histone H3'
3 polymer 'Histone H4'
4 polymer 'Histone H2A'
5 polymer 'Histone H2B 1.1'
6 polymer '187bp DNA'
7 polymer '187bp DNA'
8 polymer 'Histone deacetylase RPD3'
9 polymer 'Transcriptional regulatory protein SIN3'
10 polymer 'Transcriptional regulatory protein RCO1'
11 non-polymer 'ZINC ION'
#
loop_
_entity_poly.entity_id
_entity_poly.type
_entity_poly.pdbx_seq_one_letter_code
_entity_poly.pdbx_strand_id
1 'polypeptide(L)'
;MVDLEQEFALGGRCLAFHGPLMYEAKILKIWDPSSKMYTSIPNDKPGGSSQATKEIKPQKLGEDESIPEEIINGKCFFIH
YQGWKSSWDEWVGYDRIRAYNEENIAMKKRLANEAKEAKKSLLEQQKKKKLSTSLGGPSNGGKRKGDSRSNASISKSTSQ
SFLTSSVSGRKSGRSSANSLHPGSSLRSSSDQNGNDDRRRSSSLSPNMLHHIAGYPTPKISLQIPIKLKSVLVDDWEYVT
KDKKICRLPADVTVEMVLNKYEHEVSQELESPGSQSQLSEYCAGLKLYFDKCLGNMLLYRLERLQYDELLKKSSKDQKPL
VPIRIYGAIHLLRLISVLPELISSTTMDLQSCQLLIKQTEDFLVWLLMHVDEYFNDKDPNRSDDALYVNTSSQYEGVALG
M
;
D,F
2 'polypeptide(L)'
;ARTKQTARKSTGGKAPRKQLATKAARKSAPATGGV(M3L)KPHRYRPGTVALREIRRYQKSTELLIRKLPFQRLVREIAQ
DFKTDLRFQSSAVMALQEASEAYLVALFEDTNLAAIHAKRVTIMPKDIQLARRIRGERA
;
O,S
3 'polypeptide(L)'
;SGRGKGGKGLGKGGAKRHRKVLRDNIQGITKPAIRRLARRGGVKRISGLIYEETRGVLKVFLENVIRDAVTYTEHAKRKT
VTAMDVVYALKRQGRTLYGFGG
;
P,T
4 'polypeptide(L)'
;SGRGKQGGKTRAKAKTRSSRAGLQFPVGRVHRLLRKGNYAERVGAGAPVYLAAVLEYLTAEILELAGNAARDNKKTRIIP
RHLQLAVRNDEELNKLLGRVTIAQGGVLPNIQSVLLPKKTESSKSAKSK
;
Q,U
5 'polypeptide(L)'
;AKSAPAPKKGSKKAVTKTQKKDGKKRRKTRKESYAIYVYKVLKQVHPDTGISSKAMSIMNSFVNDVFERIAGEASRLAHY
NKRSTITSREIQTAVRLLLPGELAKHAVSEGTKAVTKYTSAK
;
R,V
6 'polydeoxyribonucleotide'
;(DG)(DC)(DG)(DG)(DT)(DG)(DG)(DC)(DG)(DG)(DC)(DC)(DG)(DC)(DT)(DC)(DT)(DA)(DG)(DA)
(DA)(DC)(DA)(DG)(DG)(DA)(DT)(DG)(DT)(DA)(DT)(DA)(DT)(DA)(DT)(DC)(DT)(DG)(DA)(DC)
(DA)(DC)(DG)(DT)(DG)(DC)(DC)(DT)(DG)(DG)(DA)(DG)(DA)(DC)(DT)(DA)(DG)(DG)(DG)(DA)
(DG)(DT)(DA)(DA)(DT)(DC)(DC)(DC)(DC)(DT)(DT)(DG)(DG)(DC)(DG)(DG)(DT)(DT)(DA)(DA)
(DA)(DA)(DC)(DG)(DC)(DG)(DG)(DG)(DG)(DG)(DA)(DC)(DA)(DG)(DC)(DG)(DC)(DG)(DT)(DA)
(DC)(DG)(DT)(DG)(DC)(DG)(DT)(DT)(DT)(DA)(DA)(DG)(DC)(DG)(DG)(DT)(DG)(DC)(DT)(DA)
(DG)(DA)(DG)(DC)(DT)(DG)(DT)(DC)(DT)(DA)(DC)(DG)(DA)(DC)(DC)(DA)(DA)(DT)(DT)(DG)
(DA)(DG)(DC)(DG)(DG)(DC)(DC)(DT)(DC)(DG)(DG)(DC)(DA)(DC)(DC)(DG)(DG)(DG)(DA)(DT)
(DT)(DC)(DT)(DC)(DC)(DA)(DG)(DG)(DG)(DC)(DG)(DG)(DC)(DC)(DG)(DC)(DG)(DT)(DA)(DT)
(DA)(DG)(DG)(DG)(DT)(DC)(DC)
;
X
7 'polydeoxyribonucleotide'
;(DG)(DG)(DA)(DC)(DC)(DC)(DT)(DA)(DT)(DA)(DC)(DG)(DC)(DG)(DG)(DC)(DC)(DG)(DC)(DC)
(DC)(DT)(DG)(DG)(DA)(DG)(DA)(DA)(DT)(DC)(DC)(DC)(DG)(DG)(DT)(DG)(DC)(DC)(DG)(DA)
(DG)(DG)(DC)(DC)(DG)(DC)(DT)(DC)(DA)(DA)(DT)(DT)(DG)(DG)(DT)(DC)(DG)(DT)(DA)(DG)
(DA)(DC)(DA)(DG)(DC)(DT)(DC)(DT)(DA)(DG)(DC)(DA)(DC)(DC)(DG)(DC)(DT)(DT)(DA)(DA)
(DA)(DC)(DG)(DC)(DA)(DC)(DG)(DT)(DA)(DC)(DG)(DC)(DG)(DC)(DT)(DG)(DT)(DC)(DC)(DC)
(DC)(DC)(DG)(DC)(DG)(DT)(DT)(DT)(DT)(DA)(DA)(DC)(DC)(DG)(DC)(DC)(DA)(DA)(DG)(DG)
(DG)(DG)(DA)(DT)(DT)(DA)(DC)(DT)(DC)(DC)(DC)(DT)(DA)(DG)(DT)(DC)(DT)(DC)(DC)(DA)
(DG)(DG)(DC)(DA)(DC)(DG)(DT)(DG)(DT)(DC)(DA)(DG)(DA)(DT)(DA)(DT)(DA)(DT)(DA)(DC)
(DA)(DT)(DC)(DC)(DT)(DG)(DT)(DT)(DC)(DT)(DA)(DG)(DA)(DG)(DC)(DG)(DG)(DC)(DC)(DG)
(DC)(DC)(DA)(DC)(DC)(DG)(DC)
;
Y
8 'polypeptide(L)'
;MVYEATPFDPITVKPSDKRRVAYFYDADVGNYAYGAGHPMKPHRIRMAHSLIMNYGLYKKMEIYRAKPATKQEMCQFHTD
EYIDFLSRVTPDNLEMFKRESVKFNVGDDCPVFDGLYEYCSISGGGSMEGAARLNRGKCDVAVNYAGGLHHAKKSEASGF
CYLNDIVLGIIELLRYHPRVLYIDIDVHHGDGVEEAFYTTDRVMTCSFHKYGEFFPGTGELRDIGVGAGKNYAVNVPLRD
GIDDATYRSVFEPVIKKIMEWYQPSAVVLQCGGDSLSGDRLGCFNLSMEGHANCVNYVKSFGIPMMVVGGGGYTMRNVAR
TWCFETGLLNNVVLDKDLPYNEYYEYYGPDYKLSVRPSNMFNVNTPEYLDKVMTNIFANLENTKYAPSVQLNHTPRDAED
LGDVEEDSAEAKDTKGGSQYARDLHVEHDNEFY
;
A
9 'polypeptide(L)'
;MHHHHHHHHPQLAMWSHPQFEKGGGSGGGSGGGSWSHPQFEKENLYFQSDYRPLNVKDALSYLEQVKFQFSSRPDIYNLF
LDIMKDFKSQAIDTPGVIERVSTLFRGYPILIQGFNTFLPQGYRIECSSNPDDPIRVTTPMGTTTVNNNISPSGRGTTDA
QELGSFPESDGNGVQQPSNVPMVPSSVYQSEQNQDQQQSLPLLATSSGLPSIQQPEMPAHRQIPQSQSLVPQEDAKKNVD
VEFSQAISYVNKIKTRFADQPDIYKHFLEILQTYQREQKPINEVYAQVTHLFQNAPDLLEDFKKFLPDSSASANQQVQHA
QQHAQQQHEAQMHAQAQAQAQAQAQVEQQKQQQQFLYPASGYYGHPSNRGIPQQNLPPIGSFSPPTNGSTVHEAYQDQQH
MQPPHFMPLPSIVQHGPNMVHQGIANENPPLSDLRTSLTEQYAPSSIQHQQQHPQSISPIANTQYGDIPVRPEIDLDPSI
VPVVPEPTEPIENNISLNEEVTFFEKAKRYIGNKHLYTEFLKILNLYSQDILDLDDLVEKVDFYLGSNKELFTWFKNFVG
YQEKTKCIENIVHEKHRLDLDLCEAFGPSYKRLPKSDTFMPCSGRDDMCWEVLNDEWVGHPVWASEDSGFIAHRKNQYEE
TLFKIEEERHEYDFYIESNLRTIQCLETIVNKIENMTENEKANFKLPPGLGHTSMTIYKKVIRKVYDKERGFEIIDALHE
HPAVTAPVVLKRLKQKDEEWRRAQREWNKVWRELEQKVFFKSLDHLGLTFKQADKKLLTTKQLISEISSIKVDQTNKKIH
WLTPKPKSQLDFDFPDKNIFYDILCLADTFITHTTAYSNPDKERLKDLLKYFISLFFSISFEKIEESLYSHKQNVSESSG
SDDGSSIASRKRPYQQEMSLLDILHRSRYQKLKRSNDEDGKVPQLSEPPEEEPNTIEEEELIDEEAKNPWLTGNLVEEAN
SQGIIQNRSIFNLFANTNIYIFFRHWTTIYERLLEIKQMNERVTKEINTRSTVTFAKDLDLLSSQLSEMGLDFVGEDAYK
QVLRLSRRLINGDLEHQWFEESLRQAYNNKAFKLYTIDKVTQSLVKHAHTLMTDAKTAEIMALFVKDRNASTTSAKDQII
YRLQVRSHMSNTENMFRIEFDKRTLHVSIQYIALDDLTLKEPKADEDKWKYYVTSYALPHPTEGIPHEKLKIPFLERLIE
FGQDIDGTEVDEEFSPEGISVSTLKIKIQPITYQLHIENGSYDVFTRKATNKYPTIANDNTQKGMVSQKKELISKFLDCA
VGLRNNLDEAQKLSMQKKWENLKDSIAKTSAGNQGIESETEKGKITKQEQSDNLDSSTASVLPASITTVPQDDNIETTGN
TESSDKGAKIQ
;
B
10 'polypeptide(L)'
;MDTSKKDTTRSPSHSNSSSPSSSSLSSSSSKEKKRPKRLSSQNVNYDLKRRKIITSEGIERSFKNEHSNLAVEDNIPEEE
PKELLEKDSKGNIIKLNEPSTISEDSKVSVTGLPLNKGPSEKIKRESLWNYRKNLGGQSNNSEMTLVPSKRFTQVPKNFQ
DLNRNDLKTFLTENMTEESNIRSTIGWNGDIINRTRDREPESDRDNKKLSNIRTKIILSTNATYDSKSKLFGQNSIKSTS
NASEKIFRDKNNSTIDFENEDFCSACNQSGSFLCCDTCPKSFHFLCLDPPIDPNNLPKGDWHCNECKFKIFINNSMATLK
KIESNFIKQNNNVKIFAKLLFNIDSHNPKQFQLPNYIKETFPAVKTGSRGQYSDENDKIPLTDRQLFNTSYGQSITKLDS
YNPDTHIDSNSGKFLICYKCNQTRLGSWSHPENSRLIMTCDYCQTPWHLDCVPRASFKNLGSKWKCPLHSPTKVYKKIHH
CQEDNSVNYKVWKKQRLINKKNQLYYEPLQKIGYQNNGNIQIIPTTSHTDYDFNQDFKITQIDENSIKYDFFDKIYKSKM
VQKRKLFQFQESLIDKLVSNGSQNGNSEDNMVKDIASLIYFQVSNNDKSSNNKSASKSNNLRKLWDLKELTNVVVPNELD
SIQFNDFSSDEIKHLLYLKKIIESKPKEELLKFLNIENPENQSEMHHHHHHHHPQLAMWSHPQFEKGGGSGGGSGGGSWS
HPQFEKENLYFQS
;
E,G
#
loop_
_chem_comp.id
_chem_comp.type
_chem_comp.name
_chem_comp.formula
DA DNA linking 2'-DEOXYADENOSINE-5'-MONOPHOSPHATE 'C10 H14 N5 O6 P'
DC DNA linking 2'-DEOXYCYTIDINE-5'-MONOPHOSPHATE 'C9 H14 N3 O7 P'
DG DNA linking 2'-DEOXYGUANOSINE-5'-MONOPHOSPHATE 'C10 H14 N5 O7 P'
DT DNA linking THYMIDINE-5'-MONOPHOSPHATE 'C10 H15 N2 O8 P'
ZN non-polymer 'ZINC ION' 'Zn 2'
#
# COMPACT_ATOMS: atom_id res chain seq x y z
N GLY A 11 -86.34 12.58 3.68
CA GLY A 11 -86.38 13.75 4.53
C GLY A 11 -86.09 13.45 5.99
N GLY A 12 -86.13 14.48 6.82
CA GLY A 12 -85.87 14.32 8.24
C GLY A 12 -84.39 14.22 8.56
N ARG A 13 -84.11 14.00 9.83
CA ARG A 13 -82.74 13.89 10.32
C ARG A 13 -82.46 12.56 11.00
N CYS A 14 -83.39 12.07 11.82
CA CYS A 14 -83.23 10.81 12.55
C CYS A 14 -84.46 9.96 12.33
N LEU A 15 -84.28 8.81 11.68
CA LEU A 15 -85.41 7.89 11.43
C LEU A 15 -84.83 6.50 11.19
N ALA A 16 -85.01 5.61 12.16
CA ALA A 16 -84.52 4.24 12.05
C ALA A 16 -85.36 3.33 12.94
N PHE A 17 -85.38 2.04 12.58
CA PHE A 17 -86.11 1.07 13.37
C PHE A 17 -85.28 0.56 14.55
N HIS A 18 -83.96 0.45 14.37
CA HIS A 18 -83.04 0.08 15.43
C HIS A 18 -82.57 1.35 16.14
N GLY A 19 -81.52 1.23 16.95
CA GLY A 19 -80.91 2.37 17.58
C GLY A 19 -80.36 3.35 16.56
N PRO A 20 -80.99 4.52 16.46
CA PRO A 20 -80.68 5.44 15.36
C PRO A 20 -79.31 6.10 15.50
N LEU A 21 -78.76 6.47 14.35
CA LEU A 21 -77.48 7.17 14.23
C LEU A 21 -77.61 8.31 13.23
N MET A 22 -78.67 9.11 13.39
CA MET A 22 -79.00 10.24 12.52
C MET A 22 -79.17 9.77 11.06
N TYR A 23 -80.15 8.90 10.87
CA TYR A 23 -80.45 8.36 9.55
C TYR A 23 -81.41 9.30 8.81
N GLU A 24 -81.04 9.68 7.60
CA GLU A 24 -81.83 10.58 6.77
C GLU A 24 -82.36 9.81 5.57
N ALA A 25 -83.67 9.91 5.35
CA ALA A 25 -84.30 9.21 4.24
C ALA A 25 -84.34 10.08 2.98
N HIS A 80 -79.28 8.45 5.40
CA HIS A 80 -77.86 8.14 5.34
C HIS A 80 -77.19 8.42 6.68
N TYR A 81 -76.43 7.44 7.17
CA TYR A 81 -75.69 7.60 8.41
C TYR A 81 -74.54 8.58 8.21
N GLN A 82 -74.62 9.73 8.88
CA GLN A 82 -73.57 10.72 8.70
C GLN A 82 -72.29 10.30 9.41
N GLY A 83 -71.15 10.55 8.75
CA GLY A 83 -69.88 10.09 9.25
C GLY A 83 -69.54 8.65 8.93
N TRP A 84 -70.31 8.01 8.07
CA TRP A 84 -70.10 6.62 7.67
C TRP A 84 -70.07 6.53 6.16
N LYS A 85 -69.53 5.42 5.65
CA LYS A 85 -69.38 5.24 4.21
C LYS A 85 -70.74 5.05 3.55
N SER A 86 -70.80 5.35 2.25
CA SER A 86 -72.06 5.38 1.51
C SER A 86 -72.66 3.98 1.37
N SER A 87 -71.84 2.97 1.16
CA SER A 87 -72.35 1.62 0.92
C SER A 87 -72.51 0.82 2.22
N TRP A 88 -73.14 1.45 3.22
CA TRP A 88 -73.53 0.78 4.46
C TRP A 88 -75.00 0.98 4.78
N ASP A 89 -75.77 1.59 3.89
CA ASP A 89 -77.12 2.02 4.20
C ASP A 89 -78.13 0.91 3.95
N GLU A 90 -79.33 1.09 4.53
CA GLU A 90 -80.45 0.19 4.34
C GLU A 90 -81.70 1.02 4.11
N TRP A 91 -82.55 0.57 3.19
CA TRP A 91 -83.75 1.30 2.80
C TRP A 91 -85.00 0.44 2.89
N VAL A 92 -85.16 -0.26 4.01
CA VAL A 92 -86.37 -1.05 4.23
C VAL A 92 -87.35 -0.26 5.09
N GLY A 93 -88.62 -0.64 5.02
CA GLY A 93 -89.66 0.05 5.75
C GLY A 93 -90.13 -0.69 7.00
N TYR A 94 -89.85 -0.12 8.17
CA TYR A 94 -90.26 -0.72 9.43
C TYR A 94 -90.78 0.40 10.33
N ASP A 95 -91.01 0.07 11.60
CA ASP A 95 -91.48 1.05 12.58
C ASP A 95 -90.31 1.90 13.03
N ARG A 96 -90.33 3.18 12.65
CA ARG A 96 -89.23 4.10 12.94
C ARG A 96 -89.68 5.14 13.94
N ILE A 97 -88.86 5.37 14.96
CA ILE A 97 -89.12 6.38 15.98
C ILE A 97 -87.89 7.26 16.11
N ARG A 98 -88.01 8.32 16.92
CA ARG A 98 -86.92 9.25 17.14
C ARG A 98 -86.36 9.15 18.56
N ALA A 99 -87.21 9.34 19.57
CA ALA A 99 -86.84 9.26 20.99
C ALA A 99 -85.66 10.18 21.32
N TYR A 100 -85.66 11.37 20.72
CA TYR A 100 -84.59 12.36 20.83
C TYR A 100 -83.23 11.75 20.45
N ASN A 101 -83.23 11.00 19.34
CA ASN A 101 -82.07 10.27 18.83
C ASN A 101 -81.51 9.32 19.90
N GLU A 102 -82.35 8.34 20.26
CA GLU A 102 -82.14 7.35 21.33
C GLU A 102 -81.49 7.97 22.58
N GLU A 103 -82.07 9.10 23.00
CA GLU A 103 -81.65 9.86 24.18
C GLU A 103 -80.16 10.22 24.11
N ASN A 104 -79.80 10.93 23.03
CA ASN A 104 -78.45 11.40 22.76
C ASN A 104 -77.45 10.24 22.73
N ILE A 105 -77.64 9.36 21.73
CA ILE A 105 -76.96 8.08 21.50
C ILE A 105 -76.60 7.36 22.79
N ALA A 106 -77.58 7.22 23.69
CA ALA A 106 -77.45 6.52 24.98
C ALA A 106 -76.33 7.13 25.83
N MET A 107 -76.52 8.40 26.16
CA MET A 107 -75.58 9.18 26.99
C MET A 107 -74.18 9.19 26.39
N LYS A 108 -74.12 9.31 25.05
CA LYS A 108 -72.90 9.17 24.25
C LYS A 108 -72.19 7.86 24.56
N LYS A 109 -72.90 6.75 24.30
CA LYS A 109 -72.43 5.39 24.55
C LYS A 109 -72.04 5.19 26.02
N ARG A 110 -72.95 5.59 26.92
CA ARG A 110 -72.77 5.51 28.37
C ARG A 110 -71.51 6.25 28.82
N LEU A 111 -71.27 7.42 28.22
CA LEU A 111 -70.14 8.30 28.52
C LEU A 111 -68.80 7.57 28.35
N ALA A 112 -68.57 7.12 27.12
CA ALA A 112 -67.34 6.43 26.71
C ALA A 112 -67.08 5.18 27.55
N ASN A 113 -68.01 4.24 27.47
CA ASN A 113 -67.89 2.98 28.18
C ASN A 113 -67.73 1.81 27.20
N ILE A 220 -22.63 -7.42 31.71
CA ILE A 220 -22.10 -8.73 31.35
C ILE A 220 -20.60 -8.64 31.10
N SER A 221 -19.81 -9.06 32.09
CA SER A 221 -18.36 -9.04 32.00
C SER A 221 -17.81 -10.40 32.41
N LEU A 222 -16.82 -10.87 31.67
CA LEU A 222 -16.16 -12.15 31.94
C LEU A 222 -14.65 -11.92 31.98
N GLN A 223 -13.99 -12.57 32.94
CA GLN A 223 -12.55 -12.43 33.12
C GLN A 223 -11.87 -13.73 32.73
N ILE A 224 -10.68 -13.61 32.15
CA ILE A 224 -9.85 -14.75 31.77
C ILE A 224 -8.44 -14.50 32.29
N PRO A 225 -7.81 -15.48 32.94
CA PRO A 225 -6.44 -15.27 33.44
C PRO A 225 -5.45 -15.03 32.31
N ILE A 226 -4.38 -14.31 32.64
CA ILE A 226 -3.47 -13.77 31.63
C ILE A 226 -2.64 -14.85 30.95
N LYS A 227 -2.37 -15.97 31.63
CA LYS A 227 -1.75 -17.11 30.96
C LYS A 227 -2.66 -17.69 29.90
N LEU A 228 -3.95 -17.76 30.21
CA LEU A 228 -4.90 -18.31 29.24
C LEU A 228 -5.08 -17.37 28.06
N LYS A 229 -5.12 -16.06 28.32
CA LYS A 229 -5.14 -15.09 27.24
C LYS A 229 -3.87 -15.17 26.39
N SER A 230 -2.74 -15.48 27.04
CA SER A 230 -1.51 -15.73 26.29
C SER A 230 -1.65 -16.96 25.41
N VAL A 231 -2.36 -17.98 25.90
CA VAL A 231 -2.62 -19.18 25.08
C VAL A 231 -3.44 -18.84 23.84
N LEU A 232 -4.50 -18.04 24.00
CA LEU A 232 -5.26 -17.62 22.81
C LEU A 232 -4.44 -16.75 21.86
N VAL A 233 -3.64 -15.82 22.38
CA VAL A 233 -2.92 -14.95 21.44
C VAL A 233 -1.78 -15.69 20.75
N ASP A 234 -1.15 -16.67 21.40
CA ASP A 234 -0.14 -17.42 20.66
C ASP A 234 -0.77 -18.47 19.75
N ASP A 235 -2.01 -18.89 20.05
CA ASP A 235 -2.80 -19.63 19.08
C ASP A 235 -2.99 -18.79 17.82
N TRP A 236 -3.38 -17.53 18.00
CA TRP A 236 -3.57 -16.64 16.86
C TRP A 236 -2.28 -16.42 16.09
N GLU A 237 -1.15 -16.27 16.82
CA GLU A 237 0.15 -16.12 16.17
C GLU A 237 0.51 -17.35 15.35
N TYR A 238 0.31 -18.55 15.93
CA TYR A 238 0.64 -19.77 15.22
C TYR A 238 -0.26 -20.00 14.02
N VAL A 239 -1.53 -19.58 14.10
CA VAL A 239 -2.45 -19.78 12.98
C VAL A 239 -2.14 -18.81 11.85
N THR A 240 -2.06 -17.51 12.15
CA THR A 240 -1.98 -16.52 11.08
C THR A 240 -0.55 -16.15 10.71
N LYS A 241 0.34 -15.98 11.69
CA LYS A 241 1.70 -15.54 11.40
C LYS A 241 2.66 -16.70 11.23
N ASP A 242 2.75 -17.59 12.22
CA ASP A 242 3.71 -18.69 12.19
C ASP A 242 3.24 -19.85 11.31
N LYS A 243 1.98 -19.84 10.86
CA LYS A 243 1.42 -20.82 9.94
C LYS A 243 1.48 -22.24 10.51
N LYS A 244 0.81 -22.42 11.65
CA LYS A 244 0.73 -23.73 12.31
C LYS A 244 -0.73 -24.01 12.63
N ILE A 245 -1.19 -25.19 12.26
CA ILE A 245 -2.56 -25.62 12.52
C ILE A 245 -2.54 -26.79 13.50
N CYS A 246 -3.69 -27.03 14.14
CA CYS A 246 -3.75 -27.96 15.25
C CYS A 246 -3.62 -29.41 14.78
N ARG A 247 -2.97 -30.23 15.62
CA ARG A 247 -2.74 -31.63 15.32
C ARG A 247 -4.02 -32.42 15.59
N LEU A 248 -4.62 -32.96 14.53
CA LEU A 248 -5.86 -33.71 14.69
C LEU A 248 -5.73 -35.00 15.50
N PRO A 249 -4.69 -35.88 15.33
CA PRO A 249 -4.66 -37.09 16.17
C PRO A 249 -3.98 -36.86 17.53
N ALA A 250 -4.49 -35.88 18.28
CA ALA A 250 -3.94 -35.57 19.58
C ALA A 250 -4.29 -36.65 20.58
N ASP A 251 -3.41 -36.82 21.58
CA ASP A 251 -3.64 -37.83 22.61
C ASP A 251 -4.74 -37.44 23.59
N VAL A 252 -5.13 -36.16 23.62
CA VAL A 252 -6.15 -35.67 24.53
C VAL A 252 -7.26 -35.04 23.71
N THR A 253 -8.48 -35.51 23.92
CA THR A 253 -9.68 -34.95 23.29
C THR A 253 -10.52 -34.25 24.34
N VAL A 254 -11.45 -33.41 23.88
CA VAL A 254 -12.22 -32.56 24.78
C VAL A 254 -13.14 -33.38 25.67
N GLU A 255 -13.59 -34.56 25.21
CA GLU A 255 -14.38 -35.43 26.07
C GLU A 255 -13.56 -35.89 27.27
N MET A 256 -12.29 -36.21 27.06
CA MET A 256 -11.42 -36.56 28.19
C MET A 256 -11.23 -35.38 29.13
N VAL A 257 -11.14 -34.17 28.58
CA VAL A 257 -10.99 -32.97 29.43
C VAL A 257 -12.23 -32.79 30.31
N LEU A 258 -13.42 -32.91 29.71
CA LEU A 258 -14.64 -32.72 30.49
C LEU A 258 -14.87 -33.85 31.49
N ASN A 259 -14.51 -35.08 31.13
CA ASN A 259 -14.64 -36.19 32.07
C ASN A 259 -13.68 -36.03 33.24
N LYS A 260 -12.44 -35.61 32.97
CA LYS A 260 -11.48 -35.37 34.05
C LYS A 260 -11.95 -34.22 34.93
N TYR A 261 -12.50 -33.16 34.32
CA TYR A 261 -13.15 -32.09 35.07
C TYR A 261 -14.23 -32.61 36.00
N GLU A 262 -15.16 -33.41 35.47
CA GLU A 262 -16.33 -33.81 36.24
C GLU A 262 -15.95 -34.75 37.37
N HIS A 263 -15.13 -35.77 37.10
CA HIS A 263 -14.71 -36.68 38.15
C HIS A 263 -13.82 -35.98 39.18
N GLU A 264 -12.92 -35.09 38.74
CA GLU A 264 -12.04 -34.41 39.70
C GLU A 264 -12.81 -33.48 40.62
N VAL A 265 -13.75 -32.69 40.09
CA VAL A 265 -14.51 -31.81 40.97
C VAL A 265 -15.61 -32.54 41.71
N SER A 266 -15.99 -33.75 41.29
CA SER A 266 -16.91 -34.55 42.08
C SER A 266 -16.20 -35.20 43.26
N GLN A 267 -14.97 -35.67 43.06
CA GLN A 267 -14.22 -36.32 44.13
C GLN A 267 -13.46 -35.32 44.99
N GLU A 268 -13.36 -34.06 44.59
CA GLU A 268 -12.65 -33.08 45.41
C GLU A 268 -13.55 -32.53 46.51
N LEU A 269 -14.76 -32.10 46.15
CA LEU A 269 -15.68 -31.52 47.11
C LEU A 269 -16.66 -32.58 47.63
N GLU A 270 -17.62 -32.13 48.43
CA GLU A 270 -18.65 -33.01 48.98
C GLU A 270 -19.75 -33.21 47.93
N SER A 271 -20.88 -33.78 48.36
CA SER A 271 -22.01 -34.04 47.46
C SER A 271 -23.26 -33.41 48.04
N PRO A 272 -23.44 -32.10 47.87
CA PRO A 272 -24.68 -31.43 48.33
C PRO A 272 -25.76 -31.31 47.26
N GLY A 273 -25.59 -31.95 46.11
CA GLY A 273 -26.52 -31.80 45.00
C GLY A 273 -25.96 -31.06 43.80
N SER A 274 -24.66 -30.73 43.80
CA SER A 274 -24.06 -30.02 42.68
C SER A 274 -23.79 -30.91 41.47
N GLN A 275 -23.85 -32.23 41.65
CA GLN A 275 -23.56 -33.15 40.55
C GLN A 275 -24.60 -33.08 39.45
N SER A 276 -25.85 -32.76 39.80
CA SER A 276 -26.92 -32.69 38.81
C SER A 276 -26.66 -31.60 37.78
N GLN A 277 -26.55 -30.34 38.24
CA GLN A 277 -26.27 -29.27 37.31
C GLN A 277 -24.83 -29.31 36.80
N LEU A 278 -23.93 -30.00 37.51
CA LEU A 278 -22.58 -30.24 36.98
C LEU A 278 -22.64 -31.06 35.70
N SER A 279 -23.31 -32.21 35.75
CA SER A 279 -23.46 -33.05 34.56
C SER A 279 -24.33 -32.36 33.51
N GLU A 280 -25.29 -31.55 33.95
CA GLU A 280 -26.12 -30.80 33.01
C GLU A 280 -25.28 -29.80 32.22
N TYR A 281 -24.39 -29.07 32.91
CA TYR A 281 -23.49 -28.14 32.24
C TYR A 281 -22.50 -28.88 31.35
N CYS A 282 -22.03 -30.06 31.78
CA CYS A 282 -21.12 -30.84 30.96
C CYS A 282 -21.77 -31.27 29.65
N ALA A 283 -23.01 -31.79 29.72
CA ALA A 283 -23.71 -32.21 28.51
C ALA A 283 -24.06 -31.02 27.62
N GLY A 284 -24.48 -29.90 28.22
CA GLY A 284 -24.79 -28.72 27.45
C GLY A 284 -23.58 -28.16 26.73
N LEU A 285 -22.44 -28.13 27.41
CA LEU A 285 -21.20 -27.70 26.78
C LEU A 285 -20.73 -28.69 25.72
N LYS A 286 -20.98 -29.98 25.91
CA LYS A 286 -20.65 -30.98 24.90
C LYS A 286 -21.42 -30.72 23.61
N LEU A 287 -22.74 -30.55 23.71
CA LEU A 287 -23.51 -30.35 22.48
C LEU A 287 -23.32 -28.94 21.92
N TYR A 288 -23.01 -27.94 22.76
CA TYR A 288 -22.64 -26.62 22.27
C TYR A 288 -21.35 -26.68 21.47
N PHE A 289 -20.37 -27.47 21.93
CA PHE A 289 -19.12 -27.61 21.20
C PHE A 289 -19.34 -28.43 19.93
N ASP A 290 -20.31 -29.35 19.95
CA ASP A 290 -20.69 -30.08 18.75
C ASP A 290 -21.30 -29.14 17.69
N LYS A 291 -22.19 -28.25 18.11
CA LYS A 291 -22.93 -27.40 17.18
C LYS A 291 -22.31 -26.03 16.95
N CYS A 292 -21.16 -25.73 17.57
CA CYS A 292 -20.53 -24.44 17.41
C CYS A 292 -19.07 -24.54 16.96
N LEU A 293 -18.65 -25.69 16.45
CA LEU A 293 -17.26 -25.87 16.03
C LEU A 293 -16.93 -25.01 14.81
N GLY A 294 -17.80 -25.01 13.81
CA GLY A 294 -17.57 -24.31 12.57
C GLY A 294 -18.43 -23.09 12.31
N ASN A 295 -19.03 -22.50 13.34
CA ASN A 295 -19.96 -21.39 13.15
C ASN A 295 -19.48 -20.11 13.83
N MET A 296 -18.77 -20.21 14.96
CA MET A 296 -17.98 -19.09 15.47
C MET A 296 -16.47 -19.31 15.41
N LEU A 297 -16.00 -20.54 15.60
CA LEU A 297 -14.58 -20.85 15.68
C LEU A 297 -14.04 -21.14 14.27
N LEU A 298 -12.87 -21.79 14.18
CA LEU A 298 -12.36 -22.37 12.95
C LEU A 298 -12.05 -21.35 11.84
N TYR A 299 -10.92 -20.65 11.98
CA TYR A 299 -10.34 -19.81 10.94
C TYR A 299 -10.32 -20.49 9.57
N ARG A 300 -10.26 -19.68 8.51
CA ARG A 300 -10.30 -20.16 7.13
C ARG A 300 -9.17 -21.14 6.82
N LEU A 301 -8.07 -21.10 7.56
CA LEU A 301 -6.96 -22.02 7.32
C LEU A 301 -7.34 -23.47 7.63
N GLU A 302 -8.11 -23.68 8.70
CA GLU A 302 -8.48 -25.03 9.13
C GLU A 302 -9.87 -25.45 8.64
N ARG A 303 -10.51 -24.64 7.79
CA ARG A 303 -11.79 -25.03 7.24
C ARG A 303 -11.65 -26.25 6.33
N LEU A 304 -10.58 -26.31 5.53
CA LEU A 304 -10.38 -27.48 4.69
C LEU A 304 -9.88 -28.67 5.50
N GLN A 305 -9.25 -28.42 6.66
CA GLN A 305 -9.01 -29.49 7.62
C GLN A 305 -10.33 -30.13 8.06
N TYR A 306 -11.29 -29.27 8.44
CA TYR A 306 -12.61 -29.78 8.82
C TYR A 306 -13.29 -30.48 7.65
N ASP A 307 -13.11 -29.95 6.44
CA ASP A 307 -13.67 -30.57 5.24
C ASP A 307 -13.10 -31.96 5.01
N GLU A 308 -11.79 -32.13 5.20
CA GLU A 308 -11.21 -33.45 4.97
C GLU A 308 -11.56 -34.42 6.10
N LEU A 309 -11.76 -33.92 7.33
CA LEU A 309 -12.35 -34.76 8.36
C LEU A 309 -13.74 -35.26 7.96
N LEU A 310 -14.59 -34.36 7.45
CA LEU A 310 -15.94 -34.78 7.08
C LEU A 310 -15.94 -35.75 5.90
N LYS A 311 -15.09 -35.54 4.90
CA LYS A 311 -15.12 -36.49 3.79
C LYS A 311 -14.44 -37.81 4.14
N LYS A 312 -13.39 -37.79 4.99
CA LYS A 312 -12.79 -39.04 5.42
C LYS A 312 -13.69 -39.82 6.37
N SER A 313 -14.65 -39.15 7.01
CA SER A 313 -15.66 -39.87 7.78
C SER A 313 -16.85 -40.29 6.93
N SER A 314 -17.17 -39.53 5.89
CA SER A 314 -18.26 -39.92 4.99
C SER A 314 -17.87 -41.12 4.15
N LYS A 315 -16.59 -41.25 3.79
CA LYS A 315 -16.14 -42.46 3.11
C LYS A 315 -16.15 -43.68 4.04
N ASP A 316 -16.16 -43.46 5.35
CA ASP A 316 -16.21 -44.54 6.33
C ASP A 316 -17.61 -44.85 6.82
N GLN A 317 -18.63 -44.16 6.27
CA GLN A 317 -20.03 -44.33 6.66
C GLN A 317 -20.25 -44.10 8.16
N LYS A 318 -19.59 -43.08 8.71
CA LYS A 318 -19.67 -42.78 10.13
C LYS A 318 -19.95 -41.30 10.32
N PRO A 319 -20.95 -40.94 11.13
CA PRO A 319 -21.17 -39.51 11.42
C PRO A 319 -20.06 -38.97 12.31
N LEU A 320 -19.40 -37.92 11.85
CA LEU A 320 -18.21 -37.39 12.51
C LEU A 320 -18.65 -36.39 13.58
N VAL A 321 -18.09 -36.55 14.77
CA VAL A 321 -18.32 -35.58 15.85
C VAL A 321 -17.00 -34.89 16.17
N PRO A 322 -17.02 -33.56 16.40
CA PRO A 322 -15.80 -32.87 16.81
C PRO A 322 -15.32 -33.25 18.21
N ILE A 323 -16.17 -33.86 19.04
CA ILE A 323 -15.82 -34.07 20.44
C ILE A 323 -14.70 -35.08 20.58
N ARG A 324 -14.72 -36.13 19.76
CA ARG A 324 -13.75 -37.22 19.91
C ARG A 324 -12.36 -36.89 19.38
N ILE A 325 -12.20 -35.87 18.53
CA ILE A 325 -10.93 -35.63 17.86
C ILE A 325 -10.34 -34.26 18.13
N TYR A 326 -11.09 -33.28 18.62
CA TYR A 326 -10.58 -31.92 18.69
C TYR A 326 -9.95 -31.65 20.05
N GLY A 327 -9.08 -30.62 20.07
CA GLY A 327 -8.39 -30.24 21.29
C GLY A 327 -9.12 -29.16 22.07
N ALA A 328 -8.68 -28.97 23.32
CA ALA A 328 -9.31 -28.03 24.24
C ALA A 328 -9.01 -26.57 23.92
N ILE A 329 -8.09 -26.30 22.98
CA ILE A 329 -7.78 -24.93 22.61
C ILE A 329 -8.98 -24.27 21.91
N HIS A 330 -9.71 -25.04 21.11
CA HIS A 330 -10.93 -24.51 20.51
C HIS A 330 -12.03 -24.32 21.54
N LEU A 331 -12.05 -25.15 22.59
CA LEU A 331 -12.95 -24.89 23.71
C LEU A 331 -12.57 -23.59 24.41
N LEU A 332 -11.28 -23.31 24.50
CA LEU A 332 -10.83 -22.04 25.07
C LEU A 332 -11.25 -20.87 24.20
N ARG A 333 -11.21 -21.06 22.88
CA ARG A 333 -11.72 -20.05 21.95
C ARG A 333 -13.21 -19.79 22.16
N LEU A 334 -13.98 -20.86 22.33
CA LEU A 334 -15.41 -20.73 22.60
C LEU A 334 -15.65 -20.01 23.93
N ILE A 335 -14.85 -20.30 24.94
CA ILE A 335 -14.95 -19.61 26.23
C ILE A 335 -14.63 -18.13 26.06
N SER A 336 -13.64 -17.81 25.22
CA SER A 336 -13.26 -16.43 24.98
C SER A 336 -14.39 -15.65 24.29
N VAL A 337 -15.07 -16.27 23.32
CA VAL A 337 -16.17 -15.58 22.64
C VAL A 337 -17.53 -15.81 23.31
N LEU A 338 -17.56 -16.50 24.45
CA LEU A 338 -18.79 -16.64 25.22
C LEU A 338 -19.48 -15.32 25.61
N PRO A 339 -18.78 -14.23 26.03
CA PRO A 339 -19.50 -12.98 26.30
C PRO A 339 -20.25 -12.42 25.09
N GLU A 340 -19.68 -12.55 23.89
CA GLU A 340 -20.36 -12.06 22.69
C GLU A 340 -21.64 -12.83 22.41
N LEU A 341 -21.60 -14.16 22.57
CA LEU A 341 -22.80 -14.97 22.36
C LEU A 341 -23.82 -14.74 23.46
N ILE A 342 -23.36 -14.51 24.69
CA ILE A 342 -24.27 -14.31 25.81
C ILE A 342 -24.98 -12.96 25.68
N SER A 343 -24.24 -11.91 25.31
CA SER A 343 -24.84 -10.59 25.17
C SER A 343 -25.75 -10.49 23.94
N SER A 344 -25.61 -11.40 22.98
CA SER A 344 -26.44 -11.39 21.78
C SER A 344 -27.70 -12.23 21.93
N THR A 345 -27.94 -12.81 23.11
CA THR A 345 -29.11 -13.64 23.35
C THR A 345 -29.86 -13.14 24.58
N THR A 346 -31.16 -13.39 24.60
CA THR A 346 -32.01 -13.05 25.75
C THR A 346 -31.99 -14.23 26.71
N MET A 347 -31.42 -14.03 27.90
CA MET A 347 -31.23 -15.10 28.85
C MET A 347 -31.60 -14.62 30.25
N ASP A 348 -31.87 -15.57 31.13
CA ASP A 348 -32.16 -15.26 32.52
C ASP A 348 -30.89 -14.87 33.26
N LEU A 349 -31.06 -14.08 34.32
CA LEU A 349 -29.92 -13.57 35.07
C LEU A 349 -29.25 -14.67 35.88
N GLN A 350 -30.04 -15.49 36.57
CA GLN A 350 -29.49 -16.53 37.45
C GLN A 350 -28.76 -17.59 36.64
N SER A 351 -29.31 -17.98 35.49
CA SER A 351 -28.64 -18.95 34.62
C SER A 351 -27.32 -18.38 34.09
N CYS A 352 -27.31 -17.09 33.76
CA CYS A 352 -26.08 -16.46 33.28
C CYS A 352 -25.01 -16.44 34.36
N GLN A 353 -25.37 -16.10 35.59
CA GLN A 353 -24.38 -16.10 36.68
C GLN A 353 -23.93 -17.51 37.01
N LEU A 354 -24.83 -18.51 36.92
CA LEU A 354 -24.42 -19.89 37.14
C LEU A 354 -23.43 -20.35 36.07
N LEU A 355 -23.69 -19.98 34.81
CA LEU A 355 -22.76 -20.31 33.73
C LEU A 355 -21.42 -19.62 33.92
N ILE A 356 -21.44 -18.37 34.39
CA ILE A 356 -20.19 -17.65 34.65
C ILE A 356 -19.40 -18.33 35.78
N LYS A 357 -20.09 -18.73 36.85
CA LYS A 357 -19.42 -19.40 37.96
C LYS A 357 -18.81 -20.72 37.52
N GLN A 358 -19.54 -21.51 36.73
CA GLN A 358 -18.98 -22.75 36.21
C GLN A 358 -17.83 -22.52 35.24
N THR A 359 -17.90 -21.44 34.45
CA THR A 359 -16.80 -21.09 33.55
C THR A 359 -15.54 -20.75 34.34
N GLU A 360 -15.67 -19.94 35.38
CA GLU A 360 -14.52 -19.61 36.22
C GLU A 360 -13.98 -20.83 36.96
N ASP A 361 -14.86 -21.74 37.36
CA ASP A 361 -14.40 -22.97 37.99
C ASP A 361 -13.60 -23.84 37.02
N PHE A 362 -14.06 -23.92 35.77
CA PHE A 362 -13.28 -24.61 34.74
C PHE A 362 -11.96 -23.90 34.46
N LEU A 363 -11.95 -22.56 34.56
CA LEU A 363 -10.71 -21.81 34.30
C LEU A 363 -9.68 -22.05 35.40
N VAL A 364 -10.10 -22.11 36.67
CA VAL A 364 -9.10 -22.40 37.71
C VAL A 364 -8.69 -23.87 37.68
N TRP A 365 -9.58 -24.77 37.24
CA TRP A 365 -9.18 -26.16 37.01
C TRP A 365 -8.13 -26.25 35.91
N LEU A 366 -8.30 -25.48 34.84
CA LEU A 366 -7.27 -25.39 33.81
C LEU A 366 -6.01 -24.70 34.34
N LEU A 367 -6.16 -23.82 35.32
CA LEU A 367 -5.00 -23.16 35.94
C LEU A 367 -4.12 -24.18 36.66
N MET A 368 -4.72 -25.04 37.48
CA MET A 368 -3.87 -25.91 38.29
C MET A 368 -3.30 -27.06 37.45
N HIS A 369 -4.00 -27.46 36.39
CA HIS A 369 -3.50 -28.45 35.44
C HIS A 369 -2.90 -27.80 34.19
N VAL A 370 -2.26 -26.63 34.33
CA VAL A 370 -1.79 -25.92 33.14
C VAL A 370 -0.49 -26.53 32.61
N ASP A 371 0.26 -27.24 33.46
CA ASP A 371 1.56 -27.77 33.03
C ASP A 371 1.40 -28.99 32.13
N GLU A 372 0.51 -29.91 32.47
CA GLU A 372 0.39 -31.18 31.78
C GLU A 372 -0.62 -31.18 30.65
N TYR A 373 -1.28 -30.05 30.38
CA TYR A 373 -2.31 -29.98 29.36
C TYR A 373 -1.86 -29.23 28.12
N PHE A 374 -1.35 -28.01 28.27
CA PHE A 374 -0.83 -27.21 27.17
C PHE A 374 0.68 -27.18 27.29
N ASN A 375 1.34 -28.18 26.73
CA ASN A 375 2.79 -28.31 26.80
C ASN A 375 3.36 -27.55 25.60
N ASP A 376 4.20 -26.57 25.87
CA ASP A 376 4.82 -25.77 24.81
C ASP A 376 5.91 -26.60 24.15
N LYS A 377 5.65 -27.01 22.90
CA LYS A 377 6.61 -27.78 22.13
C LYS A 377 6.64 -27.28 20.70
N ASP A 378 7.81 -27.38 20.08
CA ASP A 378 7.98 -26.98 18.68
C ASP A 378 7.77 -28.18 17.79
N PRO A 379 6.81 -28.14 16.86
CA PRO A 379 6.59 -29.29 15.96
C PRO A 379 7.64 -29.42 14.85
N ASN A 380 8.63 -28.53 14.80
CA ASN A 380 9.66 -28.64 13.78
C ASN A 380 10.63 -29.78 14.04
N ARG A 381 10.66 -30.33 15.25
CA ARG A 381 11.57 -31.40 15.59
C ARG A 381 10.94 -32.51 16.43
N SER A 382 9.64 -32.45 16.72
CA SER A 382 8.97 -33.46 17.53
C SER A 382 7.75 -33.97 16.80
N ASP A 383 7.43 -35.25 17.03
CA ASP A 383 6.28 -35.86 16.37
C ASP A 383 4.97 -35.33 16.93
N ASP A 384 4.87 -35.21 18.25
CA ASP A 384 3.64 -34.77 18.91
C ASP A 384 3.90 -33.43 19.60
N ALA A 385 3.26 -32.38 19.09
CA ALA A 385 3.36 -31.06 19.71
C ALA A 385 2.03 -30.32 19.71
N LEU A 386 0.91 -31.05 19.61
CA LEU A 386 -0.47 -30.52 19.49
C LEU A 386 -0.57 -29.42 18.44
N TYR A 387 0.23 -29.51 17.38
CA TYR A 387 0.31 -28.53 16.31
C TYR A 387 1.09 -29.15 15.16
N VAL A 388 0.65 -28.90 13.94
CA VAL A 388 1.39 -29.28 12.74
C VAL A 388 1.52 -28.05 11.86
N ASN A 389 2.42 -28.12 10.88
CA ASN A 389 2.83 -26.96 10.10
C ASN A 389 2.16 -26.96 8.73
N THR A 390 1.92 -25.76 8.22
CA THR A 390 1.27 -25.58 6.93
C THR A 390 2.22 -25.91 5.78
N SER A 391 1.69 -26.55 4.74
CA SER A 391 2.46 -26.85 3.54
C SER A 391 2.15 -25.83 2.44
N SER A 392 2.84 -25.98 1.31
CA SER A 392 2.69 -25.02 0.21
C SER A 392 1.34 -25.18 -0.48
N GLN A 393 0.95 -26.43 -0.78
CA GLN A 393 -0.37 -26.65 -1.37
C GLN A 393 -1.48 -26.30 -0.39
N TYR A 394 -1.22 -26.49 0.91
CA TYR A 394 -2.16 -26.07 1.95
C TYR A 394 -2.38 -24.57 1.90
N GLU A 395 -1.30 -23.79 1.79
CA GLU A 395 -1.42 -22.35 1.64
C GLU A 395 -2.14 -21.96 0.35
N GLY A 396 -1.79 -22.64 -0.75
CA GLY A 396 -2.38 -22.29 -2.04
C GLY A 396 -3.87 -22.56 -2.09
N VAL A 397 -4.33 -23.62 -1.43
CA VAL A 397 -5.77 -23.91 -1.45
C VAL A 397 -6.49 -23.16 -0.33
N ALA A 398 -5.78 -22.74 0.72
CA ALA A 398 -6.45 -22.04 1.82
C ALA A 398 -6.58 -20.55 1.52
N LEU A 399 -5.46 -19.85 1.34
CA LEU A 399 -5.48 -18.41 1.18
C LEU A 399 -5.43 -17.98 -0.28
N GLY A 400 -5.50 -18.92 -1.21
CA GLY A 400 -5.50 -18.59 -2.63
C GLY A 400 -6.80 -17.98 -3.11
N GLY B 11 16.71 7.60 28.02
CA GLY B 11 16.02 6.35 28.29
C GLY B 11 14.89 6.49 29.28
N GLY B 12 14.04 5.48 29.35
CA GLY B 12 12.92 5.49 30.26
C GLY B 12 11.76 6.33 29.76
N ARG B 13 10.76 6.49 30.63
CA ARG B 13 9.57 7.26 30.30
C ARG B 13 9.27 8.33 31.35
N CYS B 14 9.72 8.16 32.59
CA CYS B 14 9.51 9.16 33.64
C CYS B 14 10.85 9.42 34.31
N LEU B 15 11.50 10.53 33.93
CA LEU B 15 12.77 10.92 34.56
C LEU B 15 12.88 12.43 34.46
N ALA B 16 12.53 13.11 35.56
CA ALA B 16 12.59 14.56 35.61
C ALA B 16 12.90 15.01 37.04
N PHE B 17 13.71 16.05 37.17
CA PHE B 17 14.04 16.58 38.50
C PHE B 17 12.84 17.29 39.12
N HIS B 18 12.02 17.94 38.31
CA HIS B 18 10.80 18.58 38.78
C HIS B 18 9.64 17.58 38.68
N GLY B 19 8.41 18.08 38.79
CA GLY B 19 7.23 17.26 38.60
C GLY B 19 7.19 16.64 37.22
N PRO B 20 6.97 15.33 37.16
CA PRO B 20 7.06 14.63 35.86
C PRO B 20 5.92 15.02 34.93
N LEU B 21 6.29 15.19 33.66
CA LEU B 21 5.33 15.51 32.59
C LEU B 21 5.64 14.64 31.37
N MET B 22 5.84 13.34 31.62
CA MET B 22 6.21 12.35 30.60
C MET B 22 7.50 12.75 29.88
N TYR B 23 8.48 13.18 30.67
CA TYR B 23 9.77 13.57 30.11
C TYR B 23 10.57 12.35 29.68
N GLU B 24 11.09 12.38 28.46
CA GLU B 24 11.86 11.27 27.92
C GLU B 24 13.36 11.56 27.91
N HIS B 80 12.86 21.07 30.59
CA HIS B 80 11.84 21.81 29.87
C HIS B 80 10.44 21.45 30.36
N TYR B 81 9.58 22.46 30.51
CA TYR B 81 8.22 22.25 30.98
C TYR B 81 7.36 21.81 29.81
N GLN B 82 6.91 20.56 29.84
CA GLN B 82 6.07 20.03 28.77
C GLN B 82 4.68 20.65 28.82
N GLY B 83 4.08 20.80 27.64
CA GLY B 83 2.74 21.38 27.55
C GLY B 83 2.69 22.88 27.73
N TRP B 84 3.81 23.57 27.58
CA TRP B 84 3.86 25.01 27.75
C TRP B 84 4.65 25.62 26.59
N LYS B 85 4.60 26.95 26.49
CA LYS B 85 5.28 27.66 25.42
C LYS B 85 6.79 27.64 25.64
N SER B 86 7.52 28.02 24.59
CA SER B 86 8.98 27.97 24.63
C SER B 86 9.58 29.05 25.53
N SER B 87 8.82 30.09 25.85
CA SER B 87 9.31 31.17 26.71
C SER B 87 9.02 30.90 28.19
N TRP B 88 9.39 29.71 28.66
CA TRP B 88 9.27 29.36 30.06
C TRP B 88 10.42 28.49 30.56
N ASP B 89 11.41 28.21 29.71
CA ASP B 89 12.48 27.29 30.07
C ASP B 89 13.46 27.94 31.04
N GLU B 90 14.07 27.12 31.88
CA GLU B 90 15.05 27.57 32.84
C GLU B 90 15.95 26.40 33.22
N TRP B 91 17.26 26.67 33.29
CA TRP B 91 18.26 25.65 33.59
C TRP B 91 19.12 26.08 34.76
N VAL B 92 18.49 26.55 35.83
CA VAL B 92 19.20 26.96 37.02
C VAL B 92 19.59 25.73 37.84
N GLY B 93 20.70 25.85 38.57
CA GLY B 93 21.18 24.74 39.38
C GLY B 93 20.86 24.89 40.85
N TYR B 94 19.87 24.14 41.32
CA TYR B 94 19.45 24.19 42.72
C TYR B 94 19.13 22.75 43.17
N ASP B 95 18.50 22.64 44.33
CA ASP B 95 18.09 21.33 44.82
C ASP B 95 16.97 20.75 43.97
N ARG B 96 16.98 19.44 43.81
CA ARG B 96 16.03 18.75 42.94
C ARG B 96 15.31 17.68 43.76
N ILE B 97 13.98 17.76 43.80
CA ILE B 97 13.14 16.78 44.48
C ILE B 97 11.96 16.45 43.57
N ARG B 98 11.72 15.16 43.36
CA ARG B 98 10.61 14.74 42.50
C ARG B 98 9.28 14.81 43.24
N ALA B 99 9.14 14.03 44.31
CA ALA B 99 7.98 13.99 45.20
C ALA B 99 6.69 13.64 44.47
N TYR B 100 6.80 12.95 43.32
CA TYR B 100 5.67 12.50 42.50
C TYR B 100 4.74 13.66 42.13
N ASN B 101 5.34 14.68 41.50
CA ASN B 101 4.66 15.90 41.06
C ASN B 101 3.96 16.61 42.24
N GLU B 102 4.66 16.64 43.38
CA GLU B 102 4.15 17.21 44.63
C GLU B 102 2.83 16.57 45.04
N GLU B 103 2.82 15.23 45.09
CA GLU B 103 1.64 14.41 45.38
C GLU B 103 0.50 14.73 44.41
N ASN B 104 0.84 14.85 43.13
CA ASN B 104 -0.09 15.16 42.04
C ASN B 104 -0.83 16.47 42.31
N ILE B 105 -0.04 17.56 42.36
CA ILE B 105 -0.41 18.94 42.66
C ILE B 105 -1.45 18.99 43.81
N ALA B 106 -1.13 18.30 44.90
CA ALA B 106 -1.97 18.18 46.10
C ALA B 106 -3.35 17.63 45.75
N MET B 107 -3.35 16.51 45.01
CA MET B 107 -4.56 15.81 44.58
C MET B 107 -5.49 16.72 43.78
N LYS B 108 -4.93 17.34 42.74
CA LYS B 108 -5.63 18.26 41.84
C LYS B 108 -6.25 19.43 42.61
N LYS B 109 -5.40 20.13 43.37
CA LYS B 109 -5.79 21.26 44.22
C LYS B 109 -6.92 20.88 45.18
N ARG B 110 -6.74 19.72 45.83
CA ARG B 110 -7.71 19.15 46.78
C ARG B 110 -9.08 18.97 46.13
N LEU B 111 -9.08 18.41 44.92
CA LEU B 111 -10.28 18.15 44.12
C LEU B 111 -11.06 19.45 43.87
N ALA B 112 -10.39 20.39 43.20
CA ALA B 112 -10.94 21.70 42.84
C ALA B 112 -11.46 22.47 44.05
N LEU B 222 6.58 -25.93 57.29
CA LEU B 222 6.76 -24.62 57.92
C LEU B 222 7.48 -24.75 59.24
N GLN B 223 7.08 -25.74 60.04
CA GLN B 223 7.70 -25.96 61.35
C GLN B 223 9.08 -26.60 61.18
N ILE B 224 9.91 -26.41 62.20
CA ILE B 224 11.26 -26.98 62.23
C ILE B 224 11.17 -28.49 62.34
N PRO B 225 12.11 -29.23 61.76
CA PRO B 225 12.08 -30.69 61.89
C PRO B 225 12.37 -31.14 63.30
N ILE B 226 11.85 -32.32 63.64
CA ILE B 226 12.01 -32.88 65.00
C ILE B 226 13.33 -33.64 65.00
N LYS B 227 14.41 -32.90 65.22
CA LYS B 227 15.75 -33.47 65.35
C LYS B 227 16.38 -33.18 66.71
N LEU B 228 16.30 -31.93 67.17
CA LEU B 228 16.82 -31.51 68.46
C LEU B 228 15.74 -30.76 69.23
N LYS B 229 14.55 -31.36 69.31
CA LYS B 229 13.40 -30.71 69.91
C LYS B 229 13.48 -30.62 71.43
N SER B 230 14.44 -31.29 72.07
CA SER B 230 14.46 -31.37 73.53
C SER B 230 14.94 -30.08 74.18
N VAL B 231 15.81 -29.32 73.50
CA VAL B 231 16.43 -28.15 74.14
C VAL B 231 15.41 -27.04 74.36
N LEU B 232 14.51 -26.83 73.40
CA LEU B 232 13.49 -25.79 73.56
C LEU B 232 12.47 -26.17 74.64
N VAL B 233 12.14 -27.45 74.76
CA VAL B 233 11.26 -27.89 75.84
C VAL B 233 11.94 -27.74 77.19
N ASP B 234 13.24 -28.03 77.25
CA ASP B 234 14.00 -27.85 78.50
C ASP B 234 14.06 -26.37 78.89
N ASP B 235 14.28 -25.49 77.92
CA ASP B 235 14.34 -24.06 78.19
C ASP B 235 12.97 -23.43 78.43
N TRP B 236 11.88 -24.10 78.02
CA TRP B 236 10.55 -23.58 78.29
C TRP B 236 10.25 -23.60 79.78
N GLU B 237 10.64 -24.67 80.47
CA GLU B 237 10.48 -24.73 81.92
C GLU B 237 11.55 -23.91 82.64
N TYR B 238 12.72 -23.74 82.02
CA TYR B 238 13.84 -23.06 82.67
C TYR B 238 13.59 -21.58 82.84
N VAL B 239 12.78 -20.97 81.96
CA VAL B 239 12.53 -19.53 82.03
C VAL B 239 11.41 -19.17 83.00
N THR B 240 10.88 -20.14 83.76
CA THR B 240 9.81 -19.84 84.71
C THR B 240 10.34 -19.11 85.94
N LYS B 241 11.49 -19.55 86.46
CA LYS B 241 12.06 -18.94 87.65
C LYS B 241 13.56 -18.64 87.57
N ASP B 242 14.30 -19.26 86.65
CA ASP B 242 15.73 -19.02 86.52
C ASP B 242 16.08 -18.16 85.32
N LYS B 243 15.29 -18.23 84.25
CA LYS B 243 15.38 -17.39 83.05
C LYS B 243 16.68 -17.57 82.27
N LYS B 244 17.44 -18.63 82.54
CA LYS B 244 18.63 -19.07 81.80
C LYS B 244 19.80 -18.10 81.92
N ILE B 245 19.64 -16.98 82.61
CA ILE B 245 20.72 -16.01 82.76
C ILE B 245 20.55 -15.26 84.08
N CYS B 246 21.65 -15.10 84.82
CA CYS B 246 21.62 -14.38 86.09
C CYS B 246 22.59 -13.20 86.14
N ARG B 247 23.51 -13.09 85.19
CA ARG B 247 24.46 -11.98 85.15
C ARG B 247 24.07 -11.02 84.05
N LEU B 248 23.87 -9.75 84.42
CA LEU B 248 23.58 -8.73 83.41
C LEU B 248 24.75 -8.51 82.45
N PRO B 249 26.03 -8.36 82.90
CA PRO B 249 27.10 -8.36 81.86
C PRO B 249 27.57 -9.79 81.55
N ALA B 250 26.77 -10.48 80.74
CA ALA B 250 27.04 -11.88 80.42
C ALA B 250 28.28 -11.99 79.54
N ASP B 251 29.15 -12.95 79.87
CA ASP B 251 30.36 -13.18 79.10
C ASP B 251 30.07 -13.80 77.74
N VAL B 252 28.98 -14.55 77.62
CA VAL B 252 28.61 -15.18 76.36
C VAL B 252 27.89 -14.16 75.48
N THR B 253 28.49 -13.83 74.35
CA THR B 253 27.89 -12.93 73.37
C THR B 253 27.76 -13.67 72.03
N VAL B 254 27.35 -12.95 71.00
CA VAL B 254 27.03 -13.55 69.71
C VAL B 254 28.06 -13.24 68.64
N GLU B 255 29.03 -12.36 68.90
CA GLU B 255 29.89 -11.85 67.84
C GLU B 255 30.82 -12.92 67.27
N MET B 256 31.55 -13.63 68.14
CA MET B 256 32.52 -14.60 67.63
C MET B 256 31.84 -15.86 67.11
N VAL B 257 30.76 -16.30 67.76
CA VAL B 257 30.04 -17.48 67.28
C VAL B 257 29.32 -17.15 65.97
N LEU B 258 28.97 -15.89 65.76
CA LEU B 258 28.44 -15.45 64.48
C LEU B 258 29.51 -15.37 63.40
N ASN B 259 30.69 -14.86 63.72
CA ASN B 259 31.74 -14.79 62.71
C ASN B 259 32.34 -16.16 62.41
N LYS B 260 32.04 -17.16 63.25
CA LYS B 260 32.55 -18.50 63.04
C LYS B 260 32.00 -19.12 61.74
N TYR B 261 30.70 -18.94 61.45
CA TYR B 261 30.13 -19.60 60.27
C TYR B 261 30.76 -19.12 58.96
N GLU B 262 31.22 -17.87 58.92
CA GLU B 262 31.92 -17.41 57.73
C GLU B 262 33.31 -18.02 57.58
N HIS B 263 33.81 -18.74 58.59
CA HIS B 263 35.12 -19.37 58.54
C HIS B 263 35.10 -20.88 58.55
N GLU B 264 34.02 -21.52 59.04
CA GLU B 264 33.99 -22.98 59.09
C GLU B 264 32.99 -23.60 58.12
N VAL B 265 31.72 -23.23 58.18
CA VAL B 265 30.69 -23.95 57.43
C VAL B 265 30.32 -23.26 56.12
N SER B 266 30.69 -22.00 55.93
CA SER B 266 30.44 -21.36 54.64
C SER B 266 31.37 -21.92 53.58
N GLN B 267 32.52 -22.45 53.97
CA GLN B 267 33.46 -23.02 53.01
C GLN B 267 33.40 -24.55 52.97
N GLU B 268 32.62 -25.18 53.87
CA GLU B 268 32.57 -26.63 53.97
C GLU B 268 31.19 -27.19 53.68
N LEU B 269 30.15 -26.71 54.37
CA LEU B 269 28.85 -27.34 54.29
C LEU B 269 28.02 -26.89 53.09
N GLU B 270 27.97 -25.60 52.80
CA GLU B 270 27.19 -25.11 51.68
C GLU B 270 27.90 -25.47 50.37
N SER B 271 27.13 -25.35 49.28
CA SER B 271 27.69 -25.61 47.95
C SER B 271 28.76 -24.57 47.62
N PRO B 272 29.83 -24.98 46.94
CA PRO B 272 30.87 -24.00 46.57
C PRO B 272 30.32 -22.92 45.65
N GLY B 273 30.74 -21.68 45.92
CA GLY B 273 30.19 -20.54 45.22
C GLY B 273 30.26 -19.27 46.04
N SER B 274 29.14 -18.57 46.18
CA SER B 274 29.07 -17.30 46.88
C SER B 274 28.47 -17.50 48.27
N GLN B 275 28.97 -16.74 49.24
CA GLN B 275 28.51 -16.80 50.62
C GLN B 275 27.43 -15.79 50.93
N SER B 276 26.65 -15.37 49.92
CA SER B 276 25.61 -14.37 50.11
C SER B 276 24.52 -14.89 51.04
N GLN B 277 24.08 -16.13 50.82
CA GLN B 277 22.96 -16.71 51.56
C GLN B 277 23.24 -16.85 53.05
N LEU B 278 24.51 -16.79 53.46
CA LEU B 278 24.88 -16.76 54.86
C LEU B 278 25.18 -15.35 55.36
N SER B 279 25.99 -14.59 54.61
CA SER B 279 26.46 -13.28 55.09
C SER B 279 25.33 -12.25 55.11
N GLU B 280 24.53 -12.19 54.04
CA GLU B 280 23.43 -11.24 53.98
C GLU B 280 22.37 -11.57 55.02
N TYR B 281 22.13 -12.86 55.25
CA TYR B 281 21.20 -13.26 56.31
C TYR B 281 21.75 -12.89 57.68
N CYS B 282 23.06 -12.98 57.88
CA CYS B 282 23.65 -12.59 59.16
C CYS B 282 23.53 -11.09 59.39
N ALA B 283 23.73 -10.29 58.34
CA ALA B 283 23.54 -8.85 58.44
C ALA B 283 22.08 -8.52 58.72
N GLY B 284 21.16 -9.23 58.07
CA GLY B 284 19.75 -9.10 58.40
C GLY B 284 19.45 -9.45 59.84
N LEU B 285 20.19 -10.41 60.39
CA LEU B 285 19.98 -10.81 61.78
C LEU B 285 20.50 -9.75 62.74
N LYS B 286 21.59 -9.06 62.38
CA LYS B 286 21.95 -7.81 63.07
C LYS B 286 20.82 -6.78 63.06
N LEU B 287 20.26 -6.45 61.90
CA LEU B 287 19.25 -5.40 61.99
C LEU B 287 17.92 -5.91 62.55
N TYR B 288 17.73 -7.23 62.62
CA TYR B 288 16.55 -7.78 63.30
C TYR B 288 16.74 -7.84 64.80
N PHE B 289 17.96 -8.16 65.26
CA PHE B 289 18.24 -8.25 66.69
C PHE B 289 18.35 -6.87 67.32
N ASP B 290 18.80 -5.87 66.56
CA ASP B 290 18.90 -4.53 67.09
C ASP B 290 17.55 -3.80 67.15
N LYS B 291 16.49 -4.41 66.63
CA LYS B 291 15.20 -3.75 66.51
C LYS B 291 14.08 -4.55 67.17
N CYS B 292 14.23 -5.87 67.21
CA CYS B 292 13.17 -6.77 67.67
C CYS B 292 12.90 -6.68 69.17
N LEU B 293 13.78 -6.05 69.95
CA LEU B 293 13.54 -5.92 71.38
C LEU B 293 12.37 -4.97 71.62
N GLY B 294 11.40 -5.43 72.43
CA GLY B 294 10.18 -4.71 72.69
C GLY B 294 8.94 -5.40 72.16
N ASN B 295 9.06 -6.16 71.07
CA ASN B 295 7.92 -6.88 70.48
C ASN B 295 8.25 -8.36 70.39
N MET B 296 7.39 -9.20 71.00
CA MET B 296 7.63 -10.64 71.18
C MET B 296 8.31 -11.83 71.85
N LEU B 297 9.64 -11.84 71.80
CA LEU B 297 10.49 -12.79 72.52
C LEU B 297 10.83 -12.31 73.93
N LEU B 298 9.82 -12.07 74.76
CA LEU B 298 10.06 -11.50 76.08
C LEU B 298 9.27 -12.24 77.15
N TYR B 299 9.92 -12.47 78.28
CA TYR B 299 9.28 -12.93 79.51
C TYR B 299 9.08 -11.72 80.41
N ARG B 300 8.23 -11.88 81.43
CA ARG B 300 7.92 -10.77 82.33
C ARG B 300 9.16 -10.30 83.08
N LEU B 301 9.86 -11.23 83.73
CA LEU B 301 11.11 -10.89 84.41
C LEU B 301 12.16 -10.41 83.41
N GLU B 302 12.18 -11.01 82.22
CA GLU B 302 13.01 -10.48 81.13
C GLU B 302 12.59 -9.08 80.75
N ARG B 303 11.30 -8.77 80.84
CA ARG B 303 10.85 -7.41 80.53
C ARG B 303 11.35 -6.41 81.55
N LEU B 304 11.24 -6.70 82.86
CA LEU B 304 11.77 -5.74 83.83
C LEU B 304 13.30 -5.67 83.76
N GLN B 305 13.97 -6.76 83.40
CA GLN B 305 15.41 -6.69 83.17
C GLN B 305 15.73 -5.77 81.99
N TYR B 306 14.93 -5.83 80.93
CA TYR B 306 15.14 -4.95 79.78
C TYR B 306 14.92 -3.49 80.15
N ASP B 307 13.87 -3.20 80.95
CA ASP B 307 13.65 -1.81 81.37
C ASP B 307 14.76 -1.32 82.30
N GLU B 308 15.26 -2.18 83.19
CA GLU B 308 16.36 -1.75 84.06
C GLU B 308 17.65 -1.56 83.27
N LEU B 309 17.87 -2.36 82.22
CA LEU B 309 19.02 -2.15 81.35
C LEU B 309 18.90 -0.84 80.59
N LEU B 310 17.70 -0.53 80.11
CA LEU B 310 17.47 0.73 79.42
C LEU B 310 17.65 1.92 80.34
N LYS B 311 17.18 1.81 81.60
CA LYS B 311 17.35 2.90 82.55
C LYS B 311 18.80 3.10 82.93
N LYS B 312 19.55 2.02 83.14
CA LYS B 312 20.96 2.16 83.48
C LYS B 312 21.83 2.52 82.29
N SER B 313 21.33 2.32 81.06
CA SER B 313 22.06 2.70 79.86
C SER B 313 21.69 4.08 79.36
N SER B 314 20.71 4.74 79.97
CA SER B 314 20.30 6.09 79.57
C SER B 314 21.00 7.19 80.36
N LYS B 315 21.90 6.83 81.27
CA LYS B 315 22.61 7.84 82.05
C LYS B 315 23.69 8.55 81.26
N ASP B 316 24.07 8.03 80.09
CA ASP B 316 25.08 8.65 79.24
C ASP B 316 24.56 8.92 77.83
N GLN B 317 23.23 8.98 77.67
CA GLN B 317 22.48 9.21 76.44
C GLN B 317 23.04 8.45 75.22
N LYS B 318 23.50 7.21 75.44
CA LYS B 318 24.03 6.36 74.39
C LYS B 318 22.97 5.39 73.90
N PRO B 319 23.01 5.00 72.63
CA PRO B 319 22.07 3.99 72.13
C PRO B 319 22.31 2.63 72.80
N LEU B 320 21.22 1.90 72.97
CA LEU B 320 21.28 0.60 73.64
C LEU B 320 21.67 -0.46 72.62
N VAL B 321 22.86 -1.04 72.79
CA VAL B 321 23.36 -2.10 71.91
C VAL B 321 22.98 -3.44 72.54
N PRO B 322 22.14 -4.25 71.89
CA PRO B 322 21.76 -5.53 72.47
C PRO B 322 22.71 -6.67 72.11
N ILE B 323 23.89 -6.33 71.63
CA ILE B 323 24.87 -7.36 71.25
C ILE B 323 25.74 -7.76 72.44
N ARG B 324 26.23 -6.79 73.21
CA ARG B 324 27.17 -7.04 74.29
C ARG B 324 26.49 -7.39 75.61
N ILE B 325 25.16 -7.34 75.68
CA ILE B 325 24.47 -7.56 76.95
C ILE B 325 23.44 -8.67 76.82
N TYR B 326 23.54 -9.47 75.76
CA TYR B 326 22.58 -10.52 75.52
C TYR B 326 23.31 -11.77 75.05
N GLY B 327 22.87 -12.94 75.53
CA GLY B 327 23.50 -14.18 75.17
C GLY B 327 23.03 -14.73 73.83
N ALA B 328 23.69 -15.80 73.40
CA ALA B 328 23.38 -16.46 72.13
C ALA B 328 22.45 -17.64 72.29
N ILE B 329 21.97 -17.93 73.50
CA ILE B 329 21.13 -19.10 73.72
C ILE B 329 19.70 -18.84 73.24
N HIS B 330 19.35 -17.59 72.93
CA HIS B 330 18.01 -17.26 72.45
C HIS B 330 17.90 -17.36 70.93
N LEU B 331 18.99 -17.71 70.25
CA LEU B 331 19.02 -17.71 68.80
C LEU B 331 18.02 -18.71 68.22
N LEU B 332 17.97 -19.91 68.79
CA LEU B 332 17.07 -20.93 68.27
C LEU B 332 15.61 -20.57 68.50
N ARG B 333 15.30 -19.88 69.61
CA ARG B 333 13.91 -19.53 69.83
C ARG B 333 13.47 -18.40 68.91
N LEU B 334 14.34 -17.41 68.63
CA LEU B 334 13.87 -16.40 67.68
C LEU B 334 13.78 -16.96 66.27
N ILE B 335 14.72 -17.83 65.87
CA ILE B 335 14.62 -18.39 64.53
C ILE B 335 13.54 -19.45 64.40
N SER B 336 12.99 -19.95 65.52
CA SER B 336 11.84 -20.83 65.44
C SER B 336 10.50 -20.12 65.59
N VAL B 337 10.47 -18.93 66.20
CA VAL B 337 9.26 -18.11 66.15
C VAL B 337 9.20 -17.25 64.89
N LEU B 338 10.31 -17.15 64.15
CA LEU B 338 10.30 -16.44 62.87
C LEU B 338 9.37 -17.03 61.80
N PRO B 339 9.33 -18.36 61.54
CA PRO B 339 8.53 -18.84 60.40
C PRO B 339 7.04 -18.56 60.47
N GLU B 340 6.43 -18.57 61.66
CA GLU B 340 5.01 -18.26 61.73
C GLU B 340 4.71 -16.76 61.60
N LEU B 341 5.73 -15.90 61.68
CA LEU B 341 5.53 -14.50 61.38
C LEU B 341 5.99 -14.13 59.97
N ILE B 342 6.68 -15.04 59.26
CA ILE B 342 6.79 -14.88 57.81
C ILE B 342 5.42 -14.98 57.16
N SER B 343 4.58 -15.89 57.63
CA SER B 343 3.28 -16.15 57.03
C SER B 343 2.26 -15.05 57.28
N SER B 344 2.59 -14.06 58.11
CA SER B 344 1.67 -12.94 58.35
C SER B 344 1.46 -12.11 57.09
N THR B 345 2.52 -11.87 56.34
CA THR B 345 2.44 -11.11 55.10
C THR B 345 2.45 -12.06 53.89
N THR B 346 2.44 -11.48 52.70
CA THR B 346 2.38 -12.24 51.46
C THR B 346 3.68 -12.06 50.67
N MET B 347 4.38 -13.16 50.43
CA MET B 347 5.48 -13.19 49.48
C MET B 347 5.40 -14.50 48.72
N ASP B 348 6.47 -14.82 47.99
CA ASP B 348 6.56 -16.07 47.24
C ASP B 348 6.94 -17.22 48.18
N LEU B 349 6.78 -18.45 47.66
CA LEU B 349 7.00 -19.65 48.46
C LEU B 349 8.44 -20.12 48.48
N GLN B 350 9.21 -19.84 47.42
CA GLN B 350 10.62 -20.23 47.42
C GLN B 350 11.42 -19.44 48.43
N SER B 351 10.97 -18.23 48.80
CA SER B 351 11.59 -17.52 49.91
C SER B 351 11.41 -18.28 51.21
N CYS B 352 10.21 -18.83 51.45
CA CYS B 352 10.00 -19.67 52.63
C CYS B 352 10.82 -20.95 52.54
N GLN B 353 11.00 -21.49 51.33
CA GLN B 353 11.83 -22.68 51.13
C GLN B 353 13.27 -22.40 51.55
N LEU B 354 13.83 -21.28 51.08
CA LEU B 354 15.19 -20.91 51.45
C LEU B 354 15.30 -20.56 52.94
N LEU B 355 14.24 -19.98 53.51
CA LEU B 355 14.25 -19.65 54.94
C LEU B 355 14.30 -20.92 55.79
N ILE B 356 13.42 -21.88 55.52
CA ILE B 356 13.45 -23.12 56.29
C ILE B 356 14.72 -23.90 56.00
N LYS B 357 15.30 -23.74 54.80
CA LYS B 357 16.58 -24.38 54.51
C LYS B 357 17.71 -23.80 55.36
N GLN B 358 17.74 -22.48 55.54
CA GLN B 358 18.82 -21.92 56.34
C GLN B 358 18.63 -22.19 57.84
N THR B 359 17.39 -22.22 58.33
CA THR B 359 17.21 -22.68 59.72
C THR B 359 17.54 -24.17 59.86
N GLU B 360 17.27 -24.99 58.84
CA GLU B 360 17.69 -26.39 58.89
C GLU B 360 19.21 -26.51 58.93
N ASP B 361 19.92 -25.68 58.17
CA ASP B 361 21.37 -25.65 58.24
C ASP B 361 21.86 -25.23 59.62
N PHE B 362 21.17 -24.27 60.24
CA PHE B 362 21.52 -23.84 61.58
C PHE B 362 21.35 -24.96 62.60
N LEU B 363 20.24 -25.71 62.51
CA LEU B 363 20.07 -26.86 63.40
C LEU B 363 21.09 -27.96 63.10
N VAL B 364 21.46 -28.12 61.82
CA VAL B 364 22.48 -29.10 61.45
C VAL B 364 23.81 -28.76 62.11
N TRP B 365 24.16 -27.47 62.13
CA TRP B 365 25.38 -27.07 62.84
C TRP B 365 25.25 -27.25 64.35
N LEU B 366 24.14 -26.80 64.94
CA LEU B 366 24.02 -26.81 66.39
C LEU B 366 23.67 -28.18 66.96
N LEU B 367 23.46 -29.18 66.10
CA LEU B 367 23.28 -30.55 66.58
C LEU B 367 24.51 -31.05 67.33
N MET B 368 25.70 -30.77 66.80
CA MET B 368 26.93 -31.29 67.42
C MET B 368 27.37 -30.41 68.58
N HIS B 369 27.47 -29.10 68.36
CA HIS B 369 27.96 -28.17 69.39
C HIS B 369 26.81 -27.86 70.35
N VAL B 370 26.71 -28.70 71.38
CA VAL B 370 25.68 -28.50 72.40
C VAL B 370 26.19 -27.68 73.59
N ASP B 371 27.49 -27.42 73.68
CA ASP B 371 28.02 -26.65 74.80
C ASP B 371 27.70 -25.17 74.66
N GLU B 372 27.47 -24.69 73.44
CA GLU B 372 27.16 -23.28 73.22
C GLU B 372 25.67 -23.03 73.43
N M3L C 36 -71.57 0.40 15.19
CA M3L C 36 -70.40 -0.23 14.64
CB M3L C 36 -70.50 -0.37 13.11
CG M3L C 36 -71.87 -0.83 12.67
CD M3L C 36 -72.60 0.31 11.95
CE M3L C 36 -73.90 -0.24 11.38
NZ M3L C 36 -75.02 0.76 11.12
C M3L C 36 -69.10 0.50 14.95
O M3L C 36 -68.94 1.23 15.94
CM1 M3L C 36 -76.14 0.13 10.35
CM2 M3L C 36 -74.51 1.95 10.39
CM3 M3L C 36 -75.55 1.20 12.45
N LYS C 37 -68.14 0.31 14.06
CA LYS C 37 -66.82 0.91 14.20
C LYS C 37 -66.20 1.05 12.81
N PRO C 38 -65.88 2.28 12.41
CA PRO C 38 -65.30 2.50 11.08
C PRO C 38 -63.91 1.90 10.97
N HIS C 39 -63.45 1.83 9.71
CA HIS C 39 -62.13 1.26 9.44
C HIS C 39 -61.03 2.08 10.08
N ARG C 40 -61.12 3.42 9.97
CA ARG C 40 -60.25 4.38 10.65
C ARG C 40 -58.77 4.14 10.29
N TYR C 41 -58.47 4.41 9.03
CA TYR C 41 -57.11 4.29 8.52
C TYR C 41 -56.15 5.13 9.34
N ARG C 42 -54.99 4.57 9.65
CA ARG C 42 -53.99 5.26 10.46
C ARG C 42 -53.43 6.46 9.72
N PRO C 43 -53.03 7.52 10.43
CA PRO C 43 -52.46 8.69 9.77
C PRO C 43 -51.14 8.40 9.06
N GLY C 44 -51.18 8.43 7.72
CA GLY C 44 -50.02 8.16 6.89
C GLY C 44 -50.22 7.04 5.89
N THR C 45 -51.15 6.13 6.19
CA THR C 45 -51.38 4.99 5.28
C THR C 45 -51.94 5.46 3.94
N VAL C 46 -52.90 6.39 3.96
CA VAL C 46 -53.46 6.92 2.72
C VAL C 46 -52.44 7.81 2.01
N ALA C 47 -51.43 8.30 2.73
CA ALA C 47 -50.42 9.17 2.12
C ALA C 47 -49.58 8.41 1.10
N LEU C 48 -49.12 7.21 1.45
CA LEU C 48 -48.40 6.38 0.48
C LEU C 48 -49.33 5.87 -0.61
N ARG C 49 -50.61 5.65 -0.29
CA ARG C 49 -51.56 5.24 -1.33
C ARG C 49 -51.73 6.33 -2.38
N GLU C 50 -51.76 7.58 -1.96
CA GLU C 50 -51.80 8.68 -2.92
C GLU C 50 -50.45 8.88 -3.59
N ILE C 51 -49.36 8.49 -2.92
CA ILE C 51 -48.03 8.62 -3.51
C ILE C 51 -47.88 7.65 -4.68
N ARG C 52 -48.30 6.40 -4.50
CA ARG C 52 -48.18 5.41 -5.56
C ARG C 52 -49.10 5.73 -6.74
N ARG C 53 -50.28 6.30 -6.47
CA ARG C 53 -51.23 6.58 -7.55
C ARG C 53 -50.74 7.72 -8.44
N TYR C 54 -50.26 8.81 -7.84
CA TYR C 54 -49.88 9.98 -8.61
C TYR C 54 -48.49 9.85 -9.24
N GLN C 55 -47.67 8.91 -8.77
CA GLN C 55 -46.35 8.69 -9.35
C GLN C 55 -46.39 7.76 -10.57
N LYS C 56 -47.51 7.07 -10.80
CA LYS C 56 -47.65 6.19 -11.94
C LYS C 56 -48.67 6.67 -12.96
N SER C 57 -49.50 7.65 -12.61
CA SER C 57 -50.48 8.21 -13.51
C SER C 57 -50.09 9.65 -13.85
N THR C 58 -50.28 10.03 -15.12
CA THR C 58 -49.82 11.32 -15.63
C THR C 58 -50.96 12.33 -15.77
N GLU C 59 -52.00 12.21 -14.96
CA GLU C 59 -53.05 13.22 -14.96
C GLU C 59 -52.53 14.50 -14.28
N LEU C 60 -53.15 15.61 -14.61
CA LEU C 60 -52.73 16.91 -14.10
C LEU C 60 -53.44 17.19 -12.79
N LEU C 61 -52.66 17.42 -11.73
CA LEU C 61 -53.23 17.59 -10.40
C LEU C 61 -53.89 18.96 -10.25
N ILE C 62 -53.24 20.00 -10.75
CA ILE C 62 -53.79 21.35 -10.68
C ILE C 62 -54.91 21.49 -11.70
N ARG C 63 -56.02 22.08 -11.29
CA ARG C 63 -57.12 22.34 -12.21
C ARG C 63 -56.72 23.44 -13.21
N LYS C 64 -57.21 23.31 -14.43
CA LYS C 64 -56.73 24.15 -15.53
C LYS C 64 -57.19 25.60 -15.37
N LEU C 65 -58.48 25.80 -15.09
CA LEU C 65 -59.02 27.15 -15.02
C LEU C 65 -58.45 28.00 -13.88
N PRO C 66 -58.29 27.51 -12.64
CA PRO C 66 -57.60 28.33 -11.63
C PRO C 66 -56.16 28.68 -11.99
N PHE C 67 -55.45 27.77 -12.65
CA PHE C 67 -54.08 28.09 -13.08
C PHE C 67 -54.09 29.02 -14.29
N GLN C 68 -55.12 28.94 -15.13
CA GLN C 68 -55.20 29.81 -16.30
C GLN C 68 -55.43 31.27 -15.89
N ARG C 69 -56.36 31.50 -14.97
CA ARG C 69 -56.66 32.86 -14.53
C ARG C 69 -55.52 33.47 -13.72
N LEU C 70 -54.73 32.63 -13.05
CA LEU C 70 -53.56 33.13 -12.32
C LEU C 70 -52.50 33.64 -13.29
N VAL C 71 -52.37 33.00 -14.45
CA VAL C 71 -51.42 33.45 -15.47
C VAL C 71 -51.80 34.83 -15.99
N ARG C 72 -53.10 35.05 -16.22
CA ARG C 72 -53.56 36.33 -16.77
C ARG C 72 -53.29 37.48 -15.81
N GLU C 73 -53.54 37.28 -14.51
CA GLU C 73 -53.31 38.36 -13.55
C GLU C 73 -51.83 38.61 -13.32
N ILE C 74 -50.99 37.60 -13.51
CA ILE C 74 -49.55 37.81 -13.47
C ILE C 74 -49.09 38.59 -14.70
N ALA C 75 -49.58 38.21 -15.89
CA ALA C 75 -49.22 38.90 -17.12
C ALA C 75 -49.90 40.25 -17.27
N GLN C 76 -50.91 40.56 -16.43
CA GLN C 76 -51.54 41.86 -16.50
C GLN C 76 -50.61 42.97 -16.01
N ASP C 77 -49.67 42.64 -15.12
CA ASP C 77 -48.71 43.64 -14.65
C ASP C 77 -47.67 43.99 -15.70
N PHE C 78 -47.49 43.14 -16.71
CA PHE C 78 -46.52 43.40 -17.77
C PHE C 78 -47.17 43.90 -19.06
N LYS C 79 -48.38 43.45 -19.37
CA LYS C 79 -49.07 43.88 -20.59
C LYS C 79 -50.57 43.74 -20.36
N THR C 80 -51.29 44.86 -20.45
CA THR C 80 -52.73 44.84 -20.22
C THR C 80 -53.45 44.10 -21.35
N ASP C 81 -53.14 44.44 -22.60
CA ASP C 81 -53.79 43.81 -23.76
C ASP C 81 -52.94 42.62 -24.21
N LEU C 82 -53.15 41.50 -23.52
CA LEU C 82 -52.42 40.28 -23.81
C LEU C 82 -53.39 39.10 -23.82
N ARG C 83 -53.09 38.12 -24.69
CA ARG C 83 -53.89 36.92 -24.81
C ARG C 83 -52.97 35.70 -24.69
N PHE C 84 -53.56 34.58 -24.31
CA PHE C 84 -52.84 33.33 -24.14
C PHE C 84 -53.57 32.22 -24.89
N GLN C 85 -52.82 31.43 -25.65
CA GLN C 85 -53.41 30.31 -26.37
C GLN C 85 -53.79 29.19 -25.40
N SER C 86 -54.63 28.27 -25.89
CA SER C 86 -55.01 27.11 -25.08
C SER C 86 -53.80 26.23 -24.80
N SER C 87 -52.95 26.01 -25.80
CA SER C 87 -51.74 25.23 -25.59
C SER C 87 -50.65 26.04 -24.89
N ALA C 88 -50.73 27.38 -24.93
CA ALA C 88 -49.75 28.20 -24.22
C ALA C 88 -49.93 28.09 -22.71
N VAL C 89 -51.18 28.14 -22.24
CA VAL C 89 -51.45 27.88 -20.83
C VAL C 89 -51.16 26.42 -20.49
N MET C 90 -51.39 25.52 -21.45
CA MET C 90 -51.08 24.11 -21.25
C MET C 90 -49.59 23.88 -21.04
N ALA C 91 -48.75 24.57 -21.81
CA ALA C 91 -47.30 24.40 -21.68
C ALA C 91 -46.78 25.00 -20.38
N LEU C 92 -47.40 26.09 -19.91
CA LEU C 92 -46.96 26.70 -18.66
C LEU C 92 -47.30 25.84 -17.46
N GLN C 93 -48.41 25.09 -17.51
CA GLN C 93 -48.89 24.39 -16.34
C GLN C 93 -48.04 23.17 -16.02
N GLU C 94 -47.67 22.39 -17.04
CA GLU C 94 -46.87 21.19 -16.80
C GLU C 94 -45.45 21.54 -16.37
N ALA C 95 -44.90 22.63 -16.90
CA ALA C 95 -43.58 23.08 -16.46
C ALA C 95 -43.61 23.51 -15.01
N SER C 96 -44.67 24.20 -14.58
CA SER C 96 -44.80 24.58 -13.19
C SER C 96 -45.09 23.38 -12.31
N GLU C 97 -45.86 22.41 -12.82
CA GLU C 97 -46.17 21.21 -12.05
C GLU C 97 -44.92 20.36 -11.81
N ALA C 98 -44.09 20.19 -12.84
CA ALA C 98 -42.88 19.41 -12.68
C ALA C 98 -41.85 20.13 -11.83
N TYR C 99 -41.79 21.46 -11.92
CA TYR C 99 -40.87 22.22 -11.10
C TYR C 99 -41.26 22.16 -9.62
N LEU C 100 -42.57 22.24 -9.33
CA LEU C 100 -43.03 22.14 -7.95
C LEU C 100 -42.81 20.75 -7.38
N VAL C 101 -43.04 19.72 -8.19
CA VAL C 101 -42.82 18.34 -7.74
C VAL C 101 -41.34 18.09 -7.49
N ALA C 102 -40.47 18.57 -8.39
CA ALA C 102 -39.03 18.47 -8.17
C ALA C 102 -38.59 19.28 -6.96
N LEU C 103 -39.19 20.45 -6.76
CA LEU C 103 -38.94 21.20 -5.53
C LEU C 103 -39.47 20.46 -4.31
N PHE C 104 -40.64 19.81 -4.44
CA PHE C 104 -41.17 19.00 -3.35
C PHE C 104 -40.31 17.78 -3.09
N GLU C 105 -39.67 17.23 -4.12
CA GLU C 105 -38.73 16.13 -3.92
C GLU C 105 -37.52 16.58 -3.11
N ASP C 106 -36.95 17.75 -3.45
CA ASP C 106 -35.85 18.29 -2.68
C ASP C 106 -36.31 18.71 -1.29
N THR C 107 -37.56 19.15 -1.17
CA THR C 107 -38.12 19.51 0.13
C THR C 107 -38.29 18.28 1.01
N ASN C 108 -38.67 17.15 0.41
CA ASN C 108 -38.99 15.95 1.19
C ASN C 108 -37.74 15.32 1.80
N LEU C 109 -36.69 15.13 1.00
CA LEU C 109 -35.50 14.45 1.52
C LEU C 109 -34.72 15.34 2.48
N ALA C 110 -35.01 16.64 2.52
CA ALA C 110 -34.46 17.50 3.55
C ALA C 110 -35.02 17.18 4.93
N ALA C 111 -36.23 16.62 5.01
CA ALA C 111 -36.82 16.28 6.29
C ALA C 111 -36.13 15.07 6.93
N ILE C 112 -35.88 14.02 6.13
CA ILE C 112 -35.15 12.87 6.63
C ILE C 112 -33.71 13.26 6.96
N HIS C 113 -33.15 14.21 6.23
CA HIS C 113 -31.86 14.79 6.60
C HIS C 113 -31.94 15.53 7.93
N ALA C 114 -33.11 16.07 8.26
CA ALA C 114 -33.35 16.76 9.52
C ALA C 114 -34.10 15.90 10.52
N LYS C 115 -34.11 14.57 10.32
CA LYS C 115 -34.76 13.60 11.21
C LYS C 115 -36.25 13.89 11.36
N ARG C 116 -36.89 14.22 10.24
CA ARG C 116 -38.31 14.55 10.23
C ARG C 116 -38.98 13.87 9.04
N VAL C 117 -40.31 13.88 9.04
CA VAL C 117 -41.10 13.39 7.92
C VAL C 117 -42.03 14.45 7.36
N THR C 118 -42.11 15.61 7.98
CA THR C 118 -43.03 16.67 7.58
C THR C 118 -42.26 17.80 6.92
N ILE C 119 -42.71 18.23 5.75
CA ILE C 119 -42.06 19.33 5.05
C ILE C 119 -42.42 20.65 5.73
N MET C 120 -41.46 21.58 5.73
CA MET C 120 -41.60 22.89 6.35
C MET C 120 -41.21 23.99 5.36
N PRO C 121 -41.71 25.21 5.55
CA PRO C 121 -41.28 26.32 4.69
C PRO C 121 -39.78 26.60 4.73
N LYS C 122 -39.13 26.35 5.87
CA LYS C 122 -37.68 26.49 5.92
C LYS C 122 -36.96 25.43 5.10
N ASP C 123 -37.61 24.29 4.84
CA ASP C 123 -37.02 23.31 3.93
C ASP C 123 -37.10 23.78 2.48
N ILE C 124 -38.18 24.49 2.13
CA ILE C 124 -38.30 25.04 0.78
C ILE C 124 -37.26 26.13 0.55
N GLN C 125 -37.09 27.03 1.52
CA GLN C 125 -36.06 28.06 1.42
C GLN C 125 -34.65 27.45 1.41
N LEU C 126 -34.49 26.28 2.05
CA LEU C 126 -33.23 25.55 1.93
C LEU C 126 -33.02 25.05 0.51
N ALA C 127 -34.08 24.59 -0.15
CA ALA C 127 -33.95 24.05 -1.49
C ALA C 127 -33.67 25.13 -2.52
N ARG C 128 -34.32 26.28 -2.40
CA ARG C 128 -34.12 27.37 -3.37
C ARG C 128 -32.73 27.98 -3.23
N ARG C 129 -32.23 28.10 -2.00
CA ARG C 129 -30.92 28.68 -1.79
C ARG C 129 -29.81 27.77 -2.31
N ILE C 130 -29.94 26.46 -2.07
CA ILE C 130 -28.95 25.51 -2.58
C ILE C 130 -28.98 25.45 -4.10
N ARG C 131 -30.18 25.42 -4.68
CA ARG C 131 -30.33 25.41 -6.14
C ARG C 131 -29.97 26.75 -6.78
N GLY C 132 -29.82 27.81 -5.99
CA GLY C 132 -29.49 29.11 -6.52
C GLY C 132 -30.66 29.95 -7.00
N GLU C 133 -31.88 29.49 -6.77
CA GLU C 133 -33.07 30.24 -7.19
C GLU C 133 -33.45 31.27 -6.13
N LEU D 22 -58.65 41.39 -12.56
CA LEU D 22 -58.58 40.08 -11.91
C LEU D 22 -57.87 40.16 -10.58
N ARG D 23 -58.59 39.79 -9.51
CA ARG D 23 -58.07 39.83 -8.15
C ARG D 23 -58.39 38.52 -7.44
N ASP D 24 -57.58 38.23 -6.43
CA ASP D 24 -57.69 37.01 -5.62
C ASP D 24 -57.61 35.75 -6.49
N ASN D 25 -56.47 35.63 -7.18
CA ASN D 25 -56.20 34.49 -8.03
C ASN D 25 -55.05 33.62 -7.56
N ILE D 26 -54.29 34.07 -6.54
CA ILE D 26 -53.23 33.23 -5.98
C ILE D 26 -53.82 32.09 -5.16
N GLN D 27 -55.10 32.19 -4.77
CA GLN D 27 -55.77 31.13 -4.05
C GLN D 27 -56.36 30.07 -4.97
N GLY D 28 -56.18 30.21 -6.29
CA GLY D 28 -56.65 29.20 -7.22
C GLY D 28 -55.93 27.87 -7.06
N ILE D 29 -54.69 27.90 -6.60
CA ILE D 29 -53.96 26.68 -6.26
C ILE D 29 -54.45 26.23 -4.89
N THR D 30 -55.45 25.35 -4.88
CA THR D 30 -56.16 25.03 -3.66
C THR D 30 -55.31 24.13 -2.75
N LYS D 31 -55.83 23.92 -1.54
CA LYS D 31 -55.15 23.07 -0.56
C LYS D 31 -54.97 21.62 -1.02
N PRO D 32 -55.99 20.93 -1.58
CA PRO D 32 -55.69 19.59 -2.11
C PRO D 32 -54.82 19.60 -3.35
N ALA D 33 -54.83 20.70 -4.11
CA ALA D 33 -53.99 20.78 -5.30
C ALA D 33 -52.51 20.81 -4.94
N ILE D 34 -52.16 21.55 -3.89
CA ILE D 34 -50.78 21.55 -3.40
C ILE D 34 -50.45 20.20 -2.76
N ARG D 35 -51.43 19.60 -2.06
CA ARG D 35 -51.22 18.29 -1.46
C ARG D 35 -50.99 17.21 -2.52
N ARG D 36 -51.71 17.30 -3.65
CA ARG D 36 -51.52 16.34 -4.73
C ARG D 36 -50.13 16.47 -5.35
N LEU D 37 -49.63 17.71 -5.46
CA LEU D 37 -48.28 17.91 -5.96
C LEU D 37 -47.23 17.33 -5.01
N ALA D 38 -47.48 17.43 -3.71
CA ALA D 38 -46.57 16.84 -2.73
C ALA D 38 -46.59 15.33 -2.79
N ARG D 39 -47.77 14.73 -3.03
CA ARG D 39 -47.88 13.29 -3.15
C ARG D 39 -47.14 12.76 -4.38
N ARG D 40 -47.12 13.54 -5.47
CA ARG D 40 -46.34 13.16 -6.63
C ARG D 40 -44.84 13.23 -6.35
N GLY D 41 -44.42 14.16 -5.50
CA GLY D 41 -43.03 14.29 -5.11
C GLY D 41 -42.58 13.36 -4.00
N GLY D 42 -43.45 12.49 -3.51
CA GLY D 42 -43.09 11.56 -2.45
C GLY D 42 -43.18 12.10 -1.05
N VAL D 43 -43.83 13.24 -0.85
CA VAL D 43 -43.96 13.82 0.49
C VAL D 43 -45.01 13.03 1.26
N LYS D 44 -44.65 12.59 2.46
CA LYS D 44 -45.56 11.82 3.30
C LYS D 44 -46.49 12.73 4.12
N ARG D 45 -45.93 13.70 4.83
CA ARG D 45 -46.70 14.60 5.68
C ARG D 45 -46.57 16.02 5.16
N ILE D 46 -47.71 16.70 5.01
CA ILE D 46 -47.78 18.04 4.43
C ILE D 46 -48.22 19.01 5.50
N SER D 47 -47.41 20.03 5.76
CA SER D 47 -47.71 20.99 6.81
C SER D 47 -48.78 21.99 6.35
N GLY D 48 -49.43 22.62 7.33
CA GLY D 48 -50.41 23.64 7.04
C GLY D 48 -49.84 24.97 6.61
N LEU D 49 -48.56 25.22 6.91
CA LEU D 49 -47.90 26.46 6.53
C LEU D 49 -47.16 26.34 5.19
N ILE D 50 -47.17 25.16 4.56
CA ILE D 50 -46.51 25.01 3.28
C ILE D 50 -47.36 25.50 2.12
N TYR D 51 -48.67 25.69 2.34
CA TYR D 51 -49.54 26.13 1.25
C TYR D 51 -49.30 27.59 0.89
N GLU D 52 -49.04 28.43 1.90
CA GLU D 52 -48.67 29.82 1.61
C GLU D 52 -47.27 29.91 1.03
N GLU D 53 -46.36 29.03 1.46
CA GLU D 53 -44.99 29.05 0.94
C GLU D 53 -44.94 28.56 -0.51
N THR D 54 -45.69 27.49 -0.81
CA THR D 54 -45.71 26.98 -2.18
C THR D 54 -46.37 27.96 -3.14
N ARG D 55 -47.39 28.70 -2.68
CA ARG D 55 -48.01 29.72 -3.51
C ARG D 55 -47.04 30.84 -3.84
N GLY D 56 -46.23 31.25 -2.87
CA GLY D 56 -45.25 32.28 -3.12
C GLY D 56 -44.14 31.84 -4.07
N VAL D 57 -43.70 30.58 -3.93
CA VAL D 57 -42.69 30.05 -4.83
C VAL D 57 -43.25 29.91 -6.24
N LEU D 58 -44.48 29.41 -6.36
CA LEU D 58 -45.12 29.27 -7.67
C LEU D 58 -45.36 30.64 -8.32
N LYS D 59 -45.75 31.63 -7.52
CA LYS D 59 -45.93 32.99 -8.04
C LYS D 59 -44.60 33.58 -8.50
N VAL D 60 -43.52 33.32 -7.75
CA VAL D 60 -42.20 33.81 -8.13
C VAL D 60 -41.73 33.12 -9.40
N PHE D 61 -41.93 31.80 -9.50
CA PHE D 61 -41.53 31.07 -10.70
C PHE D 61 -42.36 31.49 -11.91
N LEU D 62 -43.66 31.74 -11.71
CA LEU D 62 -44.50 32.18 -12.82
C LEU D 62 -44.19 33.61 -13.23
N GLU D 63 -43.75 34.45 -12.30
CA GLU D 63 -43.41 35.83 -12.62
C GLU D 63 -42.14 35.96 -13.44
N ASN D 64 -41.36 34.90 -13.58
CA ASN D 64 -40.15 34.90 -14.41
C ASN D 64 -40.36 34.27 -15.77
N VAL D 65 -41.08 33.15 -15.84
CA VAL D 65 -41.30 32.46 -17.10
C VAL D 65 -42.25 33.27 -17.99
N ILE D 66 -43.34 33.78 -17.41
CA ILE D 66 -44.32 34.52 -18.20
C ILE D 66 -43.76 35.86 -18.65
N ARG D 67 -43.01 36.54 -17.77
CA ARG D 67 -42.39 37.81 -18.14
C ARG D 67 -41.36 37.62 -19.24
N ASP D 68 -40.59 36.53 -19.19
CA ASP D 68 -39.69 36.19 -20.28
C ASP D 68 -40.48 35.88 -21.55
N ALA D 69 -41.61 35.19 -21.42
CA ALA D 69 -42.47 34.94 -22.57
C ALA D 69 -43.16 36.21 -23.06
N VAL D 70 -43.38 37.18 -22.16
CA VAL D 70 -43.95 38.46 -22.56
C VAL D 70 -42.99 39.20 -23.49
N THR D 71 -41.70 39.22 -23.15
CA THR D 71 -40.71 39.87 -24.00
C THR D 71 -40.55 39.15 -25.33
N TYR D 72 -40.71 37.83 -25.34
CA TYR D 72 -40.70 37.09 -26.60
C TYR D 72 -41.92 37.44 -27.45
N THR D 73 -43.05 37.70 -26.81
CA THR D 73 -44.27 38.01 -27.54
C THR D 73 -44.20 39.40 -28.18
N GLU D 74 -43.63 40.38 -27.46
CA GLU D 74 -43.55 41.73 -28.00
C GLU D 74 -42.56 41.81 -29.15
N HIS D 75 -41.47 41.05 -29.08
CA HIS D 75 -40.47 41.05 -30.14
C HIS D 75 -40.97 40.38 -31.42
N ALA D 76 -41.94 39.47 -31.30
CA ALA D 76 -42.47 38.75 -32.45
C ALA D 76 -43.62 39.49 -33.14
N LYS D 77 -43.88 40.74 -32.73
CA LYS D 77 -44.98 41.56 -33.26
C LYS D 77 -46.33 40.86 -33.10
N ARG D 78 -46.53 40.22 -31.95
CA ARG D 78 -47.75 39.50 -31.65
C ARG D 78 -48.34 39.99 -30.35
N LYS D 79 -49.66 40.02 -30.28
CA LYS D 79 -50.38 40.43 -29.08
C LYS D 79 -50.91 39.25 -28.28
N THR D 80 -50.68 38.02 -28.73
CA THR D 80 -51.10 36.82 -28.02
C THR D 80 -49.88 35.94 -27.76
N VAL D 81 -49.80 35.40 -26.55
CA VAL D 81 -48.68 34.56 -26.17
C VAL D 81 -48.93 33.14 -26.69
N THR D 82 -48.01 32.64 -27.51
CA THR D 82 -48.11 31.29 -28.03
C THR D 82 -47.31 30.33 -27.17
N ALA D 83 -47.56 29.03 -27.36
CA ALA D 83 -46.82 28.00 -26.64
C ALA D 83 -45.37 27.91 -27.08
N MET D 84 -45.04 28.38 -28.28
CA MET D 84 -43.67 28.34 -28.76
C MET D 84 -42.77 29.28 -27.96
N ASP D 85 -43.30 30.45 -27.59
CA ASP D 85 -42.52 31.41 -26.80
C ASP D 85 -42.33 30.93 -25.37
N VAL D 86 -43.27 30.14 -24.85
CA VAL D 86 -43.12 29.58 -23.51
C VAL D 86 -41.96 28.59 -23.47
N VAL D 87 -41.80 27.80 -24.54
CA VAL D 87 -40.68 26.86 -24.62
C VAL D 87 -39.36 27.61 -24.68
N TYR D 88 -39.30 28.70 -25.46
CA TYR D 88 -38.10 29.52 -25.54
C TYR D 88 -37.80 30.18 -24.20
N ALA D 89 -38.83 30.64 -23.49
CA ALA D 89 -38.63 31.26 -22.18
C ALA D 89 -38.10 30.24 -21.17
N LEU D 90 -38.60 29.01 -21.22
CA LEU D 90 -38.14 27.98 -20.30
C LEU D 90 -36.78 27.42 -20.70
N LYS D 91 -36.42 27.52 -21.98
CA LYS D 91 -35.16 26.93 -22.44
C LYS D 91 -33.96 27.73 -21.93
N ARG D 92 -34.05 29.06 -21.93
CA ARG D 92 -32.92 29.90 -21.53
C ARG D 92 -32.63 29.82 -20.03
N GLN D 93 -33.57 29.31 -19.23
CA GLN D 93 -33.36 29.13 -17.80
C GLN D 93 -33.02 27.70 -17.42
N GLY D 94 -32.69 26.86 -18.40
CA GLY D 94 -32.37 25.47 -18.15
C GLY D 94 -33.55 24.64 -17.66
N ARG D 95 -34.74 24.90 -18.17
CA ARG D 95 -35.94 24.15 -17.82
C ARG D 95 -36.74 23.83 -19.08
N THR D 96 -36.05 23.32 -20.10
CA THR D 96 -36.68 23.07 -21.39
C THR D 96 -37.76 22.01 -21.28
N LEU D 97 -38.89 22.27 -21.94
CA LEU D 97 -40.07 21.42 -21.87
C LEU D 97 -40.25 20.67 -23.18
N TYR D 98 -40.44 19.36 -23.09
CA TYR D 98 -40.71 18.53 -24.25
C TYR D 98 -42.22 18.37 -24.42
N GLY D 99 -42.65 18.26 -25.67
CA GLY D 99 -44.06 18.16 -25.98
C GLY D 99 -44.80 19.47 -26.11
N PHE D 100 -44.10 20.59 -25.90
CA PHE D 100 -44.66 21.95 -26.04
C PHE D 100 -45.88 22.18 -25.16
N ARG E 11 -11.85 61.93 -48.35
CA ARG E 11 -13.15 61.84 -47.68
C ARG E 11 -13.22 62.79 -46.50
N ALA E 12 -14.22 62.58 -45.63
CA ALA E 12 -14.41 63.43 -44.47
C ALA E 12 -13.53 62.97 -43.32
N LYS E 13 -13.69 63.62 -42.17
CA LYS E 13 -12.94 63.26 -40.98
C LYS E 13 -13.40 61.91 -40.44
N ALA E 14 -12.45 61.10 -39.97
CA ALA E 14 -12.73 59.76 -39.47
C ALA E 14 -13.16 59.83 -38.01
N LYS E 15 -14.37 60.35 -37.80
CA LYS E 15 -14.94 60.44 -36.47
C LYS E 15 -15.42 59.07 -36.02
N THR E 16 -15.02 58.68 -34.81
CA THR E 16 -15.41 57.38 -34.27
C THR E 16 -16.90 57.33 -33.95
N ARG E 17 -17.48 56.14 -34.09
CA ARG E 17 -18.90 55.96 -33.81
C ARG E 17 -19.21 56.05 -32.33
N SER E 18 -18.22 55.81 -31.46
CA SER E 18 -18.45 55.92 -30.02
C SER E 18 -18.72 57.35 -29.61
N SER E 19 -17.98 58.31 -30.18
CA SER E 19 -18.20 59.72 -29.86
C SER E 19 -19.50 60.24 -30.45
N ARG E 20 -19.94 59.68 -31.57
CA ARG E 20 -21.20 60.09 -32.17
C ARG E 20 -22.38 59.71 -31.29
N ALA E 21 -22.32 58.55 -30.65
CA ALA E 21 -23.37 58.09 -29.75
C ALA E 21 -23.15 58.51 -28.30
N GLY E 22 -22.11 59.29 -28.03
CA GLY E 22 -21.78 59.68 -26.67
C GLY E 22 -21.32 58.52 -25.81
N LEU E 23 -20.47 57.65 -26.35
CA LEU E 23 -20.05 56.43 -25.67
C LEU E 23 -18.53 56.33 -25.73
N GLN E 24 -17.98 55.47 -24.88
CA GLN E 24 -16.56 55.19 -24.86
C GLN E 24 -16.21 53.78 -25.33
N PHE E 25 -17.13 52.84 -25.22
CA PHE E 25 -16.90 51.50 -25.75
C PHE E 25 -16.86 51.52 -27.26
N PRO E 26 -16.01 50.71 -27.89
CA PRO E 26 -15.87 50.75 -29.35
C PRO E 26 -17.08 50.13 -30.04
N VAL E 27 -17.83 50.97 -30.76
CA VAL E 27 -18.99 50.49 -31.50
C VAL E 27 -18.55 49.63 -32.69
N GLY E 28 -17.47 50.03 -33.37
CA GLY E 28 -17.01 49.28 -34.52
C GLY E 28 -16.47 47.91 -34.15
N ARG E 29 -15.79 47.80 -33.00
CA ARG E 29 -15.31 46.50 -32.55
C ARG E 29 -16.45 45.56 -32.20
N VAL E 30 -17.50 46.10 -31.55
CA VAL E 30 -18.68 45.29 -31.21
C VAL E 30 -19.37 44.81 -32.47
N HIS E 31 -19.48 45.68 -33.48
CA HIS E 31 -20.06 45.29 -34.76
C HIS E 31 -19.22 44.24 -35.48
N ARG E 32 -17.90 44.25 -35.28
CA ARG E 32 -17.04 43.30 -35.99
C ARG E 32 -17.19 41.89 -35.44
N LEU E 33 -17.22 41.74 -34.11
CA LEU E 33 -17.40 40.41 -33.53
C LEU E 33 -18.81 39.88 -33.72
N LEU E 34 -19.79 40.75 -33.96
CA LEU E 34 -21.13 40.28 -34.27
C LEU E 34 -21.18 39.61 -35.64
N ARG E 35 -20.46 40.15 -36.61
CA ARG E 35 -20.45 39.56 -37.95
C ARG E 35 -19.60 38.29 -37.98
N LYS E 36 -18.44 38.31 -37.32
CA LYS E 36 -17.52 37.18 -37.37
C LYS E 36 -17.79 36.15 -36.28
N GLY E 37 -18.73 36.41 -35.37
CA GLY E 37 -19.05 35.48 -34.30
C GLY E 37 -20.05 34.42 -34.66
N ASN E 38 -20.48 34.36 -35.92
CA ASN E 38 -21.47 33.40 -36.42
C ASN E 38 -22.77 33.49 -35.63
N TYR E 39 -23.41 34.65 -35.71
CA TYR E 39 -24.68 34.91 -35.06
C TYR E 39 -25.82 35.10 -36.04
N ALA E 40 -25.64 35.94 -37.05
CA ALA E 40 -26.68 36.20 -38.03
C ALA E 40 -26.04 36.52 -39.38
N GLU E 41 -26.85 36.43 -40.43
CA GLU E 41 -26.36 36.77 -41.77
C GLU E 41 -26.00 38.25 -41.86
N ARG E 42 -26.85 39.12 -41.31
CA ARG E 42 -26.61 40.55 -41.29
C ARG E 42 -26.71 41.07 -39.86
N VAL E 43 -26.03 42.18 -39.59
CA VAL E 43 -26.09 42.85 -38.29
C VAL E 43 -26.55 44.28 -38.53
N GLY E 44 -27.58 44.71 -37.81
CA GLY E 44 -28.14 46.02 -38.01
C GLY E 44 -27.23 47.14 -37.56
N ALA E 45 -27.60 48.36 -37.96
CA ALA E 45 -26.79 49.53 -37.61
C ALA E 45 -26.88 49.86 -36.13
N GLY E 46 -28.08 49.78 -35.55
CA GLY E 46 -28.27 50.08 -34.15
C GLY E 46 -27.93 48.96 -33.19
N ALA E 47 -27.67 47.76 -33.70
CA ALA E 47 -27.31 46.64 -32.83
C ALA E 47 -26.00 46.84 -32.08
N PRO E 48 -24.88 47.27 -32.70
CA PRO E 48 -23.68 47.52 -31.87
C PRO E 48 -23.82 48.73 -30.96
N VAL E 49 -24.64 49.72 -31.33
CA VAL E 49 -24.86 50.87 -30.47
C VAL E 49 -25.61 50.46 -29.21
N TYR E 50 -26.63 49.61 -29.36
CA TYR E 50 -27.38 49.12 -28.21
C TYR E 50 -26.52 48.18 -27.36
N LEU E 51 -25.68 47.37 -28.00
CA LEU E 51 -24.85 46.43 -27.27
C LEU E 51 -23.76 47.15 -26.48
N ALA E 52 -23.20 48.22 -27.05
CA ALA E 52 -22.15 48.97 -26.35
C ALA E 52 -22.70 49.73 -25.15
N ALA E 53 -23.93 50.25 -25.26
CA ALA E 53 -24.53 50.99 -24.16
C ALA E 53 -24.84 50.07 -22.99
N VAL E 54 -25.32 48.85 -23.26
CA VAL E 54 -25.59 47.90 -22.19
C VAL E 54 -24.30 47.45 -21.52
N LEU E 55 -23.25 47.18 -22.32
CA LEU E 55 -21.98 46.76 -21.76
C LEU E 55 -21.33 47.86 -20.94
N GLU E 56 -21.53 49.12 -21.34
CA GLU E 56 -20.98 50.24 -20.57
C GLU E 56 -21.68 50.38 -19.23
N TYR E 57 -23.01 50.22 -19.20
CA TYR E 57 -23.75 50.36 -17.96
C TYR E 57 -23.37 49.27 -16.96
N LEU E 58 -23.20 48.04 -17.44
CA LEU E 58 -22.74 46.96 -16.57
C LEU E 58 -21.32 47.21 -16.09
N THR E 59 -20.46 47.73 -16.97
CA THR E 59 -19.09 48.06 -16.57
C THR E 59 -19.08 49.21 -15.55
N ALA E 60 -19.90 50.23 -15.77
CA ALA E 60 -19.91 51.38 -14.87
C ALA E 60 -20.54 51.04 -13.52
N GLU E 61 -21.60 50.22 -13.52
CA GLU E 61 -22.27 49.87 -12.28
C GLU E 61 -21.39 48.99 -11.39
N ILE E 62 -20.68 48.03 -12.00
CA ILE E 62 -19.79 47.16 -11.24
C ILE E 62 -18.62 47.95 -10.67
N LEU E 63 -18.01 48.81 -11.49
CA LEU E 63 -16.83 49.57 -11.05
C LEU E 63 -17.19 50.60 -10.00
N GLU E 64 -18.40 51.19 -10.07
CA GLU E 64 -18.82 52.15 -9.06
C GLU E 64 -18.98 51.48 -7.69
N LEU E 65 -19.59 50.29 -7.67
CA LEU E 65 -19.71 49.56 -6.41
C LEU E 65 -18.37 48.97 -5.97
N ALA E 66 -17.50 48.62 -6.92
CA ALA E 66 -16.16 48.17 -6.57
C ALA E 66 -15.34 49.30 -5.96
N GLY E 67 -15.49 50.52 -6.47
CA GLY E 67 -14.84 51.66 -5.85
C GLY E 67 -15.39 51.97 -4.47
N ASN E 68 -16.70 51.77 -4.29
CA ASN E 68 -17.30 51.90 -2.97
C ASN E 68 -16.76 50.83 -2.01
N ALA E 69 -16.58 49.61 -2.51
CA ALA E 69 -15.97 48.56 -1.70
C ALA E 69 -14.48 48.84 -1.47
N ALA E 70 -13.82 49.48 -2.44
CA ALA E 70 -12.41 49.82 -2.26
C ALA E 70 -12.23 50.90 -1.20
N ARG E 71 -13.15 51.86 -1.13
CA ARG E 71 -13.08 52.91 -0.12
C ARG E 71 -13.60 52.45 1.24
N ASP E 72 -14.29 51.30 1.30
CA ASP E 72 -14.75 50.79 2.58
C ASP E 72 -13.59 50.32 3.44
N ASN E 73 -12.60 49.66 2.84
CA ASN E 73 -11.42 49.18 3.54
C ASN E 73 -10.19 50.05 3.27
N LYS E 74 -10.40 51.30 2.81
CA LYS E 74 -9.35 52.29 2.55
C LYS E 74 -8.31 51.76 1.56
N LYS E 75 -8.77 51.48 0.35
CA LYS E 75 -7.91 51.00 -0.73
C LYS E 75 -8.17 51.82 -1.99
N THR E 76 -7.08 52.19 -2.67
CA THR E 76 -7.18 52.93 -3.92
C THR E 76 -7.17 51.99 -5.13
N ARG E 77 -6.21 51.07 -5.17
CA ARG E 77 -6.15 50.08 -6.24
C ARG E 77 -7.33 49.12 -6.15
N ILE E 78 -7.92 48.81 -7.30
CA ILE E 78 -9.01 47.85 -7.34
C ILE E 78 -8.43 46.44 -7.34
N ILE E 79 -8.85 45.65 -6.36
CA ILE E 79 -8.37 44.28 -6.17
C ILE E 79 -9.52 43.36 -6.57
N PRO E 80 -9.27 42.16 -7.10
CA PRO E 80 -10.38 41.26 -7.48
C PRO E 80 -11.33 40.91 -6.35
N ARG E 81 -10.93 41.07 -5.09
CA ARG E 81 -11.87 40.96 -3.98
C ARG E 81 -12.94 42.05 -4.06
N HIS E 82 -12.54 43.27 -4.45
CA HIS E 82 -13.49 44.36 -4.57
C HIS E 82 -14.52 44.10 -5.67
N LEU E 83 -14.07 43.51 -6.78
CA LEU E 83 -15.01 43.15 -7.85
C LEU E 83 -15.98 42.07 -7.40
N GLN E 84 -15.49 41.08 -6.64
CA GLN E 84 -16.37 40.06 -6.09
C GLN E 84 -17.33 40.66 -5.07
N LEU E 85 -16.85 41.57 -4.22
CA LEU E 85 -17.69 42.20 -3.21
C LEU E 85 -18.77 43.06 -3.85
N ALA E 86 -18.46 43.70 -4.98
CA ALA E 86 -19.44 44.51 -5.68
C ALA E 86 -20.56 43.65 -6.28
N VAL E 87 -20.20 42.48 -6.82
CA VAL E 87 -21.19 41.62 -7.45
C VAL E 87 -22.11 41.00 -6.41
N ARG E 88 -21.54 40.49 -5.31
CA ARG E 88 -22.33 39.75 -4.34
C ARG E 88 -23.23 40.67 -3.51
N ASN E 89 -22.76 41.89 -3.22
CA ASN E 89 -23.56 42.82 -2.42
C ASN E 89 -24.80 43.27 -3.19
N ASP E 90 -24.67 43.55 -4.48
CA ASP E 90 -25.80 43.96 -5.29
C ASP E 90 -26.70 42.77 -5.56
N GLU E 91 -28.01 42.94 -5.34
CA GLU E 91 -28.96 41.85 -5.52
C GLU E 91 -29.11 41.47 -7.00
N GLU E 92 -29.14 42.47 -7.88
CA GLU E 92 -29.25 42.18 -9.31
C GLU E 92 -27.98 41.56 -9.85
N LEU E 93 -26.81 42.02 -9.40
CA LEU E 93 -25.55 41.42 -9.83
C LEU E 93 -25.38 40.02 -9.27
N ASN E 94 -25.93 39.75 -8.08
CA ASN E 94 -25.90 38.40 -7.54
C ASN E 94 -26.78 37.45 -8.35
N LYS E 95 -27.95 37.93 -8.79
CA LYS E 95 -28.84 37.08 -9.58
C LYS E 95 -28.30 36.88 -11.00
N LEU E 96 -27.74 37.94 -11.59
CA LEU E 96 -27.19 37.85 -12.94
C LEU E 96 -25.97 36.95 -12.98
N LEU E 97 -25.12 37.01 -11.96
CA LEU E 97 -23.88 36.23 -11.90
C LEU E 97 -23.94 35.18 -10.79
N GLY E 98 -25.09 34.54 -10.63
CA GLY E 98 -25.22 33.50 -9.62
C GLY E 98 -24.39 32.27 -9.92
N ARG E 99 -24.34 31.87 -11.20
CA ARG E 99 -23.57 30.71 -11.63
C ARG E 99 -22.22 31.11 -12.23
N VAL E 100 -21.63 32.20 -11.73
CA VAL E 100 -20.38 32.75 -12.25
C VAL E 100 -19.34 32.67 -11.14
N THR E 101 -18.19 32.11 -11.46
CA THR E 101 -17.08 31.96 -10.52
C THR E 101 -16.04 33.05 -10.80
N ILE E 102 -15.68 33.80 -9.75
CA ILE E 102 -14.70 34.88 -9.85
C ILE E 102 -13.44 34.43 -9.12
N ALA E 103 -12.32 34.42 -9.85
CA ALA E 103 -11.04 34.02 -9.26
C ALA E 103 -10.53 35.11 -8.32
N GLN E 104 -9.87 34.67 -7.24
CA GLN E 104 -9.30 35.54 -6.21
C GLN E 104 -10.37 36.46 -5.60
N GLY E 105 -11.58 35.93 -5.42
CA GLY E 105 -12.66 36.72 -4.87
C GLY E 105 -13.24 36.16 -3.58
N GLY E 106 -13.18 34.84 -3.42
CA GLY E 106 -13.76 34.23 -2.25
C GLY E 106 -15.28 34.31 -2.25
N VAL E 107 -15.85 34.49 -1.05
CA VAL E 107 -17.28 34.62 -0.86
C VAL E 107 -17.55 35.78 0.08
N LEU E 108 -18.82 36.00 0.39
CA LEU E 108 -19.20 37.09 1.28
C LEU E 108 -18.77 36.77 2.71
N PRO E 109 -18.21 37.74 3.44
CA PRO E 109 -17.82 37.52 4.85
C PRO E 109 -19.01 37.65 5.80
N ASN E 110 -19.91 36.69 5.74
CA ASN E 110 -21.12 36.69 6.56
C ASN E 110 -21.09 35.50 7.52
N ILE E 111 -21.67 35.71 8.70
CA ILE E 111 -21.74 34.70 9.75
C ILE E 111 -23.20 34.47 10.10
N GLN E 112 -23.58 33.21 10.30
CA GLN E 112 -24.94 32.86 10.68
C GLN E 112 -25.25 33.38 12.08
N SER E 113 -26.53 33.67 12.31
CA SER E 113 -26.96 34.19 13.61
C SER E 113 -26.77 33.15 14.71
N VAL E 114 -27.09 31.88 14.43
CA VAL E 114 -26.92 30.83 15.42
C VAL E 114 -25.47 30.40 15.59
N LEU E 115 -24.58 30.83 14.69
CA LEU E 115 -23.18 30.45 14.79
C LEU E 115 -22.49 31.11 15.98
N LEU E 116 -22.88 32.34 16.32
CA LEU E 116 -22.28 33.05 17.44
C LEU E 116 -22.74 32.45 18.77
N LYS F 28 4.28 42.50 -31.58
CA LYS F 28 3.88 41.16 -31.97
C LYS F 28 2.42 41.15 -32.46
N THR F 29 1.77 39.99 -32.33
CA THR F 29 0.37 39.88 -32.73
C THR F 29 -0.51 40.59 -31.71
N ARG F 30 -1.47 41.38 -32.21
CA ARG F 30 -2.39 42.11 -31.36
C ARG F 30 -3.52 41.18 -30.94
N LYS F 31 -3.87 41.22 -29.65
CA LYS F 31 -5.01 40.47 -29.15
C LYS F 31 -6.11 41.42 -28.70
N GLU F 32 -7.36 41.00 -28.94
CA GLU F 32 -8.50 41.85 -28.66
C GLU F 32 -8.86 41.79 -27.18
N SER F 33 -8.92 42.97 -26.54
CA SER F 33 -9.24 43.05 -25.13
C SER F 33 -9.82 44.42 -24.84
N TYR F 34 -10.53 44.52 -23.71
CA TYR F 34 -11.16 45.76 -23.27
C TYR F 34 -10.41 46.36 -22.08
N ALA F 35 -9.07 46.28 -22.12
CA ALA F 35 -8.26 46.73 -20.99
C ALA F 35 -8.35 48.24 -20.79
N ILE F 36 -8.35 49.01 -21.89
CA ILE F 36 -8.38 50.47 -21.77
C ILE F 36 -9.80 51.03 -21.78
N TYR F 37 -10.77 50.32 -22.33
CA TYR F 37 -12.15 50.81 -22.33
C TYR F 37 -12.76 50.72 -20.94
N VAL F 38 -12.46 49.65 -20.21
CA VAL F 38 -12.86 49.56 -18.81
C VAL F 38 -12.15 50.63 -17.98
N TYR F 39 -10.88 50.91 -18.32
CA TYR F 39 -10.15 52.00 -17.67
C TYR F 39 -10.79 53.35 -17.95
N LYS F 40 -11.22 53.58 -19.19
CA LYS F 40 -11.87 54.84 -19.52
C LYS F 40 -13.22 54.99 -18.83
N VAL F 41 -13.95 53.88 -18.69
CA VAL F 41 -15.20 53.90 -17.95
C VAL F 41 -14.93 54.15 -16.46
N LEU F 42 -13.89 53.52 -15.91
CA LEU F 42 -13.57 53.69 -14.50
C LEU F 42 -13.16 55.12 -14.19
N LYS F 43 -12.36 55.74 -15.06
CA LYS F 43 -11.96 57.12 -14.84
C LYS F 43 -13.09 58.11 -15.10
N GLN F 44 -14.15 57.69 -15.77
CA GLN F 44 -15.28 58.59 -16.04
C GLN F 44 -16.07 58.88 -14.76
N VAL F 45 -16.35 57.85 -13.96
CA VAL F 45 -17.12 58.04 -12.74
C VAL F 45 -16.27 58.02 -11.47
N HIS F 46 -15.07 57.41 -11.52
CA HIS F 46 -14.17 57.34 -10.37
C HIS F 46 -12.78 57.78 -10.83
N PRO F 47 -12.54 59.10 -10.91
CA PRO F 47 -11.25 59.59 -11.40
C PRO F 47 -10.14 59.61 -10.36
N ASP F 48 -10.33 58.99 -9.19
CA ASP F 48 -9.32 59.00 -8.14
C ASP F 48 -8.91 57.59 -7.71
N THR F 49 -9.15 56.58 -8.54
CA THR F 49 -8.82 55.20 -8.20
C THR F 49 -8.10 54.53 -9.36
N GLY F 50 -7.42 53.43 -9.04
CA GLY F 50 -6.75 52.62 -10.04
C GLY F 50 -7.29 51.21 -10.07
N ILE F 51 -6.70 50.34 -10.89
CA ILE F 51 -7.17 48.97 -11.01
C ILE F 51 -5.99 48.08 -11.41
N SER F 52 -5.90 46.91 -10.79
CA SER F 52 -4.84 45.96 -11.10
C SER F 52 -5.15 45.20 -12.38
N SER F 53 -4.12 44.54 -12.91
CA SER F 53 -4.29 43.77 -14.14
C SER F 53 -5.13 42.52 -13.92
N LYS F 54 -5.06 41.93 -12.72
CA LYS F 54 -5.90 40.78 -12.41
C LYS F 54 -7.38 41.15 -12.39
N ALA F 55 -7.69 42.32 -11.82
CA ALA F 55 -9.06 42.82 -11.87
C ALA F 55 -9.44 43.27 -13.28
N MET F 56 -8.45 43.75 -14.05
CA MET F 56 -8.71 44.13 -15.45
C MET F 56 -9.10 42.92 -16.29
N SER F 57 -8.43 41.79 -16.08
CA SER F 57 -8.75 40.58 -16.83
C SER F 57 -10.10 40.02 -16.44
N ILE F 58 -10.50 40.16 -15.17
CA ILE F 58 -11.83 39.74 -14.74
C ILE F 58 -12.90 40.58 -15.41
N MET F 59 -12.69 41.90 -15.48
CA MET F 59 -13.63 42.79 -16.16
C MET F 59 -13.67 42.49 -17.66
N ASN F 60 -12.52 42.17 -18.25
CA ASN F 60 -12.49 41.75 -19.64
C ASN F 60 -13.21 40.42 -19.82
N SER F 61 -13.07 39.52 -18.85
CA SER F 61 -13.81 38.26 -18.89
C SER F 61 -15.31 38.50 -18.71
N PHE F 62 -15.66 39.46 -17.85
CA PHE F 62 -17.08 39.77 -17.61
C PHE F 62 -17.72 40.38 -18.86
N VAL F 63 -17.00 41.28 -19.54
CA VAL F 63 -17.55 41.91 -20.74
C VAL F 63 -17.75 40.88 -21.85
N ASN F 64 -16.77 40.00 -22.06
CA ASN F 64 -16.85 39.01 -23.14
C ASN F 64 -17.94 37.98 -22.87
N ASP F 65 -18.12 37.58 -21.61
CA ASP F 65 -19.15 36.61 -21.28
C ASP F 65 -20.55 37.17 -21.50
N VAL F 66 -20.77 38.42 -21.09
CA VAL F 66 -22.06 39.07 -21.34
C VAL F 66 -22.24 39.32 -22.83
N PHE F 67 -21.14 39.63 -23.54
CA PHE F 67 -21.21 39.82 -24.99
C PHE F 67 -21.66 38.56 -25.71
N GLU F 68 -21.14 37.40 -25.29
CA GLU F 68 -21.55 36.14 -25.89
C GLU F 68 -23.00 35.79 -25.53
N ARG F 69 -23.44 36.16 -24.33
CA ARG F 69 -24.79 35.83 -23.91
C ARG F 69 -25.84 36.66 -24.65
N ILE F 70 -25.59 37.97 -24.79
CA ILE F 70 -26.55 38.83 -25.47
C ILE F 70 -26.58 38.55 -26.96
N ALA F 71 -25.41 38.41 -27.58
CA ALA F 71 -25.36 38.12 -29.01
C ALA F 71 -25.88 36.72 -29.32
N GLY F 72 -25.65 35.77 -28.42
CA GLY F 72 -26.23 34.45 -28.58
C GLY F 72 -27.74 34.47 -28.47
N GLU F 73 -28.28 35.27 -27.54
CA GLU F 73 -29.72 35.43 -27.44
C GLU F 73 -30.27 36.20 -28.64
N ALA F 74 -29.55 37.22 -29.10
CA ALA F 74 -29.97 37.97 -30.28
C ALA F 74 -29.93 37.10 -31.53
N SER F 75 -28.94 36.21 -31.62
CA SER F 75 -28.90 35.25 -32.72
C SER F 75 -30.08 34.28 -32.65
N ARG F 76 -30.44 33.84 -31.45
CA ARG F 76 -31.59 32.98 -31.29
C ARG F 76 -32.89 33.73 -31.60
N LEU F 77 -32.98 35.01 -31.19
CA LEU F 77 -34.19 35.78 -31.39
C LEU F 77 -34.48 36.00 -32.87
N ALA F 78 -33.44 36.25 -33.67
CA ALA F 78 -33.62 36.38 -35.11
C ALA F 78 -34.03 35.04 -35.73
N HIS F 79 -33.43 33.94 -35.28
CA HIS F 79 -33.77 32.63 -35.83
C HIS F 79 -35.14 32.16 -35.36
N TYR F 80 -35.57 32.58 -34.17
CA TYR F 80 -36.87 32.16 -33.66
C TYR F 80 -38.02 32.80 -34.42
N ASN F 81 -37.82 34.01 -34.95
CA ASN F 81 -38.82 34.72 -35.72
C ASN F 81 -38.58 34.65 -37.22
N LYS F 82 -37.70 33.75 -37.66
CA LYS F 82 -37.32 33.57 -39.07
C LYS F 82 -36.83 34.88 -39.68
N ARG F 83 -36.01 35.60 -38.92
CA ARG F 83 -35.44 36.87 -39.35
C ARG F 83 -33.94 36.71 -39.57
N SER F 84 -33.42 37.42 -40.57
CA SER F 84 -32.03 37.25 -40.98
C SER F 84 -31.08 38.26 -40.35
N THR F 85 -31.56 39.39 -39.87
CA THR F 85 -30.70 40.43 -39.31
C THR F 85 -31.04 40.67 -37.85
N ILE F 86 -30.03 41.16 -37.13
CA ILE F 86 -30.16 41.51 -35.71
C ILE F 86 -30.20 43.03 -35.61
N THR F 87 -31.34 43.54 -35.14
CA THR F 87 -31.56 44.97 -35.03
C THR F 87 -31.39 45.41 -33.57
N SER F 88 -31.71 46.68 -33.29
CA SER F 88 -31.63 47.19 -31.93
C SER F 88 -32.69 46.58 -31.04
N ARG F 89 -33.83 46.19 -31.61
CA ARG F 89 -34.88 45.53 -30.82
C ARG F 89 -34.46 44.14 -30.38
N GLU F 90 -33.62 43.46 -31.18
CA GLU F 90 -33.08 42.16 -30.78
C GLU F 90 -32.18 42.29 -29.56
N ILE F 91 -31.35 43.34 -29.53
CA ILE F 91 -30.53 43.61 -28.36
C ILE F 91 -31.40 44.06 -27.19
N GLN F 92 -32.44 44.84 -27.48
CA GLN F 92 -33.35 45.30 -26.43
C GLN F 92 -34.11 44.13 -25.81
N THR F 93 -34.54 43.17 -26.63
CA THR F 93 -35.23 42.00 -26.10
C THR F 93 -34.28 41.07 -25.35
N ALA F 94 -33.02 41.00 -25.79
CA ALA F 94 -32.06 40.09 -25.15
C ALA F 94 -31.71 40.53 -23.74
N VAL F 95 -31.54 41.84 -23.52
CA VAL F 95 -31.15 42.32 -22.19
C VAL F 95 -32.30 42.25 -21.20
N ARG F 96 -33.55 42.22 -21.67
CA ARG F 96 -34.66 42.01 -20.75
C ARG F 96 -34.73 40.56 -20.27
N LEU F 97 -34.28 39.62 -21.10
CA LEU F 97 -34.31 38.21 -20.71
C LEU F 97 -33.23 37.89 -19.69
N LEU F 98 -32.03 38.45 -19.87
CA LEU F 98 -30.90 38.16 -18.99
C LEU F 98 -30.92 39.04 -17.73
N LEU F 99 -30.88 40.36 -17.93
CA LEU F 99 -30.90 41.27 -16.79
C LEU F 99 -32.31 41.35 -16.22
N PRO F 100 -32.53 41.03 -14.94
CA PRO F 100 -33.88 41.04 -14.38
C PRO F 100 -34.26 42.35 -13.71
N GLY F 101 -35.49 42.79 -13.99
CA GLY F 101 -36.14 43.85 -13.23
C GLY F 101 -35.50 45.22 -13.25
N GLU F 102 -35.04 45.67 -12.07
CA GLU F 102 -34.55 47.03 -11.90
C GLU F 102 -33.29 47.28 -12.72
N LEU F 103 -32.40 46.29 -12.79
CA LEU F 103 -31.17 46.46 -13.58
C LEU F 103 -31.47 46.47 -15.08
N ALA F 104 -32.61 45.94 -15.49
CA ALA F 104 -32.93 45.88 -16.92
C ALA F 104 -33.33 47.24 -17.47
N LYS F 105 -34.10 48.01 -16.70
CA LYS F 105 -34.67 49.25 -17.23
C LYS F 105 -33.63 50.34 -17.45
N HIS F 106 -32.51 50.31 -16.72
CA HIS F 106 -31.44 51.27 -16.99
C HIS F 106 -30.67 50.89 -18.25
N ALA F 107 -30.49 49.59 -18.50
CA ALA F 107 -29.84 49.14 -19.72
C ALA F 107 -30.69 49.48 -20.94
N VAL F 108 -32.01 49.36 -20.83
CA VAL F 108 -32.91 49.76 -21.91
C VAL F 108 -32.87 51.27 -22.10
N SER F 109 -32.87 52.03 -21.00
CA SER F 109 -32.84 53.49 -21.10
C SER F 109 -31.51 53.99 -21.66
N GLU F 110 -30.40 53.39 -21.23
CA GLU F 110 -29.11 53.76 -21.80
C GLU F 110 -28.99 53.29 -23.24
N GLY F 111 -29.58 52.13 -23.56
CA GLY F 111 -29.57 51.66 -24.94
C GLY F 111 -30.43 52.53 -25.85
N THR F 112 -31.58 52.98 -25.35
CA THR F 112 -32.45 53.83 -26.16
C THR F 112 -31.83 55.21 -26.39
N LYS F 113 -31.20 55.78 -25.35
CA LYS F 113 -30.58 57.09 -25.48
C LYS F 113 -29.32 57.04 -26.33
N ALA F 114 -28.67 55.87 -26.45
CA ALA F 114 -27.52 55.75 -27.32
C ALA F 114 -27.93 55.64 -28.79
N VAL F 115 -29.05 54.95 -29.06
CA VAL F 115 -29.53 54.81 -30.43
C VAL F 115 -30.03 56.14 -30.96
N THR F 116 -30.79 56.89 -30.14
CA THR F 116 -31.31 58.18 -30.58
C THR F 116 -30.19 59.19 -30.79
N LYS F 117 -29.14 59.15 -29.95
CA LYS F 117 -28.00 60.03 -30.15
C LYS F 117 -27.21 59.64 -31.38
N TYR F 118 -27.12 58.33 -31.67
CA TYR F 118 -26.41 57.87 -32.85
C TYR F 118 -27.13 58.27 -34.14
N THR F 119 -28.47 58.18 -34.14
CA THR F 119 -29.23 58.54 -35.34
C THR F 119 -29.28 60.04 -35.54
N SER F 120 -29.20 60.82 -34.47
CA SER F 120 -29.22 62.27 -34.58
C SER F 120 -27.86 62.82 -34.99
N M3L G 36 0.05 28.76 37.71
CA M3L G 36 0.14 28.51 36.29
CB M3L G 36 1.31 27.59 35.94
CG M3L G 36 2.51 27.89 36.81
CD M3L G 36 3.68 26.99 36.42
CE M3L G 36 4.12 27.35 35.00
NZ M3L G 36 5.26 26.56 34.41
C M3L G 36 -1.13 27.88 35.71
O M3L G 36 -1.71 26.93 36.21
CM1 M3L G 36 5.53 26.96 32.99
CM2 M3L G 36 5.01 25.10 34.48
CM3 M3L G 36 6.49 26.86 35.22
N LYS G 37 -1.56 28.46 34.59
CA LYS G 37 -2.77 28.01 33.90
C LYS G 37 -2.70 28.34 32.41
N PRO G 38 -2.88 27.34 31.57
CA PRO G 38 -2.90 27.59 30.12
C PRO G 38 -4.17 28.32 29.71
N HIS G 39 -4.14 28.85 28.48
CA HIS G 39 -5.28 29.59 27.96
C HIS G 39 -6.49 28.69 27.78
N ARG G 40 -6.31 27.56 27.09
CA ARG G 40 -7.32 26.52 26.90
C ARG G 40 -8.59 27.08 26.26
N TYR G 41 -8.43 27.53 25.01
CA TYR G 41 -9.55 28.05 24.24
C TYR G 41 -10.59 26.96 24.02
N ARG G 42 -11.85 27.30 24.29
CA ARG G 42 -12.94 26.38 24.03
C ARG G 42 -13.16 26.23 22.52
N PRO G 43 -13.56 25.05 22.06
CA PRO G 43 -13.79 24.86 20.62
C PRO G 43 -14.93 25.74 20.10
N GLY G 44 -14.75 26.24 18.88
CA GLY G 44 -15.76 27.04 18.24
C GLY G 44 -15.40 28.51 18.07
N THR G 45 -14.77 29.10 19.10
CA THR G 45 -14.42 30.51 19.04
C THR G 45 -13.27 30.75 18.06
N VAL G 46 -12.22 29.92 18.14
CA VAL G 46 -11.14 30.01 17.16
C VAL G 46 -11.63 29.58 15.78
N ALA G 47 -12.59 28.64 15.74
CA ALA G 47 -13.20 28.27 14.47
C ALA G 47 -13.97 29.44 13.87
N LEU G 48 -14.69 30.20 14.70
CA LEU G 48 -15.32 31.43 14.22
C LEU G 48 -14.27 32.47 13.84
N ARG G 49 -13.18 32.53 14.59
CA ARG G 49 -12.09 33.46 14.28
C ARG G 49 -11.42 33.10 12.96
N GLU G 50 -11.22 31.80 12.72
CA GLU G 50 -10.67 31.36 11.44
C GLU G 50 -11.63 31.61 10.29
N ILE G 51 -12.94 31.59 10.56
CA ILE G 51 -13.93 31.92 9.54
C ILE G 51 -13.78 33.38 9.12
N ARG G 52 -13.64 34.27 10.10
CA ARG G 52 -13.52 35.70 9.79
C ARG G 52 -12.18 36.01 9.12
N ARG G 53 -11.13 35.28 9.48
CA ARG G 53 -9.80 35.54 8.90
C ARG G 53 -9.73 35.07 7.45
N TYR G 54 -10.42 33.99 7.11
CA TYR G 54 -10.34 33.42 5.76
C TYR G 54 -11.42 33.95 4.82
N GLN G 55 -12.56 34.39 5.34
CA GLN G 55 -13.58 34.98 4.47
C GLN G 55 -13.17 36.36 3.97
N LYS G 56 -12.40 37.09 4.76
CA LYS G 56 -11.87 38.39 4.34
C LYS G 56 -10.54 38.28 3.61
N SER G 57 -9.98 37.07 3.51
CA SER G 57 -8.69 36.87 2.86
C SER G 57 -8.88 36.75 1.34
N THR G 58 -7.76 36.63 0.63
CA THR G 58 -7.77 36.58 -0.82
C THR G 58 -6.99 35.36 -1.30
N GLU G 59 -5.92 35.00 -0.58
CA GLU G 59 -5.00 33.96 -1.00
C GLU G 59 -5.67 32.59 -1.02
N LEU G 60 -5.08 31.68 -1.79
CA LEU G 60 -5.63 30.35 -1.99
C LEU G 60 -5.18 29.42 -0.86
N LEU G 61 -6.13 28.70 -0.28
CA LEU G 61 -5.86 27.87 0.88
C LEU G 61 -5.10 26.60 0.50
N ILE G 62 -5.52 25.91 -0.56
CA ILE G 62 -4.86 24.67 -0.97
C ILE G 62 -3.57 25.00 -1.70
N ARG G 63 -2.49 24.31 -1.33
CA ARG G 63 -1.20 24.54 -1.95
C ARG G 63 -1.20 24.09 -3.41
N LYS G 64 -0.33 24.71 -4.21
CA LYS G 64 -0.35 24.47 -5.66
C LYS G 64 0.17 23.08 -6.00
N LEU G 65 1.30 22.68 -5.40
CA LEU G 65 1.92 21.41 -5.77
C LEU G 65 1.08 20.18 -5.45
N PRO G 66 0.44 20.03 -4.27
CA PRO G 66 -0.48 18.89 -4.10
C PRO G 66 -1.66 18.89 -5.05
N PHE G 67 -2.18 20.08 -5.41
CA PHE G 67 -3.30 20.12 -6.35
C PHE G 67 -2.84 19.86 -7.77
N GLN G 68 -1.63 20.31 -8.12
CA GLN G 68 -1.12 20.10 -9.48
C GLN G 68 -0.87 18.62 -9.75
N ARG G 69 -0.31 17.90 -8.77
CA ARG G 69 -0.04 16.48 -8.95
C ARG G 69 -1.31 15.66 -9.02
N LEU G 70 -2.38 16.11 -8.35
CA LEU G 70 -3.66 15.42 -8.44
C LEU G 70 -4.28 15.56 -9.83
N VAL G 71 -4.07 16.70 -10.48
CA VAL G 71 -4.60 16.93 -11.82
C VAL G 71 -3.95 15.98 -12.83
N ARG G 72 -2.62 15.83 -12.73
CA ARG G 72 -1.91 14.96 -13.66
C ARG G 72 -2.27 13.49 -13.44
N GLU G 73 -2.49 13.08 -12.20
CA GLU G 73 -2.88 11.70 -11.91
C GLU G 73 -4.25 11.38 -12.49
N ILE G 74 -5.19 12.33 -12.38
CA ILE G 74 -6.52 12.12 -12.95
C ILE G 74 -6.46 12.12 -14.47
N ALA G 75 -5.69 13.05 -15.04
CA ALA G 75 -5.62 13.15 -16.50
C ALA G 75 -4.86 11.99 -17.13
N GLN G 76 -3.98 11.34 -16.37
CA GLN G 76 -3.23 10.21 -16.91
C GLN G 76 -4.10 8.98 -17.11
N ASP G 77 -5.26 8.91 -16.45
CA ASP G 77 -6.20 7.82 -16.68
C ASP G 77 -7.02 8.03 -17.94
N PHE G 78 -7.05 9.25 -18.47
CA PHE G 78 -7.78 9.56 -19.69
C PHE G 78 -6.88 9.67 -20.92
N LYS G 79 -5.73 10.33 -20.79
CA LYS G 79 -4.79 10.46 -21.89
C LYS G 79 -3.38 10.62 -21.33
N THR G 80 -2.48 9.75 -21.76
CA THR G 80 -1.10 9.81 -21.29
C THR G 80 -0.32 10.89 -22.04
N ASP G 81 0.85 11.23 -21.48
CA ASP G 81 1.75 12.25 -22.02
C ASP G 81 1.05 13.60 -22.20
N LEU G 82 0.32 14.00 -21.17
CA LEU G 82 -0.45 15.24 -21.18
C LEU G 82 0.18 16.23 -20.20
N ARG G 83 0.35 17.47 -20.64
CA ARG G 83 0.94 18.52 -19.84
C ARG G 83 -0.09 19.63 -19.59
N PHE G 84 0.04 20.30 -18.45
CA PHE G 84 -0.80 21.43 -18.12
C PHE G 84 0.07 22.65 -17.84
N GLN G 85 -0.35 23.80 -18.35
CA GLN G 85 0.37 25.04 -18.14
C GLN G 85 0.22 25.50 -16.69
N SER G 86 1.11 26.43 -16.29
CA SER G 86 1.04 26.98 -14.94
C SER G 86 -0.25 27.78 -14.73
N SER G 87 -0.66 28.55 -15.74
CA SER G 87 -1.93 29.26 -15.65
C SER G 87 -3.11 28.31 -15.81
N ALA G 88 -2.92 27.18 -16.51
CA ALA G 88 -4.00 26.21 -16.65
C ALA G 88 -4.32 25.55 -15.32
N VAL G 89 -3.29 25.18 -14.55
CA VAL G 89 -3.52 24.66 -13.20
C VAL G 89 -4.05 25.77 -12.30
N MET G 90 -3.59 27.01 -12.51
CA MET G 90 -4.05 28.14 -11.71
C MET G 90 -5.54 28.39 -11.93
N ALA G 91 -6.00 28.30 -13.18
CA ALA G 91 -7.41 28.46 -13.46
C ALA G 91 -8.24 27.30 -12.91
N LEU G 92 -7.70 26.08 -12.99
CA LEU G 92 -8.39 24.92 -12.46
C LEU G 92 -8.48 24.94 -10.95
N GLN G 93 -7.47 25.50 -10.28
CA GLN G 93 -7.45 25.49 -8.82
C GLN G 93 -8.44 26.49 -8.24
N GLU G 94 -8.55 27.68 -8.87
CA GLU G 94 -9.47 28.69 -8.38
C GLU G 94 -10.92 28.26 -8.51
N ALA G 95 -11.26 27.60 -9.62
CA ALA G 95 -12.64 27.13 -9.80
C ALA G 95 -12.96 25.97 -8.86
N SER G 96 -11.96 25.14 -8.54
CA SER G 96 -12.19 24.01 -7.65
C SER G 96 -12.46 24.47 -6.22
N GLU G 97 -11.73 25.49 -5.76
CA GLU G 97 -11.96 26.02 -4.42
C GLU G 97 -13.32 26.69 -4.31
N ALA G 98 -13.69 27.49 -5.31
CA ALA G 98 -14.97 28.20 -5.27
C ALA G 98 -16.15 27.24 -5.33
N TYR G 99 -16.02 26.18 -6.14
CA TYR G 99 -17.06 25.16 -6.17
C TYR G 99 -17.15 24.41 -4.85
N LEU G 100 -16.00 24.11 -4.23
CA LEU G 100 -16.02 23.41 -2.95
C LEU G 100 -16.47 24.32 -1.81
N VAL G 101 -16.14 25.61 -1.88
CA VAL G 101 -16.60 26.55 -0.88
C VAL G 101 -18.11 26.72 -0.96
N ALA G 102 -18.65 26.87 -2.18
CA ALA G 102 -20.09 27.01 -2.36
C ALA G 102 -20.83 25.75 -1.92
N LEU G 103 -20.21 24.59 -2.10
CA LEU G 103 -20.76 23.37 -1.53
C LEU G 103 -20.68 23.38 -0.01
N PHE G 104 -19.61 23.98 0.53
CA PHE G 104 -19.44 24.02 1.99
C PHE G 104 -20.43 24.98 2.64
N GLU G 105 -20.75 26.09 1.96
CA GLU G 105 -21.78 26.99 2.48
C GLU G 105 -23.15 26.31 2.49
N ASP G 106 -23.48 25.59 1.42
CA ASP G 106 -24.74 24.86 1.38
C ASP G 106 -24.76 23.72 2.38
N THR G 107 -23.60 23.11 2.65
CA THR G 107 -23.51 22.10 3.71
C THR G 107 -23.71 22.74 5.08
N ASN G 108 -23.25 23.98 5.26
CA ASN G 108 -23.35 24.63 6.56
C ASN G 108 -24.79 25.00 6.89
N LEU G 109 -25.52 25.59 5.93
CA LEU G 109 -26.90 25.96 6.19
C LEU G 109 -27.83 24.75 6.24
N ALA G 110 -27.41 23.61 5.66
CA ALA G 110 -28.18 22.39 5.83
C ALA G 110 -28.06 21.85 7.25
N ALA G 111 -26.91 22.06 7.90
CA ALA G 111 -26.73 21.59 9.26
C ALA G 111 -27.59 22.36 10.25
N ILE G 112 -27.61 23.70 10.14
CA ILE G 112 -28.43 24.50 11.03
C ILE G 112 -29.91 24.34 10.73
N HIS G 113 -30.25 23.92 9.51
CA HIS G 113 -31.63 23.54 9.21
C HIS G 113 -32.03 22.29 9.97
N ALA G 114 -31.11 21.36 10.16
CA ALA G 114 -31.35 20.12 10.88
C ALA G 114 -31.09 20.24 12.38
N LYS G 115 -31.06 21.48 12.90
CA LYS G 115 -30.77 21.77 14.31
C LYS G 115 -29.43 21.18 14.74
N ARG G 116 -28.43 21.33 13.88
CA ARG G 116 -27.11 20.74 14.10
C ARG G 116 -26.04 21.81 13.85
N VAL G 117 -24.93 21.67 14.55
CA VAL G 117 -23.79 22.56 14.38
C VAL G 117 -22.70 21.97 13.50
N THR G 118 -22.38 20.69 13.66
CA THR G 118 -21.29 20.04 12.94
C THR G 118 -21.83 19.45 11.65
N ILE G 119 -21.12 19.69 10.55
CA ILE G 119 -21.51 19.13 9.26
C ILE G 119 -21.28 17.62 9.25
N MET G 120 -21.99 16.92 8.39
CA MET G 120 -21.92 15.48 8.26
C MET G 120 -21.72 15.09 6.80
N PRO G 121 -21.13 13.92 6.54
CA PRO G 121 -21.02 13.46 5.15
C PRO G 121 -22.36 13.26 4.45
N LYS G 122 -23.42 12.94 5.20
CA LYS G 122 -24.74 12.84 4.58
C LYS G 122 -25.28 14.21 4.17
N ASP G 123 -24.78 15.28 4.78
CA ASP G 123 -25.19 16.62 4.37
C ASP G 123 -24.63 16.97 2.99
N ILE G 124 -23.41 16.52 2.69
CA ILE G 124 -22.81 16.75 1.39
C ILE G 124 -23.57 15.99 0.31
N GLN G 125 -23.94 14.74 0.60
CA GLN G 125 -24.73 13.94 -0.35
C GLN G 125 -26.09 14.57 -0.60
N LEU G 126 -26.66 15.21 0.43
CA LEU G 126 -27.91 15.93 0.26
C LEU G 126 -27.73 17.14 -0.66
N ALA G 127 -26.61 17.85 -0.51
CA ALA G 127 -26.37 19.05 -1.31
C ALA G 127 -26.17 18.72 -2.78
N ARG G 128 -25.49 17.61 -3.08
CA ARG G 128 -25.24 17.23 -4.46
C ARG G 128 -26.53 16.85 -5.18
N ARG G 129 -27.42 16.14 -4.49
CA ARG G 129 -28.68 15.70 -5.11
C ARG G 129 -29.60 16.88 -5.41
N ILE G 130 -29.70 17.83 -4.48
CA ILE G 130 -30.56 19.00 -4.67
C ILE G 130 -30.00 19.87 -5.79
N ARG G 131 -28.69 20.05 -5.84
CA ARG G 131 -28.06 20.84 -6.89
C ARG G 131 -28.09 20.14 -8.25
N GLY G 132 -28.45 18.86 -8.31
CA GLY G 132 -28.47 18.15 -9.57
C GLY G 132 -27.13 17.63 -10.02
N GLU G 133 -26.12 17.64 -9.16
CA GLU G 133 -24.79 17.18 -9.52
C GLU G 133 -24.46 15.86 -8.83
N LEU H 22 2.36 8.07 -10.89
CA LEU H 22 1.62 8.90 -9.94
C LEU H 22 0.50 8.11 -9.29
N ARG H 23 0.64 7.81 -8.01
CA ARG H 23 -0.35 7.05 -7.25
C ARG H 23 -0.58 7.72 -5.90
N ASP H 24 -1.78 7.47 -5.35
CA ASP H 24 -2.20 8.00 -4.05
C ASP H 24 -2.14 9.53 -4.02
N ASN H 25 -2.54 10.16 -5.12
CA ASN H 25 -2.51 11.61 -5.23
C ASN H 25 -3.76 12.28 -4.69
N ILE H 26 -4.79 11.50 -4.32
CA ILE H 26 -5.98 12.08 -3.71
C ILE H 26 -5.71 12.54 -2.29
N GLN H 27 -4.62 12.05 -1.67
CA GLN H 27 -4.21 12.48 -0.35
C GLN H 27 -3.48 13.81 -0.36
N GLY H 28 -3.24 14.39 -1.54
CA GLY H 28 -2.62 15.71 -1.61
C GLY H 28 -3.47 16.79 -0.98
N ILE H 29 -4.79 16.70 -1.11
CA ILE H 29 -5.69 17.61 -0.44
C ILE H 29 -5.71 17.25 1.03
N THR H 30 -4.95 17.99 1.83
CA THR H 30 -4.71 17.62 3.23
C THR H 30 -5.93 17.94 4.09
N LYS H 31 -5.91 17.40 5.30
CA LYS H 31 -7.03 17.57 6.23
C LYS H 31 -7.28 19.02 6.64
N PRO H 32 -6.27 19.83 7.04
CA PRO H 32 -6.57 21.24 7.31
C PRO H 32 -6.83 22.06 6.08
N ALA H 33 -6.39 21.62 4.89
CA ALA H 33 -6.74 22.31 3.66
C ALA H 33 -8.24 22.25 3.40
N ILE H 34 -8.85 21.08 3.67
CA ILE H 34 -10.30 20.98 3.64
C ILE H 34 -10.92 21.81 4.76
N ARG H 35 -10.28 21.81 5.93
CA ARG H 35 -10.76 22.63 7.04
C ARG H 35 -10.69 24.12 6.71
N ARG H 36 -9.61 24.55 6.05
CA ARG H 36 -9.50 25.94 5.62
C ARG H 36 -10.57 26.30 4.61
N LEU H 37 -10.87 25.37 3.69
CA LEU H 37 -11.93 25.60 2.71
C LEU H 37 -13.29 25.76 3.39
N ALA H 38 -13.55 24.95 4.42
CA ALA H 38 -14.81 25.06 5.13
C ALA H 38 -14.87 26.30 6.01
N ARG H 39 -13.71 26.78 6.48
CA ARG H 39 -13.68 28.07 7.18
C ARG H 39 -14.06 29.21 6.26
N ARG H 40 -13.70 29.13 4.98
CA ARG H 40 -14.15 30.11 4.00
C ARG H 40 -15.66 30.01 3.77
N GLY H 41 -16.21 28.80 3.90
CA GLY H 41 -17.64 28.58 3.76
C GLY H 41 -18.46 28.84 4.99
N GLY H 42 -17.84 29.29 6.08
CA GLY H 42 -18.57 29.57 7.30
C GLY H 42 -18.99 28.34 8.09
N VAL H 43 -18.28 27.23 7.91
CA VAL H 43 -18.61 25.99 8.61
C VAL H 43 -18.04 26.06 10.02
N LYS H 44 -18.89 25.81 11.02
CA LYS H 44 -18.46 25.89 12.42
C LYS H 44 -17.56 24.72 12.80
N ARG H 45 -18.09 23.50 12.71
CA ARG H 45 -17.35 22.30 13.05
C ARG H 45 -17.39 21.32 11.89
N ILE H 46 -16.30 20.55 11.75
CA ILE H 46 -16.12 19.65 10.62
C ILE H 46 -15.97 18.23 11.16
N SER H 47 -16.79 17.32 10.66
CA SER H 47 -16.69 15.92 11.07
C SER H 47 -15.45 15.26 10.46
N GLY H 48 -15.01 14.18 11.10
CA GLY H 48 -13.86 13.44 10.61
C GLY H 48 -14.11 12.68 9.33
N LEU H 49 -15.36 12.32 9.05
CA LEU H 49 -15.73 11.64 7.82
C LEU H 49 -15.97 12.61 6.67
N ILE H 50 -15.92 13.91 6.93
CA ILE H 50 -16.15 14.91 5.88
C ILE H 50 -14.99 14.91 4.89
N TYR H 51 -13.76 14.79 5.40
CA TYR H 51 -12.56 14.91 4.55
C TYR H 51 -12.52 13.80 3.49
N GLU H 52 -12.87 12.57 3.87
CA GLU H 52 -12.89 11.49 2.90
C GLU H 52 -14.02 11.66 1.89
N GLU H 53 -15.12 12.29 2.29
CA GLU H 53 -16.25 12.47 1.40
C GLU H 53 -15.96 13.51 0.32
N THR H 54 -15.39 14.66 0.72
CA THR H 54 -15.17 15.74 -0.24
C THR H 54 -14.01 15.43 -1.18
N ARG H 55 -13.10 14.53 -0.79
CA ARG H 55 -12.04 14.10 -1.70
C ARG H 55 -12.62 13.35 -2.88
N GLY H 56 -13.61 12.49 -2.64
CA GLY H 56 -14.32 11.87 -3.75
C GLY H 56 -15.15 12.87 -4.54
N VAL H 57 -15.74 13.85 -3.87
CA VAL H 57 -16.50 14.89 -4.54
C VAL H 57 -15.57 15.74 -5.42
N LEU H 58 -14.40 16.11 -4.89
CA LEU H 58 -13.43 16.85 -5.70
C LEU H 58 -12.89 16.01 -6.84
N LYS H 59 -12.70 14.71 -6.60
CA LYS H 59 -12.24 13.82 -7.67
C LYS H 59 -13.28 13.69 -8.77
N VAL H 60 -14.56 13.59 -8.39
CA VAL H 60 -15.63 13.51 -9.39
C VAL H 60 -15.72 14.82 -10.18
N PHE H 61 -15.63 15.96 -9.48
CA PHE H 61 -15.67 17.26 -10.15
C PHE H 61 -14.46 17.45 -11.05
N LEU H 62 -13.28 17.00 -10.61
CA LEU H 62 -12.10 17.11 -11.45
C LEU H 62 -12.14 16.13 -12.62
N GLU H 63 -12.79 14.97 -12.45
CA GLU H 63 -12.89 13.99 -13.53
C GLU H 63 -13.82 14.44 -14.65
N ASN H 64 -14.61 15.49 -14.46
CA ASN H 64 -15.49 16.01 -15.49
C ASN H 64 -14.91 17.23 -16.21
N VAL H 65 -14.30 18.16 -15.46
CA VAL H 65 -13.74 19.36 -16.08
C VAL H 65 -12.50 19.02 -16.89
N ILE H 66 -11.62 18.17 -16.34
CA ILE H 66 -10.40 17.80 -17.05
C ILE H 66 -10.71 16.96 -18.28
N ARG H 67 -11.68 16.04 -18.16
CA ARG H 67 -12.10 15.24 -19.31
C ARG H 67 -12.70 16.12 -20.40
N ASP H 68 -13.50 17.11 -20.02
CA ASP H 68 -13.99 18.08 -20.99
C ASP H 68 -12.85 18.90 -21.57
N ALA H 69 -11.87 19.28 -20.75
CA ALA H 69 -10.70 19.99 -21.24
C ALA H 69 -9.81 19.11 -22.09
N VAL H 70 -9.83 17.79 -21.85
CA VAL H 70 -9.07 16.87 -22.69
C VAL H 70 -9.65 16.86 -24.10
N THR H 71 -10.98 16.85 -24.23
CA THR H 71 -11.60 16.90 -25.55
C THR H 71 -11.35 18.25 -26.22
N TYR H 72 -11.32 19.33 -25.44
CA TYR H 72 -10.96 20.64 -25.98
C TYR H 72 -9.53 20.66 -26.48
N THR H 73 -8.61 20.01 -25.76
CA THR H 73 -7.21 20.00 -26.15
C THR H 73 -6.99 19.11 -27.38
N GLU H 74 -7.65 17.95 -27.43
CA GLU H 74 -7.48 17.06 -28.57
C GLU H 74 -8.13 17.61 -29.84
N HIS H 75 -9.14 18.46 -29.69
CA HIS H 75 -9.80 19.04 -30.86
C HIS H 75 -8.92 20.05 -31.57
N ALA H 76 -8.03 20.71 -30.83
CA ALA H 76 -7.15 21.73 -31.40
C ALA H 76 -5.81 21.16 -31.85
N LYS H 77 -5.66 19.83 -31.83
CA LYS H 77 -4.41 19.15 -32.16
C LYS H 77 -3.26 19.64 -31.29
N ARG H 78 -3.54 19.83 -30.00
CA ARG H 78 -2.57 20.31 -29.03
C ARG H 78 -2.30 19.23 -28.00
N LYS H 79 -1.07 19.21 -27.49
CA LYS H 79 -0.66 18.22 -26.50
C LYS H 79 -0.68 18.76 -25.07
N THR H 80 -0.71 20.07 -24.88
CA THR H 80 -0.78 20.68 -23.56
C THR H 80 -2.13 21.38 -23.40
N VAL H 81 -2.78 21.15 -22.26
CA VAL H 81 -4.06 21.77 -21.97
C VAL H 81 -3.83 23.22 -21.58
N THR H 82 -4.46 24.14 -22.30
CA THR H 82 -4.33 25.56 -22.02
C THR H 82 -5.38 26.02 -21.02
N ALA H 83 -5.15 27.21 -20.46
CA ALA H 83 -6.14 27.81 -19.57
C ALA H 83 -7.39 28.24 -20.31
N MET H 84 -7.29 28.49 -21.61
CA MET H 84 -8.48 28.80 -22.41
C MET H 84 -9.43 27.61 -22.46
N ASP H 85 -8.89 26.40 -22.61
CA ASP H 85 -9.73 25.20 -22.66
C ASP H 85 -10.34 24.89 -21.30
N VAL H 86 -9.67 25.27 -20.21
CA VAL H 86 -10.23 25.08 -18.87
C VAL H 86 -11.46 25.97 -18.69
N VAL H 87 -11.38 27.21 -19.17
CA VAL H 87 -12.51 28.14 -19.05
C VAL H 87 -13.71 27.64 -19.85
N TYR H 88 -13.47 27.18 -21.07
CA TYR H 88 -14.57 26.68 -21.90
C TYR H 88 -15.17 25.40 -21.34
N ALA H 89 -14.36 24.55 -20.71
CA ALA H 89 -14.88 23.35 -20.07
C ALA H 89 -15.78 23.70 -18.90
N LEU H 90 -15.42 24.72 -18.13
CA LEU H 90 -16.25 25.17 -17.02
C LEU H 90 -17.45 26.00 -17.49
N LYS H 91 -17.35 26.62 -18.66
CA LYS H 91 -18.42 27.49 -19.15
C LYS H 91 -19.62 26.68 -19.61
N ARG H 92 -19.38 25.53 -20.24
CA ARG H 92 -20.47 24.75 -20.81
C ARG H 92 -21.32 24.07 -19.74
N GLN H 93 -20.81 23.95 -18.50
CA GLN H 93 -21.56 23.37 -17.41
C GLN H 93 -22.16 24.42 -16.48
N GLY H 94 -22.18 25.68 -16.90
CA GLY H 94 -22.74 26.74 -16.08
C GLY H 94 -21.90 27.12 -14.89
N ARG H 95 -20.58 27.02 -15.00
CA ARG H 95 -19.64 27.36 -13.93
C ARG H 95 -18.51 28.21 -14.49
N THR H 96 -18.86 29.26 -15.24
CA THR H 96 -17.89 30.08 -15.95
C THR H 96 -16.95 30.79 -14.98
N LEU H 97 -15.67 30.83 -15.35
CA LEU H 97 -14.62 31.41 -14.53
C LEU H 97 -14.15 32.72 -15.14
N TYR H 98 -14.06 33.75 -14.30
CA TYR H 98 -13.58 35.06 -14.73
C TYR H 98 -12.12 35.23 -14.33
N GLY H 99 -11.34 35.87 -15.19
CA GLY H 99 -9.93 36.09 -14.95
C GLY H 99 -9.02 34.98 -15.41
N PHE H 100 -9.57 33.88 -15.95
CA PHE H 100 -8.82 32.74 -16.45
C PHE H 100 -7.87 32.14 -15.41
N ARG I 11 -27.88 13.98 -65.05
CA ARG I 11 -28.69 13.62 -63.90
C ARG I 11 -28.80 12.11 -63.76
N ALA I 12 -28.03 11.54 -62.84
CA ALA I 12 -28.04 10.11 -62.59
C ALA I 12 -29.16 9.78 -61.59
N LYS I 13 -29.14 8.55 -61.08
CA LYS I 13 -30.14 8.13 -60.11
C LYS I 13 -29.97 8.88 -58.80
N ALA I 14 -31.08 9.37 -58.24
CA ALA I 14 -31.08 10.15 -57.02
C ALA I 14 -31.11 9.19 -55.83
N LYS I 15 -29.97 9.07 -55.16
CA LYS I 15 -29.84 8.23 -53.97
C LYS I 15 -29.56 9.11 -52.77
N THR I 16 -30.35 8.95 -51.72
CA THR I 16 -30.20 9.76 -50.52
C THR I 16 -28.91 9.41 -49.79
N ARG I 17 -28.33 10.41 -49.12
CA ARG I 17 -27.08 10.20 -48.41
C ARG I 17 -27.24 9.30 -47.19
N SER I 18 -28.45 9.19 -46.65
CA SER I 18 -28.69 8.32 -45.49
C SER I 18 -28.56 6.85 -45.88
N SER I 19 -29.07 6.48 -47.05
CA SER I 19 -29.00 5.08 -47.48
C SER I 19 -27.58 4.64 -47.78
N ARG I 20 -26.74 5.55 -48.29
CA ARG I 20 -25.34 5.22 -48.53
C ARG I 20 -24.58 5.02 -47.23
N ALA I 21 -24.93 5.77 -46.18
CA ALA I 21 -24.27 5.66 -44.89
C ALA I 21 -24.94 4.66 -43.96
N GLY I 22 -25.99 3.97 -44.42
CA GLY I 22 -26.69 3.01 -43.58
C GLY I 22 -27.42 3.61 -42.41
N LEU I 23 -28.13 4.71 -42.62
CA LEU I 23 -28.85 5.40 -41.57
C LEU I 23 -30.27 5.73 -42.05
N GLN I 24 -31.15 5.96 -41.09
CA GLN I 24 -32.53 6.36 -41.38
C GLN I 24 -32.76 7.85 -41.23
N PHE I 25 -31.97 8.53 -40.39
CA PHE I 25 -32.11 9.96 -40.22
C PHE I 25 -31.61 10.70 -41.46
N PRO I 26 -32.24 11.81 -41.83
CA PRO I 26 -31.85 12.49 -43.08
C PRO I 26 -30.52 13.23 -42.92
N VAL I 27 -29.62 12.99 -43.88
CA VAL I 27 -28.36 13.73 -43.89
C VAL I 27 -28.56 15.11 -44.51
N GLY I 28 -29.37 15.20 -45.56
CA GLY I 28 -29.58 16.48 -46.22
C GLY I 28 -30.33 17.49 -45.38
N ARG I 29 -31.34 17.02 -44.63
CA ARG I 29 -32.11 17.92 -43.77
C ARG I 29 -31.27 18.44 -42.62
N VAL I 30 -30.43 17.58 -42.03
CA VAL I 30 -29.53 18.01 -40.98
C VAL I 30 -28.51 19.01 -41.52
N HIS I 31 -27.98 18.75 -42.73
CA HIS I 31 -27.04 19.67 -43.35
C HIS I 31 -27.70 21.01 -43.69
N ARG I 32 -28.97 20.97 -44.10
CA ARG I 32 -29.68 22.21 -44.43
C ARG I 32 -29.93 23.05 -43.18
N LEU I 33 -30.27 22.41 -42.06
CA LEU I 33 -30.48 23.15 -40.82
C LEU I 33 -29.17 23.72 -40.29
N LEU I 34 -28.05 23.03 -40.53
CA LEU I 34 -26.75 23.56 -40.11
C LEU I 34 -26.36 24.77 -40.94
N ARG I 35 -26.71 24.78 -42.23
CA ARG I 35 -26.36 25.90 -43.09
C ARG I 35 -27.18 27.14 -42.76
N LYS I 36 -28.47 26.97 -42.54
CA LYS I 36 -29.38 28.09 -42.26
C LYS I 36 -29.49 28.41 -40.78
N GLY I 37 -28.85 27.63 -39.91
CA GLY I 37 -28.90 27.85 -38.48
C GLY I 37 -27.94 28.90 -37.96
N ASN I 38 -27.16 29.53 -38.84
CA ASN I 38 -26.18 30.56 -38.49
C ASN I 38 -25.18 30.04 -37.45
N TYR I 39 -24.63 28.85 -37.71
CA TYR I 39 -23.67 28.21 -36.82
C TYR I 39 -22.23 28.39 -37.28
N ALA I 40 -21.96 28.19 -38.56
CA ALA I 40 -20.61 28.34 -39.08
C ALA I 40 -20.68 28.71 -40.55
N GLU I 41 -19.57 29.26 -41.06
CA GLU I 41 -19.48 29.61 -42.48
C GLU I 41 -19.49 28.35 -43.35
N ARG I 42 -18.80 27.31 -42.91
CA ARG I 42 -18.71 26.07 -43.67
C ARG I 42 -19.11 24.88 -42.81
N VAL I 43 -19.85 23.95 -43.40
CA VAL I 43 -20.25 22.71 -42.75
C VAL I 43 -19.78 21.55 -43.62
N GLY I 44 -19.00 20.63 -43.03
CA GLY I 44 -18.38 19.57 -43.80
C GLY I 44 -19.37 18.53 -44.28
N ALA I 45 -18.86 17.59 -45.07
CA ALA I 45 -19.69 16.53 -45.61
C ALA I 45 -20.07 15.51 -44.53
N GLY I 46 -19.12 15.13 -43.69
CA GLY I 46 -19.38 14.15 -42.65
C GLY I 46 -20.03 14.70 -41.40
N ALA I 47 -20.12 16.02 -41.26
CA ALA I 47 -20.77 16.61 -40.10
C ALA I 47 -22.26 16.27 -40.01
N PRO I 48 -23.07 16.37 -41.07
CA PRO I 48 -24.44 15.84 -40.95
C PRO I 48 -24.50 14.33 -40.85
N VAL I 49 -23.52 13.62 -41.43
CA VAL I 49 -23.48 12.17 -41.31
C VAL I 49 -23.21 11.76 -39.85
N TYR I 50 -22.27 12.45 -39.20
CA TYR I 50 -21.99 12.18 -37.79
C TYR I 50 -23.17 12.58 -36.91
N LEU I 51 -23.81 13.72 -37.22
CA LEU I 51 -24.93 14.19 -36.42
C LEU I 51 -26.14 13.27 -36.57
N ALA I 52 -26.39 12.76 -37.77
CA ALA I 52 -27.51 11.84 -37.98
C ALA I 52 -27.27 10.51 -37.27
N ALA I 53 -26.04 10.01 -37.30
CA ALA I 53 -25.73 8.73 -36.66
C ALA I 53 -25.88 8.80 -35.14
N VAL I 54 -25.44 9.90 -34.54
CA VAL I 54 -25.59 10.08 -33.10
C VAL I 54 -27.05 10.25 -32.73
N LEU I 55 -27.80 11.03 -33.52
CA LEU I 55 -29.22 11.22 -33.26
C LEU I 55 -30.01 9.93 -33.48
N GLU I 56 -29.59 9.11 -34.46
CA GLU I 56 -30.24 7.82 -34.67
C GLU I 56 -30.00 6.89 -33.49
N TYR I 57 -28.77 6.86 -32.96
CA TYR I 57 -28.47 6.03 -31.81
C TYR I 57 -29.22 6.50 -30.56
N LEU I 58 -29.31 7.82 -30.37
CA LEU I 58 -30.07 8.35 -29.25
C LEU I 58 -31.56 8.04 -29.40
N THR I 59 -32.08 8.11 -30.63
CA THR I 59 -33.46 7.71 -30.89
C THR I 59 -33.66 6.22 -30.65
N ALA I 60 -32.72 5.39 -31.11
CA ALA I 60 -32.87 3.95 -30.98
C ALA I 60 -32.71 3.49 -29.53
N GLU I 61 -31.84 4.15 -28.77
CA GLU I 61 -31.62 3.76 -27.37
C GLU I 61 -32.84 4.07 -26.52
N ILE I 62 -33.45 5.24 -26.70
CA ILE I 62 -34.60 5.63 -25.90
C ILE I 62 -35.81 4.77 -26.23
N LEU I 63 -36.07 4.57 -27.53
CA LEU I 63 -37.22 3.78 -27.94
C LEU I 63 -37.09 2.31 -27.54
N GLU I 64 -35.86 1.81 -27.41
CA GLU I 64 -35.65 0.46 -26.92
C GLU I 64 -36.05 0.34 -25.45
N LEU I 65 -35.62 1.30 -24.64
CA LEU I 65 -36.01 1.30 -23.23
C LEU I 65 -37.48 1.68 -23.05
N ALA I 66 -38.00 2.56 -23.90
CA ALA I 66 -39.42 2.88 -23.85
C ALA I 66 -40.28 1.69 -24.25
N GLY I 67 -39.83 0.92 -25.24
CA GLY I 67 -40.52 -0.31 -25.58
C GLY I 67 -40.43 -1.34 -24.47
N ASN I 68 -39.28 -1.41 -23.80
CA ASN I 68 -39.15 -2.29 -22.65
C ASN I 68 -40.03 -1.82 -21.49
N ALA I 69 -40.12 -0.51 -21.29
CA ALA I 69 -41.00 0.03 -20.25
C ALA I 69 -42.46 -0.13 -20.64
N ALA I 70 -42.77 -0.18 -21.94
CA ALA I 70 -44.14 -0.41 -22.37
C ALA I 70 -44.62 -1.81 -22.02
N ARG I 71 -43.72 -2.79 -22.09
CA ARG I 71 -44.08 -4.15 -21.71
C ARG I 71 -44.17 -4.34 -20.21
N ASP I 72 -43.66 -3.37 -19.42
CA ASP I 72 -43.73 -3.48 -17.97
C ASP I 72 -45.15 -3.31 -17.45
N ASN I 73 -45.94 -2.42 -18.08
CA ASN I 73 -47.31 -2.17 -17.67
C ASN I 73 -48.33 -2.70 -18.68
N LYS I 74 -47.94 -3.72 -19.43
CA LYS I 74 -48.78 -4.40 -20.43
C LYS I 74 -49.34 -3.42 -21.46
N LYS I 75 -48.42 -2.73 -22.14
CA LYS I 75 -48.79 -1.76 -23.16
C LYS I 75 -47.99 -2.03 -24.43
N THR I 76 -48.66 -1.93 -25.58
CA THR I 76 -48.02 -2.08 -26.88
C THR I 76 -48.02 -0.77 -27.67
N ARG I 77 -48.27 0.34 -27.01
CA ARG I 77 -48.22 1.65 -27.63
C ARG I 77 -47.37 2.58 -26.76
N ILE I 78 -46.49 3.35 -27.40
CA ILE I 78 -45.58 4.21 -26.67
C ILE I 78 -46.33 5.43 -26.15
N ILE I 79 -46.21 5.67 -24.86
CA ILE I 79 -46.92 6.75 -24.17
C ILE I 79 -45.86 7.63 -23.54
N PRO I 80 -46.06 8.95 -23.45
CA PRO I 80 -45.03 9.83 -22.83
C PRO I 80 -44.69 9.48 -21.39
N ARG I 81 -45.56 8.75 -20.68
CA ARG I 81 -45.17 8.19 -19.39
C ARG I 81 -44.01 7.21 -19.55
N HIS I 82 -44.07 6.37 -20.59
CA HIS I 82 -42.99 5.42 -20.82
C HIS I 82 -41.69 6.11 -21.22
N LEU I 83 -41.80 7.21 -21.98
CA LEU I 83 -40.61 7.96 -22.39
C LEU I 83 -39.91 8.58 -21.18
N GLN I 84 -40.69 9.14 -20.25
CA GLN I 84 -40.12 9.67 -19.01
C GLN I 84 -39.49 8.55 -18.17
N LEU I 85 -40.16 7.39 -18.11
CA LEU I 85 -39.62 6.26 -17.36
C LEU I 85 -38.32 5.77 -17.98
N ALA I 86 -38.25 5.73 -19.32
CA ALA I 86 -37.05 5.25 -20.00
C ALA I 86 -35.87 6.19 -19.79
N VAL I 87 -36.12 7.50 -19.81
CA VAL I 87 -35.04 8.48 -19.68
C VAL I 87 -34.47 8.46 -18.27
N ARG I 88 -35.34 8.47 -17.26
CA ARG I 88 -34.88 8.58 -15.88
C ARG I 88 -34.25 7.28 -15.37
N ASN I 89 -34.68 6.13 -15.91
CA ASN I 89 -34.12 4.86 -15.48
C ASN I 89 -32.66 4.73 -15.91
N ASP I 90 -32.32 5.20 -17.11
CA ASP I 90 -30.95 5.13 -17.59
C ASP I 90 -30.10 6.13 -16.83
N GLU I 91 -28.94 5.67 -16.33
CA GLU I 91 -28.06 6.53 -15.56
C GLU I 91 -27.43 7.62 -16.42
N GLU I 92 -27.07 7.29 -17.67
CA GLU I 92 -26.48 8.29 -18.55
C GLU I 92 -27.52 9.28 -19.03
N LEU I 93 -28.73 8.82 -19.32
CA LEU I 93 -29.77 9.71 -19.86
C LEU I 93 -30.34 10.62 -18.79
N ASN I 94 -30.25 10.23 -17.51
CA ASN I 94 -30.85 11.02 -16.45
C ASN I 94 -30.12 12.35 -16.25
N LYS I 95 -28.79 12.31 -16.16
CA LYS I 95 -28.04 13.55 -15.96
C LYS I 95 -27.92 14.35 -17.26
N LEU I 96 -28.09 13.70 -18.41
CA LEU I 96 -28.08 14.44 -19.67
C LEU I 96 -29.33 15.29 -19.82
N LEU I 97 -30.48 14.76 -19.45
CA LEU I 97 -31.75 15.49 -19.48
C LEU I 97 -32.20 15.89 -18.08
N GLY I 98 -31.25 16.16 -17.18
CA GLY I 98 -31.61 16.61 -15.84
C GLY I 98 -32.26 17.98 -15.83
N ARG I 99 -31.83 18.86 -16.73
CA ARG I 99 -32.43 20.18 -16.89
C ARG I 99 -33.52 20.20 -17.94
N VAL I 100 -34.17 19.06 -18.18
CA VAL I 100 -35.18 18.91 -19.22
C VAL I 100 -36.48 18.46 -18.56
N THR I 101 -37.56 19.17 -18.86
CA THR I 101 -38.89 18.86 -18.35
C THR I 101 -39.67 18.05 -19.38
N ILE I 102 -40.28 16.95 -18.93
CA ILE I 102 -41.06 16.07 -19.81
C ILE I 102 -42.52 16.19 -19.42
N ALA I 103 -43.36 16.52 -20.39
CA ALA I 103 -44.78 16.72 -20.15
C ALA I 103 -45.53 15.39 -20.18
N GLN I 104 -46.51 15.23 -19.28
CA GLN I 104 -47.32 14.02 -19.14
C GLN I 104 -46.45 12.78 -18.95
N GLY I 105 -45.42 12.90 -18.13
CA GLY I 105 -44.53 11.79 -17.85
C GLY I 105 -44.46 11.42 -16.38
N GLY I 106 -44.72 12.39 -15.51
CA GLY I 106 -44.63 12.14 -14.10
C GLY I 106 -43.20 11.96 -13.64
N VAL I 107 -43.04 11.30 -12.49
CA VAL I 107 -41.73 10.99 -11.92
C VAL I 107 -41.67 9.49 -11.65
N LEU I 108 -40.49 9.03 -11.24
CA LEU I 108 -40.30 7.63 -10.93
C LEU I 108 -41.04 7.28 -9.63
N PRO I 109 -41.74 6.14 -9.59
CA PRO I 109 -42.46 5.74 -8.38
C PRO I 109 -41.57 5.09 -7.33
N ASN I 110 -40.79 5.93 -6.64
CA ASN I 110 -39.88 5.48 -5.61
C ASN I 110 -40.25 6.10 -4.27
N ILE I 111 -40.15 5.29 -3.21
CA ILE I 111 -40.49 5.69 -1.85
C ILE I 111 -39.25 5.51 -0.97
N GLN I 112 -39.03 6.46 -0.07
CA GLN I 112 -37.91 6.38 0.85
C GLN I 112 -38.09 5.23 1.83
N SER I 113 -36.97 4.73 2.35
CA SER I 113 -37.00 3.59 3.26
C SER I 113 -37.68 3.93 4.58
N VAL I 114 -37.42 5.14 5.10
CA VAL I 114 -38.02 5.54 6.36
C VAL I 114 -39.50 5.89 6.25
N LEU I 115 -40.01 6.08 5.02
CA LEU I 115 -41.41 6.39 4.84
C LEU I 115 -42.30 5.16 5.01
N LEU I 116 -41.81 3.98 4.63
CA LEU I 116 -42.60 2.77 4.76
C LEU I 116 -42.73 2.38 6.23
N PRO I 117 -43.93 1.99 6.68
CA PRO I 117 -44.15 1.58 8.08
C PRO I 117 -43.50 0.23 8.41
N THR J 29 -48.75 25.80 -45.78
CA THR J 29 -47.31 25.79 -45.62
C THR J 29 -46.81 24.40 -45.22
N ARG J 30 -45.49 24.24 -45.16
CA ARG J 30 -44.86 22.99 -44.79
C ARG J 30 -44.09 23.17 -43.50
N LYS J 31 -44.24 22.22 -42.58
CA LYS J 31 -43.59 22.26 -41.28
C LYS J 31 -42.57 21.12 -41.25
N GLU J 32 -41.31 21.46 -41.01
CA GLU J 32 -40.27 20.44 -40.88
C GLU J 32 -40.48 19.66 -39.59
N SER J 33 -40.44 18.33 -39.69
CA SER J 33 -40.68 17.48 -38.54
C SER J 33 -39.90 16.18 -38.70
N TYR J 34 -39.67 15.52 -37.56
CA TYR J 34 -38.97 14.25 -37.52
C TYR J 34 -39.90 13.10 -37.13
N ALA J 35 -41.21 13.27 -37.39
CA ALA J 35 -42.19 12.26 -36.99
C ALA J 35 -42.02 10.96 -37.75
N ILE J 36 -41.79 11.06 -39.07
CA ILE J 36 -41.62 9.86 -39.89
C ILE J 36 -40.29 9.17 -39.54
N TYR J 37 -39.25 9.96 -39.26
CA TYR J 37 -37.91 9.40 -39.07
C TYR J 37 -37.82 8.57 -37.79
N VAL J 38 -38.49 9.01 -36.73
CA VAL J 38 -38.53 8.24 -35.50
C VAL J 38 -39.30 6.93 -35.70
N TYR J 39 -40.31 6.95 -36.57
CA TYR J 39 -41.13 5.76 -36.82
C TYR J 39 -40.31 4.63 -37.43
N LYS J 40 -39.46 4.94 -38.42
CA LYS J 40 -38.65 3.90 -39.05
C LYS J 40 -37.59 3.35 -38.09
N VAL J 41 -37.04 4.20 -37.22
CA VAL J 41 -36.10 3.75 -36.20
C VAL J 41 -36.81 2.84 -35.20
N LEU J 42 -38.08 3.13 -34.91
CA LEU J 42 -38.83 2.37 -33.90
C LEU J 42 -39.03 0.92 -34.33
N LYS J 43 -39.52 0.71 -35.56
CA LYS J 43 -39.73 -0.66 -36.04
C LYS J 43 -38.43 -1.36 -36.39
N GLN J 44 -37.33 -0.62 -36.51
CA GLN J 44 -36.02 -1.25 -36.75
C GLN J 44 -35.60 -2.10 -35.56
N VAL J 45 -35.82 -1.61 -34.35
CA VAL J 45 -35.43 -2.34 -33.14
C VAL J 45 -36.62 -2.86 -32.34
N HIS J 46 -37.83 -2.39 -32.63
CA HIS J 46 -39.03 -2.82 -31.90
C HIS J 46 -40.23 -2.70 -32.81
N PRO J 47 -40.46 -3.69 -33.68
CA PRO J 47 -41.58 -3.61 -34.63
C PRO J 47 -42.94 -3.95 -34.04
N ASP J 48 -43.00 -4.34 -32.77
CA ASP J 48 -44.24 -4.78 -32.16
C ASP J 48 -44.95 -3.68 -31.38
N THR J 49 -44.45 -2.44 -31.43
CA THR J 49 -45.04 -1.34 -30.68
C THR J 49 -45.26 -0.14 -31.59
N GLY J 50 -46.26 0.65 -31.26
CA GLY J 50 -46.59 1.87 -31.97
C GLY J 50 -46.11 3.10 -31.26
N ILE J 51 -46.75 4.23 -31.56
CA ILE J 51 -46.39 5.51 -30.96
C ILE J 51 -47.60 6.42 -31.03
N SER J 52 -47.66 7.39 -30.12
CA SER J 52 -48.74 8.37 -30.07
C SER J 52 -48.22 9.74 -30.49
N SER J 53 -49.17 10.66 -30.75
CA SER J 53 -48.81 12.00 -31.17
C SER J 53 -48.11 12.78 -30.06
N LYS J 54 -48.56 12.60 -28.82
CA LYS J 54 -47.90 13.26 -27.69
C LYS J 54 -46.49 12.71 -27.48
N ALA J 55 -46.31 11.41 -27.65
CA ALA J 55 -44.97 10.83 -27.57
C ALA J 55 -44.12 11.24 -28.77
N MET J 56 -44.74 11.37 -29.94
CA MET J 56 -44.00 11.81 -31.13
C MET J 56 -43.56 13.26 -31.00
N SER J 57 -44.42 14.12 -30.44
CA SER J 57 -44.05 15.52 -30.26
C SER J 57 -42.96 15.68 -29.21
N ILE J 58 -42.98 14.82 -28.18
CA ILE J 58 -41.90 14.81 -27.20
C ILE J 58 -40.60 14.37 -27.86
N MET J 59 -40.65 13.30 -28.67
CA MET J 59 -39.47 12.84 -29.38
C MET J 59 -39.00 13.84 -30.43
N ASN J 60 -39.93 14.54 -31.08
CA ASN J 60 -39.56 15.62 -31.99
C ASN J 60 -38.88 16.75 -31.24
N SER J 61 -39.39 17.07 -30.03
CA SER J 61 -38.73 18.07 -29.20
C SER J 61 -37.38 17.58 -28.69
N PHE J 62 -37.24 16.28 -28.44
CA PHE J 62 -35.97 15.73 -27.99
C PHE J 62 -34.90 15.84 -29.08
N VAL J 63 -35.26 15.54 -30.33
CA VAL J 63 -34.31 15.61 -31.43
C VAL J 63 -33.88 17.05 -31.68
N ASN J 64 -34.85 17.99 -31.65
CA ASN J 64 -34.54 19.39 -31.90
C ASN J 64 -33.67 20.00 -30.80
N ASP J 65 -33.93 19.62 -29.55
CA ASP J 65 -33.16 20.19 -28.43
C ASP J 65 -31.71 19.71 -28.47
N VAL J 66 -31.49 18.42 -28.77
CA VAL J 66 -30.15 17.90 -28.92
C VAL J 66 -29.48 18.50 -30.15
N PHE J 67 -30.27 18.78 -31.20
CA PHE J 67 -29.72 19.35 -32.43
C PHE J 67 -29.09 20.71 -32.19
N GLU J 68 -29.75 21.58 -31.42
CA GLU J 68 -29.18 22.88 -31.13
C GLU J 68 -28.03 22.78 -30.13
N ARG J 69 -28.04 21.76 -29.27
CA ARG J 69 -26.96 21.61 -28.30
C ARG J 69 -25.67 21.14 -28.96
N ILE J 70 -25.76 20.15 -29.84
CA ILE J 70 -24.56 19.63 -30.51
C ILE J 70 -24.02 20.64 -31.52
N ALA J 71 -24.92 21.23 -32.33
CA ALA J 71 -24.49 22.21 -33.31
C ALA J 71 -24.03 23.50 -32.64
N GLY J 72 -24.69 23.89 -31.55
CA GLY J 72 -24.25 25.06 -30.81
C GLY J 72 -22.88 24.87 -30.18
N GLU J 73 -22.61 23.67 -29.66
CA GLU J 73 -21.28 23.36 -29.16
C GLU J 73 -20.27 23.28 -30.29
N ALA J 74 -20.66 22.70 -31.42
CA ALA J 74 -19.76 22.62 -32.57
C ALA J 74 -19.47 23.99 -33.17
N SER J 75 -20.49 24.87 -33.19
CA SER J 75 -20.26 26.24 -33.63
C SER J 75 -19.33 26.97 -32.68
N ARG J 76 -19.50 26.75 -31.38
CA ARG J 76 -18.59 27.32 -30.40
C ARG J 76 -17.20 26.68 -30.49
N LEU J 77 -17.14 25.39 -30.84
CA LEU J 77 -15.86 24.72 -31.02
C LEU J 77 -15.06 25.31 -32.17
N ALA J 78 -15.72 25.64 -33.28
CA ALA J 78 -15.03 26.24 -34.41
C ALA J 78 -14.53 27.64 -34.08
N HIS J 79 -15.28 28.40 -33.27
CA HIS J 79 -14.85 29.74 -32.91
C HIS J 79 -13.68 29.74 -31.93
N TYR J 80 -13.49 28.66 -31.16
CA TYR J 80 -12.40 28.62 -30.20
C TYR J 80 -11.05 28.47 -30.87
N ASN J 81 -10.95 27.58 -31.86
CA ASN J 81 -9.71 27.34 -32.57
C ASN J 81 -9.59 28.15 -33.85
N LYS J 82 -10.41 29.20 -33.99
CA LYS J 82 -10.45 30.07 -35.17
C LYS J 82 -10.74 29.28 -36.44
N ARG J 83 -11.64 28.30 -36.34
CA ARG J 83 -12.00 27.44 -37.47
C ARG J 83 -13.21 28.02 -38.18
N SER J 84 -13.12 28.13 -39.50
CA SER J 84 -14.24 28.60 -40.32
C SER J 84 -15.10 27.46 -40.85
N THR J 85 -14.80 26.22 -40.49
CA THR J 85 -15.53 25.06 -40.97
C THR J 85 -15.88 24.14 -39.82
N ILE J 86 -16.97 23.38 -40.00
CA ILE J 86 -17.38 22.36 -39.04
C ILE J 86 -17.27 21.01 -39.75
N THR J 87 -16.44 20.13 -39.20
CA THR J 87 -16.19 18.81 -39.75
C THR J 87 -16.81 17.74 -38.85
N SER J 88 -16.54 16.48 -39.17
CA SER J 88 -17.02 15.38 -38.34
C SER J 88 -16.35 15.39 -36.97
N ARG J 89 -15.13 15.93 -36.87
CA ARG J 89 -14.46 16.04 -35.58
C ARG J 89 -15.15 17.07 -34.69
N GLU J 90 -15.77 18.09 -35.27
CA GLU J 90 -16.53 19.05 -34.49
C GLU J 90 -17.74 18.40 -33.83
N ILE J 91 -18.45 17.54 -34.58
CA ILE J 91 -19.57 16.80 -34.01
C ILE J 91 -19.07 15.76 -33.02
N GLN J 92 -17.93 15.13 -33.32
CA GLN J 92 -17.38 14.09 -32.44
C GLN J 92 -16.98 14.66 -31.09
N THR J 93 -16.33 15.83 -31.09
CA THR J 93 -15.91 16.44 -29.83
C THR J 93 -17.11 16.95 -29.05
N ALA J 94 -18.14 17.44 -29.73
CA ALA J 94 -19.34 17.92 -29.05
C ALA J 94 -20.13 16.78 -28.42
N VAL J 95 -20.05 15.58 -29.00
CA VAL J 95 -20.76 14.44 -28.43
C VAL J 95 -20.14 14.03 -27.10
N ARG J 96 -18.82 13.93 -27.05
CA ARG J 96 -18.15 13.58 -25.80
C ARG J 96 -18.21 14.70 -24.78
N LEU J 97 -18.40 15.95 -25.22
CA LEU J 97 -18.59 17.05 -24.29
C LEU J 97 -19.98 17.02 -23.66
N LEU J 98 -20.98 16.59 -24.41
CA LEU J 98 -22.37 16.60 -23.93
C LEU J 98 -22.76 15.24 -23.32
N LEU J 99 -22.64 14.17 -24.11
CA LEU J 99 -23.04 12.85 -23.64
C LEU J 99 -22.04 12.32 -22.62
N PRO J 100 -22.47 11.95 -21.42
CA PRO J 100 -21.53 11.43 -20.42
C PRO J 100 -21.48 9.90 -20.43
N GLY J 101 -20.41 9.38 -19.82
CA GLY J 101 -20.26 7.96 -19.63
C GLY J 101 -20.04 7.20 -20.94
N GLU J 102 -20.54 5.97 -20.97
CA GLU J 102 -20.41 5.11 -22.13
C GLU J 102 -21.33 5.51 -23.28
N LEU J 103 -22.27 6.44 -23.04
CA LEU J 103 -23.14 6.89 -24.12
C LEU J 103 -22.38 7.66 -25.18
N ALA J 104 -21.32 8.38 -24.79
CA ALA J 104 -20.51 9.11 -25.76
C ALA J 104 -19.72 8.15 -26.65
N LYS J 105 -19.10 7.13 -26.06
CA LYS J 105 -18.28 6.21 -26.84
C LYS J 105 -19.12 5.28 -27.70
N HIS J 106 -20.39 5.07 -27.36
CA HIS J 106 -21.27 4.30 -28.23
C HIS J 106 -21.70 5.11 -29.44
N ALA J 107 -21.98 6.40 -29.24
CA ALA J 107 -22.31 7.28 -30.36
C ALA J 107 -21.08 7.59 -31.21
N VAL J 108 -19.89 7.58 -30.61
CA VAL J 108 -18.66 7.76 -31.36
C VAL J 108 -18.44 6.59 -32.31
N SER J 109 -18.64 5.37 -31.83
CA SER J 109 -18.52 4.18 -32.68
C SER J 109 -19.58 4.17 -33.77
N GLU J 110 -20.81 4.55 -33.43
CA GLU J 110 -21.87 4.65 -34.43
C GLU J 110 -21.59 5.77 -35.42
N GLY J 111 -21.07 6.90 -34.93
CA GLY J 111 -20.72 7.98 -35.83
C GLY J 111 -19.55 7.66 -36.75
N THR J 112 -18.55 6.95 -36.22
CA THR J 112 -17.40 6.55 -37.03
C THR J 112 -17.81 5.55 -38.10
N LYS J 113 -18.69 4.61 -37.76
CA LYS J 113 -19.12 3.60 -38.72
C LYS J 113 -19.98 4.20 -39.83
N ALA J 114 -20.61 5.35 -39.60
CA ALA J 114 -21.37 6.01 -40.65
C ALA J 114 -20.45 6.70 -41.66
N VAL J 115 -19.33 7.26 -41.17
CA VAL J 115 -18.37 7.92 -42.06
C VAL J 115 -17.65 6.89 -42.91
N THR J 116 -17.31 5.73 -42.33
CA THR J 116 -16.67 4.69 -43.11
C THR J 116 -17.63 4.10 -44.14
N LYS J 117 -18.92 3.98 -43.80
CA LYS J 117 -19.89 3.48 -44.76
C LYS J 117 -20.22 4.54 -45.81
N TYR J 118 -19.98 5.82 -45.50
CA TYR J 118 -20.05 6.88 -46.50
C TYR J 118 -19.02 6.70 -47.59
N THR J 119 -17.75 6.54 -47.22
CA THR J 119 -16.67 6.53 -48.20
C THR J 119 -16.44 5.14 -48.77
N ASP M 17 40.89 -32.75 -20.77
CA ASP M 17 41.38 -32.62 -22.15
C ASP M 17 40.25 -32.84 -23.14
N LYS M 18 40.48 -33.70 -24.12
CA LYS M 18 39.46 -34.01 -25.12
C LYS M 18 38.36 -34.86 -24.51
N ARG M 19 37.11 -34.45 -24.73
CA ARG M 19 35.96 -35.17 -24.18
C ARG M 19 34.80 -35.06 -25.16
N ARG M 20 34.10 -36.18 -25.36
CA ARG M 20 32.90 -36.19 -26.17
C ARG M 20 31.74 -35.55 -25.42
N VAL M 21 31.02 -34.65 -26.07
CA VAL M 21 29.95 -33.89 -25.46
C VAL M 21 28.66 -34.15 -26.23
N ALA M 22 27.62 -34.56 -25.52
CA ALA M 22 26.32 -34.86 -26.13
C ALA M 22 25.41 -33.64 -25.98
N TYR M 23 24.91 -33.14 -27.09
CA TYR M 23 23.98 -32.02 -27.12
C TYR M 23 22.58 -32.55 -27.42
N PHE M 24 21.62 -32.20 -26.56
CA PHE M 24 20.24 -32.64 -26.71
C PHE M 24 19.38 -31.47 -27.16
N TYR M 25 18.85 -31.58 -28.37
CA TYR M 25 17.99 -30.56 -28.95
C TYR M 25 16.68 -31.20 -29.39
N ASP M 26 15.57 -30.52 -29.11
CA ASP M 26 14.25 -30.95 -29.54
C ASP M 26 13.66 -29.87 -30.44
N ALA M 27 13.05 -30.30 -31.55
CA ALA M 27 12.47 -29.35 -32.50
C ALA M 27 11.19 -28.70 -31.98
N ASP M 28 10.64 -29.19 -30.87
CA ASP M 28 9.38 -28.66 -30.34
C ASP M 28 9.52 -28.02 -28.96
N VAL M 29 10.74 -27.80 -28.47
CA VAL M 29 10.91 -27.20 -27.15
C VAL M 29 10.48 -25.73 -27.15
N GLY M 30 10.79 -24.99 -28.21
CA GLY M 30 10.41 -23.60 -28.30
C GLY M 30 9.04 -23.35 -28.89
N ASN M 31 8.33 -24.40 -29.31
CA ASN M 31 7.04 -24.27 -29.95
C ASN M 31 5.91 -23.94 -28.98
N TYR M 32 6.21 -23.83 -27.68
CA TYR M 32 5.22 -23.51 -26.67
C TYR M 32 5.64 -22.24 -25.96
N ALA M 33 5.26 -21.09 -26.51
CA ALA M 33 5.48 -19.81 -25.86
C ALA M 33 4.46 -19.64 -24.75
N TYR M 34 4.93 -19.21 -23.58
CA TYR M 34 4.07 -19.17 -22.41
C TYR M 34 3.02 -18.07 -22.52
N GLY M 35 3.40 -16.90 -23.00
CA GLY M 35 2.47 -15.79 -23.09
C GLY M 35 3.16 -14.56 -23.62
N ALA M 36 2.37 -13.48 -23.69
CA ALA M 36 2.85 -12.20 -24.19
C ALA M 36 3.31 -11.29 -23.05
N GLY M 37 4.37 -10.52 -23.30
CA GLY M 37 4.95 -9.66 -22.29
C GLY M 37 5.53 -10.49 -21.15
N HIS M 38 6.28 -11.53 -21.51
CA HIS M 38 6.52 -12.62 -20.58
C HIS M 38 8.00 -12.89 -20.37
N PRO M 39 8.47 -12.93 -19.12
CA PRO M 39 9.89 -13.14 -18.84
C PRO M 39 10.43 -14.51 -19.26
N MET M 40 9.79 -15.59 -18.80
CA MET M 40 10.29 -16.93 -19.08
C MET M 40 9.93 -17.34 -20.50
N LYS M 41 10.94 -17.80 -21.25
CA LYS M 41 10.79 -18.15 -22.66
C LYS M 41 11.64 -19.35 -23.02
N PRO M 42 11.04 -20.47 -23.46
CA PRO M 42 11.84 -21.59 -23.97
C PRO M 42 12.26 -21.40 -25.41
N HIS M 43 11.99 -20.20 -25.94
CA HIS M 43 12.23 -19.90 -27.34
C HIS M 43 13.70 -19.77 -27.69
N ARG M 44 14.57 -19.54 -26.70
CA ARG M 44 15.99 -19.32 -26.94
C ARG M 44 16.73 -20.56 -27.40
N ILE M 45 16.16 -21.75 -27.17
CA ILE M 45 16.84 -23.00 -27.49
C ILE M 45 17.04 -23.13 -29.00
N ARG M 46 16.12 -22.56 -29.78
CA ARG M 46 16.19 -22.73 -31.23
C ARG M 46 17.32 -21.90 -31.84
N MET M 47 17.49 -20.65 -31.39
CA MET M 47 18.69 -19.92 -31.81
C MET M 47 19.96 -20.49 -31.19
N ALA M 48 19.87 -21.12 -30.01
CA ALA M 48 21.03 -21.81 -29.46
C ALA M 48 21.49 -22.92 -30.41
N HIS M 49 20.55 -23.73 -30.89
CA HIS M 49 20.88 -24.82 -31.82
C HIS M 49 21.32 -24.27 -33.17
N SER M 50 20.69 -23.18 -33.62
CA SER M 50 21.10 -22.55 -34.88
C SER M 50 22.53 -22.05 -34.79
N LEU M 51 22.92 -21.48 -33.64
CA LEU M 51 24.30 -21.08 -33.44
C LEU M 51 25.22 -22.28 -33.24
N ILE M 52 24.68 -23.41 -32.78
CA ILE M 52 25.47 -24.63 -32.65
C ILE M 52 25.94 -25.11 -34.02
N MET M 53 25.00 -25.23 -34.97
CA MET M 53 25.42 -25.71 -36.29
C MET M 53 25.99 -24.59 -37.16
N ASN M 54 25.66 -23.34 -36.87
CA ASN M 54 26.24 -22.23 -37.62
C ASN M 54 27.70 -22.00 -37.27
N TYR M 55 28.14 -22.46 -36.10
CA TYR M 55 29.54 -22.33 -35.69
C TYR M 55 30.39 -23.51 -36.15
N GLY M 56 29.81 -24.51 -36.79
CA GLY M 56 30.54 -25.68 -37.23
C GLY M 56 31.04 -26.56 -36.10
N LEU M 57 30.24 -26.73 -35.05
CA LEU M 57 30.61 -27.56 -33.91
C LEU M 57 30.09 -28.98 -34.01
N TYR M 58 29.33 -29.32 -35.06
CA TYR M 58 28.73 -30.64 -35.17
C TYR M 58 29.74 -31.70 -35.62
N LYS M 59 30.88 -31.30 -36.17
CA LYS M 59 31.87 -32.28 -36.61
C LYS M 59 32.60 -32.94 -35.44
N LYS M 60 32.64 -32.30 -34.27
CA LYS M 60 33.30 -32.85 -33.11
C LYS M 60 32.33 -32.99 -31.94
N MET M 61 31.04 -33.12 -32.23
CA MET M 61 30.02 -33.24 -31.19
C MET M 61 28.84 -34.01 -31.77
N GLU M 62 28.39 -35.03 -31.04
CA GLU M 62 27.28 -35.88 -31.46
C GLU M 62 25.97 -35.34 -30.92
N ILE M 63 24.91 -35.43 -31.73
CA ILE M 63 23.59 -34.91 -31.40
C ILE M 63 22.61 -36.08 -31.41
N TYR M 64 21.83 -36.20 -30.34
CA TYR M 64 20.63 -37.04 -30.33
C TYR M 64 19.45 -36.24 -29.80
N ARG M 65 18.25 -36.65 -30.19
CA ARG M 65 17.02 -36.03 -29.73
C ARG M 65 16.31 -36.96 -28.75
N ALA M 66 15.93 -36.43 -27.60
CA ALA M 66 15.30 -37.22 -26.55
C ALA M 66 13.81 -37.36 -26.80
N LYS M 67 13.28 -38.53 -26.49
CA LYS M 67 11.86 -38.80 -26.65
C LYS M 67 11.05 -38.11 -25.55
N PRO M 68 9.79 -37.79 -25.81
CA PRO M 68 8.92 -37.28 -24.75
C PRO M 68 8.68 -38.32 -23.66
N ALA M 69 8.56 -37.82 -22.43
CA ALA M 69 8.30 -38.69 -21.30
C ALA M 69 6.81 -39.02 -21.20
N THR M 70 6.52 -40.09 -20.47
CA THR M 70 5.16 -40.55 -20.26
C THR M 70 4.67 -40.15 -18.88
N LYS M 71 3.50 -40.67 -18.50
CA LYS M 71 2.90 -40.34 -17.21
C LYS M 71 3.70 -40.90 -16.04
N GLN M 72 4.03 -42.19 -16.08
CA GLN M 72 4.70 -42.83 -14.96
C GLN M 72 6.17 -42.48 -14.88
N GLU M 73 6.79 -42.08 -15.99
CA GLU M 73 8.21 -41.75 -15.97
C GLU M 73 8.48 -40.37 -15.37
N MET M 74 7.44 -39.63 -14.99
CA MET M 74 7.57 -38.39 -14.24
C MET M 74 7.20 -38.56 -12.77
N CYS M 75 7.00 -39.79 -12.30
CA CYS M 75 6.43 -40.07 -10.99
C CYS M 75 7.44 -40.26 -9.88
N GLN M 76 8.74 -40.24 -10.20
CA GLN M 76 9.75 -40.54 -9.16
C GLN M 76 9.88 -39.43 -8.14
N PHE M 77 9.50 -38.20 -8.46
CA PHE M 77 9.55 -37.11 -7.49
C PHE M 77 8.22 -36.42 -7.27
N HIS M 78 7.47 -36.17 -8.34
CA HIS M 78 6.20 -35.47 -8.23
C HIS M 78 5.05 -36.45 -7.97
N THR M 79 3.97 -35.92 -7.44
CA THR M 79 2.80 -36.72 -7.08
C THR M 79 1.99 -37.09 -8.33
N ASP M 80 1.09 -38.06 -8.14
CA ASP M 80 0.25 -38.51 -9.25
C ASP M 80 -0.74 -37.43 -9.67
N GLU M 81 -1.26 -36.66 -8.71
CA GLU M 81 -2.18 -35.58 -9.03
C GLU M 81 -1.48 -34.47 -9.82
N TYR M 82 -0.21 -34.21 -9.52
CA TYR M 82 0.56 -33.24 -10.32
C TYR M 82 0.70 -33.71 -11.76
N ILE M 83 0.99 -34.99 -11.96
CA ILE M 83 1.12 -35.55 -13.31
C ILE M 83 -0.22 -35.51 -14.04
N ASP M 84 -1.31 -35.80 -13.33
CA ASP M 84 -2.64 -35.75 -13.93
C ASP M 84 -3.01 -34.31 -14.32
N PHE M 85 -2.66 -33.34 -13.46
CA PHE M 85 -2.89 -31.93 -13.76
C PHE M 85 -2.12 -31.53 -15.01
N LEU M 86 -0.83 -31.84 -15.04
CA LEU M 86 0.02 -31.49 -16.18
C LEU M 86 -0.38 -32.24 -17.45
N SER M 87 -1.08 -33.37 -17.31
CA SER M 87 -1.67 -34.02 -18.48
C SER M 87 -2.92 -33.28 -18.96
N ARG M 88 -3.74 -32.79 -18.03
CA ARG M 88 -5.01 -32.15 -18.38
C ARG M 88 -4.96 -30.63 -18.35
N VAL M 89 -3.80 -30.03 -18.59
CA VAL M 89 -3.75 -28.56 -18.73
C VAL M 89 -4.27 -28.16 -20.11
N THR M 90 -5.32 -27.34 -20.12
CA THR M 90 -5.92 -26.73 -21.30
C THR M 90 -6.43 -25.38 -20.79
N PRO M 91 -6.01 -24.26 -21.40
CA PRO M 91 -6.50 -22.95 -20.92
C PRO M 91 -7.98 -22.71 -21.22
N ASP M 92 -8.61 -23.55 -22.05
CA ASP M 92 -9.98 -23.30 -22.47
C ASP M 92 -10.97 -23.46 -21.33
N ASN M 93 -10.79 -24.49 -20.50
CA ASN M 93 -11.71 -24.78 -19.39
C ASN M 93 -11.12 -24.36 -18.04
N LEU M 94 -10.42 -23.23 -18.00
CA LEU M 94 -9.80 -22.73 -16.78
C LEU M 94 -10.81 -22.11 -15.81
N GLU M 95 -12.06 -21.94 -16.24
CA GLU M 95 -13.09 -21.34 -15.38
C GLU M 95 -13.41 -22.24 -14.19
N MET M 96 -13.54 -23.54 -14.42
CA MET M 96 -13.87 -24.50 -13.37
C MET M 96 -12.65 -25.07 -12.68
N PHE M 97 -11.44 -24.81 -13.19
CA PHE M 97 -10.21 -25.35 -12.61
C PHE M 97 -9.71 -24.37 -11.57
N LYS M 98 -10.18 -24.54 -10.33
CA LYS M 98 -9.82 -23.58 -9.29
C LYS M 98 -9.25 -24.22 -8.02
N ARG M 99 -9.68 -25.44 -7.72
CA ARG M 99 -9.12 -26.15 -6.58
C ARG M 99 -7.71 -26.62 -6.92
N GLU M 100 -7.55 -27.18 -8.12
CA GLU M 100 -6.26 -27.74 -8.49
C GLU M 100 -5.27 -26.71 -9.01
N SER M 101 -5.77 -25.60 -9.52
CA SER M 101 -4.86 -24.56 -9.97
C SER M 101 -4.10 -24.01 -8.79
N VAL M 102 -4.81 -23.52 -7.79
CA VAL M 102 -4.16 -22.93 -6.62
C VAL M 102 -3.37 -23.94 -5.80
N LYS M 103 -3.84 -25.18 -5.75
CA LYS M 103 -3.17 -26.16 -4.92
C LYS M 103 -1.73 -26.29 -5.33
N PHE M 104 -1.47 -26.30 -6.63
CA PHE M 104 -0.12 -26.43 -7.13
C PHE M 104 0.35 -25.10 -7.71
N ASN M 105 -0.33 -24.02 -7.34
CA ASN M 105 0.05 -22.70 -7.82
C ASN M 105 0.10 -22.61 -9.35
N VAL M 106 -1.06 -22.56 -9.99
CA VAL M 106 -1.07 -22.41 -11.45
C VAL M 106 -2.25 -21.54 -11.82
N GLY M 107 -1.99 -20.45 -12.53
CA GLY M 107 -3.02 -19.52 -12.95
C GLY M 107 -3.13 -18.27 -12.09
N ASP M 108 -2.55 -18.27 -10.90
CA ASP M 108 -2.57 -17.08 -10.04
C ASP M 108 -1.35 -16.21 -10.30
N ASP M 109 -0.15 -16.78 -10.14
CA ASP M 109 1.08 -16.13 -10.56
C ASP M 109 1.63 -16.68 -11.87
N CYS M 110 1.42 -17.97 -12.12
CA CYS M 110 1.94 -18.64 -13.31
C CYS M 110 0.77 -19.05 -14.19
N PRO M 111 0.52 -18.36 -15.31
CA PRO M 111 -0.67 -18.64 -16.11
C PRO M 111 -0.55 -19.94 -16.89
N VAL M 112 -1.63 -20.29 -17.58
CA VAL M 112 -1.75 -21.54 -18.30
C VAL M 112 -1.56 -21.28 -19.79
N PHE M 113 -0.70 -22.07 -20.43
CA PHE M 113 -0.44 -21.96 -21.85
C PHE M 113 -0.67 -23.32 -22.51
N ASP M 114 -1.01 -23.29 -23.79
CA ASP M 114 -1.32 -24.51 -24.52
C ASP M 114 -0.04 -25.27 -24.86
N GLY M 115 -0.14 -26.60 -24.89
CA GLY M 115 1.00 -27.42 -25.23
C GLY M 115 2.01 -27.63 -24.12
N LEU M 116 1.58 -27.58 -22.86
CA LEU M 116 2.51 -27.70 -21.74
C LEU M 116 2.96 -29.14 -21.56
N TYR M 117 2.06 -30.11 -21.80
CA TYR M 117 2.34 -31.51 -21.48
C TYR M 117 3.54 -32.01 -22.28
N GLU M 118 3.58 -31.71 -23.58
CA GLU M 118 4.73 -32.09 -24.40
C GLU M 118 5.99 -31.37 -23.95
N TYR M 119 5.86 -30.13 -23.49
CA TYR M 119 7.04 -29.38 -23.04
C TYR M 119 7.69 -30.05 -21.84
N CYS M 120 6.89 -30.38 -20.81
CA CYS M 120 7.47 -31.02 -19.62
C CYS M 120 7.92 -32.45 -19.94
N SER M 121 7.22 -33.12 -20.86
CA SER M 121 7.62 -34.48 -21.23
C SER M 121 8.99 -34.49 -21.91
N ILE M 122 9.21 -33.59 -22.87
CA ILE M 122 10.51 -33.55 -23.53
C ILE M 122 11.58 -32.98 -22.60
N SER M 123 11.19 -32.11 -21.65
CA SER M 123 12.13 -31.63 -20.65
C SER M 123 12.66 -32.77 -19.79
N GLY M 124 11.75 -33.58 -19.23
CA GLY M 124 12.17 -34.73 -18.46
C GLY M 124 12.91 -35.77 -19.29
N GLY M 125 12.47 -35.96 -20.54
CA GLY M 125 13.17 -36.88 -21.42
C GLY M 125 14.61 -36.48 -21.67
N GLY M 126 14.84 -35.20 -21.93
CA GLY M 126 16.20 -34.71 -22.08
C GLY M 126 17.01 -34.83 -20.81
N SER M 127 16.40 -34.52 -19.66
CA SER M 127 17.12 -34.55 -18.40
C SER M 127 17.57 -35.96 -18.03
N MET M 128 16.65 -36.92 -18.00
CA MET M 128 17.08 -38.27 -17.66
C MET M 128 17.79 -38.96 -18.81
N GLU M 129 17.65 -38.49 -20.05
CA GLU M 129 18.49 -39.02 -21.11
C GLU M 129 19.93 -38.59 -20.94
N GLY M 130 20.16 -37.34 -20.53
CA GLY M 130 21.50 -36.90 -20.19
C GLY M 130 22.06 -37.65 -19.00
N ALA M 131 21.21 -37.89 -17.99
CA ALA M 131 21.64 -38.65 -16.83
C ALA M 131 22.02 -40.09 -17.20
N ALA M 132 21.22 -40.73 -18.06
CA ALA M 132 21.51 -42.09 -18.48
C ALA M 132 22.74 -42.16 -19.36
N ARG M 133 22.94 -41.17 -20.23
CA ARG M 133 24.14 -41.14 -21.06
C ARG M 133 25.38 -40.90 -20.21
N LEU M 134 25.25 -40.12 -19.13
CA LEU M 134 26.36 -39.94 -18.20
C LEU M 134 26.64 -41.23 -17.42
N ASN M 135 25.59 -41.95 -17.04
CA ASN M 135 25.76 -43.17 -16.26
C ASN M 135 26.36 -44.29 -17.10
N ARG M 136 25.92 -44.43 -18.34
CA ARG M 136 26.40 -45.51 -19.20
C ARG M 136 27.86 -45.32 -19.57
N GLY M 137 28.27 -44.09 -19.87
CA GLY M 137 29.63 -43.81 -20.26
C GLY M 137 29.83 -43.51 -21.73
N LYS M 138 28.76 -43.30 -22.50
CA LYS M 138 28.90 -42.99 -23.91
C LYS M 138 29.51 -41.61 -24.13
N CYS M 139 29.22 -40.66 -23.25
CA CYS M 139 29.74 -39.31 -23.37
C CYS M 139 30.23 -38.83 -22.00
N ASP M 140 31.21 -37.94 -22.02
CA ASP M 140 31.79 -37.39 -20.81
C ASP M 140 30.98 -36.22 -20.25
N VAL M 141 30.41 -35.40 -21.14
CA VAL M 141 29.62 -34.24 -20.75
C VAL M 141 28.27 -34.33 -21.45
N ALA M 142 27.19 -34.26 -20.67
CA ALA M 142 25.83 -34.29 -21.20
C ALA M 142 25.23 -32.89 -21.12
N VAL M 143 24.77 -32.38 -22.26
CA VAL M 143 24.17 -31.05 -22.35
C VAL M 143 22.72 -31.21 -22.76
N ASN M 144 21.82 -30.71 -21.91
CA ASN M 144 20.38 -30.69 -22.19
C ASN M 144 19.88 -29.27 -21.91
N TYR M 145 19.99 -28.40 -22.91
CA TYR M 145 19.50 -27.03 -22.76
C TYR M 145 17.99 -26.95 -22.85
N ALA M 146 17.34 -27.94 -23.47
CA ALA M 146 15.88 -27.93 -23.62
C ALA M 146 15.15 -27.96 -22.28
N GLY M 147 15.77 -28.51 -21.25
CA GLY M 147 15.17 -28.49 -19.93
C GLY M 147 16.17 -28.24 -18.82
N GLY M 148 15.95 -27.16 -18.07
CA GLY M 148 16.80 -26.83 -16.93
C GLY M 148 16.00 -26.30 -15.76
N LEU M 149 14.75 -26.74 -15.66
CA LEU M 149 13.85 -26.22 -14.62
C LEU M 149 14.25 -26.75 -13.26
N HIS M 150 14.39 -25.82 -12.30
CA HIS M 150 14.91 -26.15 -10.97
C HIS M 150 14.04 -25.65 -9.83
N HIS M 151 13.05 -24.80 -10.09
CA HIS M 151 12.25 -24.19 -9.05
C HIS M 151 11.00 -24.98 -8.68
N ALA M 152 10.67 -26.04 -9.41
CA ALA M 152 9.43 -26.76 -9.15
C ALA M 152 9.53 -27.57 -7.86
N LYS M 153 8.42 -27.65 -7.13
CA LYS M 153 8.34 -28.37 -5.88
C LYS M 153 7.65 -29.72 -6.08
N LYS M 154 7.44 -30.42 -4.97
CA LYS M 154 6.76 -31.71 -5.04
C LYS M 154 5.28 -31.55 -5.39
N SER M 155 4.61 -30.58 -4.78
CA SER M 155 3.21 -30.31 -5.06
C SER M 155 2.96 -28.81 -5.14
N GLU M 156 3.86 -28.08 -5.80
CA GLU M 156 3.73 -26.64 -5.91
C GLU M 156 4.51 -26.16 -7.13
N ALA M 157 3.86 -25.34 -7.95
CA ALA M 157 4.51 -24.67 -9.07
C ALA M 157 4.89 -23.26 -8.65
N SER M 158 6.18 -23.06 -8.39
CA SER M 158 6.70 -21.76 -8.01
C SER M 158 8.02 -21.55 -8.73
N GLY M 159 8.44 -20.30 -8.82
CA GLY M 159 9.63 -19.98 -9.61
C GLY M 159 9.44 -20.16 -11.09
N PHE M 160 8.19 -20.23 -11.54
CA PHE M 160 7.77 -20.35 -12.93
C PHE M 160 8.31 -21.63 -13.57
N CYS M 161 8.51 -22.68 -12.76
CA CYS M 161 8.93 -24.00 -13.20
C CYS M 161 7.90 -25.01 -12.72
N TYR M 162 7.45 -25.88 -13.61
CA TYR M 162 6.37 -26.82 -13.31
C TYR M 162 6.85 -28.23 -13.03
N LEU M 163 7.81 -28.72 -13.80
CA LEU M 163 8.45 -30.01 -13.56
C LEU M 163 9.92 -29.78 -13.23
N ASN M 164 10.37 -30.26 -12.08
CA ASN M 164 11.77 -30.13 -11.68
C ASN M 164 12.50 -31.34 -12.23
N ASP M 165 12.91 -31.23 -13.50
CA ASP M 165 13.59 -32.34 -14.17
C ASP M 165 14.97 -32.62 -13.59
N ILE M 166 15.54 -31.65 -12.88
CA ILE M 166 16.87 -31.83 -12.28
C ILE M 166 16.83 -32.90 -11.19
N VAL M 167 15.72 -33.01 -10.45
CA VAL M 167 15.62 -34.00 -9.39
C VAL M 167 15.65 -35.42 -9.97
N LEU M 168 14.88 -35.66 -11.04
CA LEU M 168 14.90 -36.98 -11.66
C LEU M 168 16.23 -37.24 -12.36
N GLY M 169 16.87 -36.19 -12.91
CA GLY M 169 18.21 -36.37 -13.44
C GLY M 169 19.21 -36.77 -12.38
N ILE M 170 19.13 -36.15 -11.20
CA ILE M 170 20.04 -36.46 -10.10
C ILE M 170 19.82 -37.89 -9.61
N ILE M 171 18.56 -38.31 -9.46
CA ILE M 171 18.33 -39.67 -8.95
C ILE M 171 18.66 -40.71 -10.01
N GLU M 172 18.50 -40.38 -11.29
CA GLU M 172 18.95 -41.29 -12.35
C GLU M 172 20.47 -41.39 -12.37
N LEU M 173 21.18 -40.30 -12.05
CA LEU M 173 22.62 -40.39 -11.86
C LEU M 173 22.98 -41.23 -10.64
N LEU M 174 22.20 -41.10 -9.55
CA LEU M 174 22.42 -41.89 -8.35
C LEU M 174 22.13 -43.36 -8.55
N ARG M 175 21.33 -43.70 -9.56
CA ARG M 175 21.09 -45.11 -9.90
C ARG M 175 22.40 -45.83 -10.26
N TYR M 176 23.39 -45.11 -10.77
CA TYR M 176 24.70 -45.68 -11.07
C TYR M 176 25.83 -45.04 -10.28
N HIS M 177 25.85 -43.68 -10.16
CA HIS M 177 26.92 -43.02 -9.43
C HIS M 177 26.62 -43.01 -7.93
N PRO M 178 27.65 -43.09 -7.09
CA PRO M 178 27.41 -43.03 -5.65
C PRO M 178 27.07 -41.63 -5.15
N ARG M 179 27.78 -40.61 -5.63
CA ARG M 179 27.58 -39.24 -5.18
C ARG M 179 27.58 -38.31 -6.38
N VAL M 180 26.59 -37.41 -6.43
CA VAL M 180 26.47 -36.42 -7.50
C VAL M 180 26.18 -35.07 -6.87
N LEU M 181 26.89 -34.03 -7.32
CA LEU M 181 26.73 -32.68 -6.81
C LEU M 181 25.87 -31.87 -7.78
N TYR M 182 24.89 -31.16 -7.24
CA TYR M 182 24.06 -30.24 -8.01
C TYR M 182 24.49 -28.82 -7.71
N ILE M 183 24.65 -28.01 -8.76
CA ILE M 183 25.05 -26.62 -8.62
C ILE M 183 24.11 -25.73 -9.41
N ASP M 184 24.02 -24.47 -9.00
CA ASP M 184 23.23 -23.46 -9.69
C ASP M 184 23.98 -22.14 -9.59
N ILE M 185 24.11 -21.46 -10.73
CA ILE M 185 24.97 -20.27 -10.81
C ILE M 185 24.21 -19.01 -11.16
N ASP M 186 22.91 -19.08 -11.44
CA ASP M 186 22.14 -17.90 -11.79
C ASP M 186 21.27 -17.46 -10.60
N VAL M 187 20.72 -16.25 -10.73
CA VAL M 187 19.80 -15.71 -9.72
C VAL M 187 18.50 -16.47 -9.80
N HIS M 188 17.64 -16.29 -8.79
CA HIS M 188 16.43 -17.09 -8.58
C HIS M 188 16.78 -18.59 -8.54
N HIS M 189 17.56 -18.95 -7.52
CA HIS M 189 18.06 -20.31 -7.39
C HIS M 189 16.93 -21.29 -7.14
N GLY M 190 17.15 -22.54 -7.56
CA GLY M 190 16.12 -23.55 -7.44
C GLY M 190 16.02 -24.14 -6.06
N ASP M 191 15.00 -23.72 -5.31
CA ASP M 191 14.77 -24.24 -3.97
C ASP M 191 14.15 -25.63 -3.97
N GLY M 192 13.60 -26.06 -5.11
CA GLY M 192 12.99 -27.38 -5.18
C GLY M 192 13.99 -28.51 -5.02
N VAL M 193 15.16 -28.39 -5.64
CA VAL M 193 16.18 -29.43 -5.53
C VAL M 193 16.74 -29.49 -4.11
N GLU M 194 16.96 -28.33 -3.49
CA GLU M 194 17.45 -28.30 -2.11
C GLU M 194 16.41 -28.87 -1.16
N GLU M 195 15.12 -28.59 -1.41
CA GLU M 195 14.06 -29.19 -0.61
C GLU M 195 14.01 -30.71 -0.79
N ALA M 196 14.19 -31.17 -2.04
CA ALA M 196 14.11 -32.59 -2.34
C ALA M 196 15.28 -33.37 -1.74
N PHE M 197 16.47 -32.76 -1.69
CA PHE M 197 17.65 -33.48 -1.20
C PHE M 197 18.15 -32.85 0.10
N TYR M 198 17.21 -32.55 1.00
CA TYR M 198 17.51 -31.90 2.26
C TYR M 198 17.97 -32.87 3.34
N THR M 199 17.57 -34.14 3.26
CA THR M 199 17.86 -35.11 4.31
C THR M 199 18.84 -36.20 3.90
N THR M 200 19.16 -36.31 2.61
CA THR M 200 20.09 -37.35 2.17
C THR M 200 21.52 -36.88 2.29
N ASP M 201 22.42 -37.82 2.58
CA ASP M 201 23.83 -37.51 2.77
C ASP M 201 24.64 -37.66 1.49
N ARG M 202 24.21 -38.52 0.57
CA ARG M 202 24.96 -38.78 -0.65
C ARG M 202 24.69 -37.77 -1.76
N VAL M 203 23.78 -36.82 -1.54
CA VAL M 203 23.48 -35.76 -2.49
C VAL M 203 23.81 -34.42 -1.85
N MET M 204 24.58 -33.60 -2.56
CA MET M 204 24.98 -32.29 -2.07
C MET M 204 24.52 -31.23 -3.07
N THR M 205 23.94 -30.15 -2.56
CA THR M 205 23.39 -29.08 -3.38
C THR M 205 24.14 -27.78 -3.08
N CYS M 206 24.65 -27.13 -4.13
CA CYS M 206 25.34 -25.86 -4.01
C CYS M 206 24.56 -24.80 -4.79
N SER M 207 24.49 -23.59 -4.25
CA SER M 207 23.73 -22.51 -4.85
C SER M 207 24.58 -21.24 -4.90
N PHE M 208 24.53 -20.56 -6.04
CA PHE M 208 25.23 -19.29 -6.26
C PHE M 208 24.17 -18.26 -6.66
N HIS M 209 23.61 -17.56 -5.68
CA HIS M 209 22.51 -16.64 -5.92
C HIS M 209 22.58 -15.50 -4.92
N LYS M 210 21.56 -14.65 -4.94
CA LYS M 210 21.48 -13.48 -4.06
C LYS M 210 20.23 -13.54 -3.20
N TYR M 211 20.30 -12.87 -2.05
CA TYR M 211 19.24 -12.88 -1.06
C TYR M 211 18.93 -11.44 -0.64
N GLY M 212 17.72 -11.23 -0.13
CA GLY M 212 17.32 -9.93 0.35
C GLY M 212 16.39 -9.20 -0.59
N GLU M 213 15.10 -9.22 -0.27
CA GLU M 213 14.03 -8.64 -1.10
C GLU M 213 14.09 -9.20 -2.52
N PHE M 214 14.29 -10.51 -2.61
CA PHE M 214 14.34 -11.23 -3.87
C PHE M 214 13.14 -12.18 -3.95
N PHE M 215 12.88 -12.66 -5.17
CA PHE M 215 11.68 -13.46 -5.41
C PHE M 215 11.64 -14.78 -4.64
N PRO M 216 12.70 -15.66 -4.65
CA PRO M 216 12.56 -16.90 -3.87
C PRO M 216 12.72 -16.66 -2.37
N GLY M 217 13.68 -15.82 -2.00
CA GLY M 217 13.88 -15.48 -0.60
C GLY M 217 14.31 -16.63 0.29
N THR M 218 14.97 -17.64 -0.26
CA THR M 218 15.36 -18.82 0.49
C THR M 218 16.82 -19.14 0.22
N GLY M 219 17.47 -19.73 1.22
CA GLY M 219 18.88 -20.05 1.16
C GLY M 219 19.68 -19.18 2.12
N GLU M 220 20.02 -19.74 3.27
CA GLU M 220 20.65 -19.00 4.36
C GLU M 220 22.05 -19.55 4.63
N LEU M 221 22.80 -18.84 5.47
CA LEU M 221 24.09 -19.35 5.91
C LEU M 221 23.91 -20.53 6.86
N ARG M 222 22.89 -20.46 7.72
CA ARG M 222 22.60 -21.57 8.63
C ARG M 222 21.85 -22.70 7.94
N ASP M 223 21.42 -22.49 6.70
CA ASP M 223 20.67 -23.51 5.94
C ASP M 223 21.69 -24.48 5.35
N ILE M 224 21.95 -25.57 6.07
CA ILE M 224 22.89 -26.58 5.59
C ILE M 224 22.27 -27.97 5.70
N GLY M 225 20.97 -28.04 5.94
CA GLY M 225 20.27 -29.31 6.01
C GLY M 225 20.16 -29.82 7.43
N VAL M 226 19.29 -30.83 7.59
CA VAL M 226 19.03 -31.45 8.89
C VAL M 226 19.06 -32.96 8.74
N GLY M 227 19.24 -33.63 9.87
CA GLY M 227 19.27 -35.09 9.86
C GLY M 227 20.56 -35.60 9.24
N ALA M 228 20.42 -36.59 8.36
CA ALA M 228 21.58 -37.13 7.66
C ALA M 228 22.09 -36.18 6.59
N GLY M 229 21.29 -35.20 6.18
CA GLY M 229 21.70 -34.22 5.20
C GLY M 229 22.33 -32.98 5.82
N LYS M 230 22.77 -33.11 7.06
CA LYS M 230 23.43 -32.00 7.76
C LYS M 230 24.73 -31.65 7.08
N ASN M 231 24.95 -30.34 6.88
CA ASN M 231 26.13 -29.79 6.21
C ASN M 231 26.32 -30.35 4.81
N TYR M 232 25.21 -30.61 4.11
CA TYR M 232 25.25 -31.14 2.75
C TYR M 232 24.48 -30.28 1.76
N ALA M 233 24.23 -29.01 2.10
CA ALA M 233 23.53 -28.10 1.20
C ALA M 233 24.02 -26.69 1.51
N VAL M 234 24.97 -26.20 0.71
CA VAL M 234 25.56 -24.89 0.92
C VAL M 234 24.80 -23.85 0.09
N ASN M 235 24.64 -22.66 0.65
CA ASN M 235 23.91 -21.57 0.01
C ASN M 235 24.56 -20.26 0.41
N VAL M 236 25.20 -19.59 -0.54
CA VAL M 236 25.86 -18.32 -0.31
C VAL M 236 25.00 -17.20 -0.89
N PRO M 237 24.59 -16.22 -0.08
CA PRO M 237 23.89 -15.05 -0.64
C PRO M 237 24.87 -14.04 -1.21
N LEU M 238 24.41 -13.31 -2.23
CA LEU M 238 25.20 -12.27 -2.86
C LEU M 238 24.38 -10.97 -2.90
N ARG M 239 24.92 -9.95 -3.56
CA ARG M 239 24.25 -8.66 -3.66
C ARG M 239 24.10 -8.23 -5.12
N ASP M 240 23.68 -6.98 -5.32
CA ASP M 240 23.43 -6.47 -6.67
C ASP M 240 24.73 -6.11 -7.36
N GLY M 241 24.84 -6.53 -8.62
CA GLY M 241 25.94 -6.11 -9.47
C GLY M 241 27.31 -6.59 -9.06
N ILE M 242 27.44 -7.86 -8.71
CA ILE M 242 28.73 -8.45 -8.40
C ILE M 242 29.51 -8.61 -9.70
N ASP M 243 30.77 -8.18 -9.70
CA ASP M 243 31.57 -8.16 -10.92
C ASP M 243 32.27 -9.50 -11.14
N ASP M 244 33.07 -9.57 -12.20
CA ASP M 244 33.65 -10.86 -12.62
C ASP M 244 34.77 -11.30 -11.69
N ALA M 245 35.57 -10.36 -11.18
CA ALA M 245 36.69 -10.72 -10.32
C ALA M 245 36.19 -11.26 -8.98
N THR M 246 35.21 -10.58 -8.37
CA THR M 246 34.65 -11.07 -7.13
C THR M 246 33.86 -12.36 -7.33
N TYR M 247 33.27 -12.56 -8.50
CA TYR M 247 32.62 -13.84 -8.77
C TYR M 247 33.64 -14.95 -8.94
N ARG M 248 34.80 -14.64 -9.51
CA ARG M 248 35.89 -15.62 -9.55
C ARG M 248 36.37 -15.96 -8.14
N SER M 249 36.47 -14.94 -7.28
CA SER M 249 36.89 -15.15 -5.89
C SER M 249 35.85 -15.94 -5.10
N VAL M 250 34.57 -15.81 -5.44
CA VAL M 250 33.55 -16.58 -4.73
C VAL M 250 33.33 -17.95 -5.39
N PHE M 251 33.83 -18.15 -6.60
CA PHE M 251 33.66 -19.42 -7.30
C PHE M 251 34.82 -20.38 -6.99
N GLU M 252 36.04 -19.98 -7.34
CA GLU M 252 37.15 -20.95 -7.42
C GLU M 252 37.54 -21.60 -6.09
N PRO M 253 37.74 -20.88 -4.97
CA PRO M 253 38.14 -21.60 -3.74
C PRO M 253 37.08 -22.52 -3.19
N VAL M 254 35.81 -22.11 -3.22
CA VAL M 254 34.76 -23.00 -2.72
C VAL M 254 34.59 -24.20 -3.64
N ILE M 255 34.85 -24.04 -4.94
CA ILE M 255 34.76 -25.17 -5.86
C ILE M 255 35.88 -26.17 -5.61
N LYS M 256 37.12 -25.68 -5.45
CA LYS M 256 38.21 -26.62 -5.18
C LYS M 256 38.06 -27.28 -3.81
N LYS M 257 37.52 -26.55 -2.83
CA LYS M 257 37.28 -27.15 -1.52
C LYS M 257 36.17 -28.20 -1.57
N ILE M 258 35.10 -27.95 -2.35
CA ILE M 258 34.02 -28.91 -2.43
C ILE M 258 34.39 -30.11 -3.30
N MET M 259 35.36 -29.96 -4.22
CA MET M 259 35.88 -31.13 -4.92
C MET M 259 36.85 -31.91 -4.05
N GLU M 260 37.61 -31.24 -3.19
CA GLU M 260 38.53 -31.96 -2.31
C GLU M 260 37.79 -32.71 -1.21
N TRP M 261 36.75 -32.08 -0.62
CA TRP M 261 36.07 -32.65 0.53
C TRP M 261 34.96 -33.63 0.13
N TYR M 262 33.97 -33.16 -0.63
CA TYR M 262 32.82 -34.00 -0.96
C TYR M 262 33.19 -35.08 -1.98
N GLN M 263 34.01 -34.73 -2.97
CA GLN M 263 34.44 -35.58 -4.08
C GLN M 263 33.26 -36.21 -4.81
N PRO M 264 32.49 -35.44 -5.58
CA PRO M 264 31.37 -36.02 -6.31
C PRO M 264 31.84 -36.78 -7.54
N SER M 265 30.95 -37.65 -8.04
CA SER M 265 31.20 -38.37 -9.28
C SER M 265 30.56 -37.72 -10.49
N ALA M 266 29.59 -36.82 -10.30
CA ALA M 266 28.96 -36.12 -11.40
C ALA M 266 28.55 -34.73 -10.92
N VAL M 267 28.51 -33.79 -11.85
CA VAL M 267 28.22 -32.39 -11.55
C VAL M 267 27.10 -31.92 -12.48
N VAL M 268 26.06 -31.33 -11.91
CA VAL M 268 24.95 -30.77 -12.67
C VAL M 268 25.14 -29.27 -12.76
N LEU M 269 25.30 -28.76 -13.98
CA LEU M 269 25.56 -27.35 -14.24
C LEU M 269 24.29 -26.70 -14.79
N GLN M 270 23.72 -25.78 -14.02
CA GLN M 270 22.53 -25.04 -14.44
C GLN M 270 22.96 -23.68 -14.98
N CYS M 271 23.38 -23.69 -16.25
CA CYS M 271 23.73 -22.45 -16.92
C CYS M 271 22.46 -21.65 -17.25
N GLY M 272 22.63 -20.34 -17.32
CA GLY M 272 21.50 -19.48 -17.63
C GLY M 272 21.96 -18.04 -17.78
N GLY M 273 21.15 -17.27 -18.49
CA GLY M 273 21.37 -15.86 -18.69
C GLY M 273 20.81 -14.98 -17.60
N ASP M 274 20.25 -15.58 -16.54
CA ASP M 274 19.73 -14.79 -15.42
C ASP M 274 20.86 -14.14 -14.63
N SER M 275 22.05 -14.74 -14.64
CA SER M 275 23.20 -14.18 -13.93
C SER M 275 23.98 -13.18 -14.76
N LEU M 276 23.49 -12.83 -15.95
CA LEU M 276 24.21 -11.92 -16.82
C LEU M 276 23.96 -10.47 -16.38
N SER M 277 24.57 -9.53 -17.11
CA SER M 277 24.47 -8.12 -16.75
C SER M 277 23.06 -7.60 -16.99
N GLY M 278 22.45 -7.97 -18.11
CA GLY M 278 21.11 -7.52 -18.44
C GLY M 278 20.07 -8.55 -18.02
N ASP M 279 19.14 -8.12 -17.19
CA ASP M 279 18.09 -9.00 -16.69
C ASP M 279 16.89 -8.16 -16.28
N ARG M 280 15.73 -8.80 -16.23
CA ARG M 280 14.51 -8.12 -15.82
C ARG M 280 14.39 -8.07 -14.31
N LEU M 281 14.35 -9.23 -13.65
CA LEU M 281 14.27 -9.30 -12.20
C LEU M 281 15.61 -9.69 -11.57
N GLY M 282 16.66 -9.88 -12.37
CA GLY M 282 17.96 -10.21 -11.85
C GLY M 282 18.72 -9.00 -11.32
N CYS M 283 19.88 -9.28 -10.73
CA CYS M 283 20.68 -8.22 -10.13
C CYS M 283 22.18 -8.38 -10.34
N PHE M 284 22.61 -9.34 -11.16
CA PHE M 284 24.03 -9.64 -11.31
C PHE M 284 24.63 -8.82 -12.45
N ASN M 285 25.96 -8.77 -12.47
CA ASN M 285 26.71 -7.99 -13.46
C ASN M 285 27.89 -8.78 -14.00
N LEU M 286 27.65 -10.03 -14.38
CA LEU M 286 28.68 -10.84 -15.02
C LEU M 286 28.49 -10.83 -16.53
N SER M 287 29.60 -10.84 -17.26
CA SER M 287 29.59 -10.91 -18.70
C SER M 287 29.70 -12.38 -19.13
N MET M 288 29.97 -12.59 -20.42
CA MET M 288 30.11 -13.96 -20.93
C MET M 288 31.39 -14.62 -20.41
N GLU M 289 32.49 -13.86 -20.35
CA GLU M 289 33.76 -14.41 -19.91
C GLU M 289 33.72 -14.84 -18.45
N GLY M 290 33.09 -14.03 -17.59
CA GLY M 290 32.93 -14.42 -16.20
C GLY M 290 32.04 -15.63 -16.01
N HIS M 291 31.02 -15.77 -16.86
CA HIS M 291 30.13 -16.93 -16.80
C HIS M 291 30.79 -18.18 -17.37
N ALA M 292 31.79 -18.02 -18.24
CA ALA M 292 32.40 -19.16 -18.93
C ALA M 292 33.70 -19.64 -18.30
N ASN M 293 34.48 -18.75 -17.68
CA ASN M 293 35.74 -19.18 -17.09
C ASN M 293 35.54 -20.04 -15.86
N CYS M 294 34.47 -19.79 -15.10
CA CYS M 294 34.12 -20.67 -13.98
C CYS M 294 33.76 -22.07 -14.46
N VAL M 295 33.01 -22.16 -15.57
CA VAL M 295 32.69 -23.45 -16.16
C VAL M 295 33.95 -24.13 -16.67
N ASN M 296 34.89 -23.35 -17.23
CA ASN M 296 36.17 -23.91 -17.65
C ASN M 296 36.95 -24.49 -16.49
N TYR M 297 36.97 -23.76 -15.35
CA TYR M 297 37.67 -24.24 -14.17
C TYR M 297 37.04 -25.51 -13.61
N VAL M 298 35.71 -25.57 -13.56
CA VAL M 298 35.07 -26.75 -12.99
C VAL M 298 35.13 -27.92 -13.98
N LYS M 299 35.27 -27.63 -15.28
CA LYS M 299 35.42 -28.69 -16.27
C LYS M 299 36.86 -29.21 -16.33
N SER M 300 37.82 -28.39 -15.90
CA SER M 300 39.22 -28.81 -15.92
C SER M 300 39.52 -29.95 -14.94
N PHE M 301 38.61 -30.24 -14.01
CA PHE M 301 38.79 -31.37 -13.10
C PHE M 301 38.74 -32.70 -13.83
N GLY M 302 38.03 -32.77 -14.96
CA GLY M 302 37.90 -34.00 -15.72
C GLY M 302 36.77 -34.90 -15.28
N ILE M 303 36.02 -34.52 -14.26
CA ILE M 303 34.89 -35.30 -13.75
C ILE M 303 33.76 -35.22 -14.77
N PRO M 304 32.93 -36.26 -14.92
CA PRO M 304 31.74 -36.15 -15.76
C PRO M 304 30.81 -35.04 -15.28
N MET M 305 30.19 -34.36 -16.24
CA MET M 305 29.43 -33.14 -15.97
C MET M 305 28.12 -33.16 -16.73
N MET M 306 27.04 -32.74 -16.06
CA MET M 306 25.74 -32.57 -16.68
C MET M 306 25.45 -31.08 -16.80
N VAL M 307 25.00 -30.65 -17.97
CA VAL M 307 24.73 -29.24 -18.24
C VAL M 307 23.25 -29.09 -18.58
N VAL M 308 22.57 -28.18 -17.87
CA VAL M 308 21.17 -27.90 -18.12
C VAL M 308 20.99 -26.38 -18.17
N GLY M 309 19.93 -25.96 -18.86
CA GLY M 309 19.64 -24.55 -18.98
C GLY M 309 18.18 -24.20 -18.77
N GLY M 310 17.88 -23.36 -17.78
CA GLY M 310 16.51 -23.01 -17.48
C GLY M 310 16.29 -21.60 -16.98
N GLY M 311 17.23 -20.69 -17.25
CA GLY M 311 17.14 -19.33 -16.78
C GLY M 311 17.42 -18.33 -17.88
N GLY M 312 17.14 -17.06 -17.56
CA GLY M 312 17.40 -15.97 -18.49
C GLY M 312 16.17 -15.17 -18.87
N TYR M 313 16.12 -13.91 -18.45
CA TYR M 313 15.03 -13.01 -18.82
C TYR M 313 15.31 -12.33 -20.16
N THR M 314 16.57 -12.00 -20.43
CA THR M 314 16.97 -11.61 -21.77
C THR M 314 17.03 -12.84 -22.66
N MET M 315 17.23 -12.61 -23.95
CA MET M 315 17.19 -13.70 -24.92
C MET M 315 18.46 -13.79 -25.74
N ARG M 316 18.89 -12.66 -26.33
CA ARG M 316 20.12 -12.62 -27.11
C ARG M 316 21.32 -12.99 -26.25
N ASN M 317 21.38 -12.42 -25.04
CA ASN M 317 22.53 -12.61 -24.18
C ASN M 317 22.65 -14.06 -23.70
N VAL M 318 21.53 -14.67 -23.30
CA VAL M 318 21.59 -16.05 -22.83
C VAL M 318 21.91 -17.00 -23.98
N ALA M 319 21.37 -16.70 -25.18
CA ALA M 319 21.71 -17.51 -26.34
C ALA M 319 23.21 -17.43 -26.66
N ARG M 320 23.77 -16.22 -26.57
CA ARG M 320 25.20 -16.03 -26.84
C ARG M 320 26.05 -16.77 -25.81
N THR M 321 25.72 -16.66 -24.52
CA THR M 321 26.59 -17.30 -23.54
C THR M 321 26.44 -18.82 -23.56
N TRP M 322 25.25 -19.34 -23.88
CA TRP M 322 25.11 -20.79 -24.00
C TRP M 322 25.86 -21.32 -25.22
N CYS M 323 25.86 -20.56 -26.32
CA CYS M 323 26.72 -20.92 -27.46
C CYS M 323 28.18 -20.94 -27.05
N PHE M 324 28.61 -19.97 -26.23
CA PHE M 324 29.98 -19.96 -25.77
C PHE M 324 30.28 -21.13 -24.83
N GLU M 325 29.31 -21.53 -24.01
CA GLU M 325 29.50 -22.67 -23.12
C GLU M 325 29.67 -23.96 -23.93
N THR M 326 28.86 -24.14 -24.97
CA THR M 326 29.04 -25.30 -25.85
C THR M 326 30.39 -25.25 -26.56
N GLY M 327 30.81 -24.07 -27.02
CA GLY M 327 32.10 -23.95 -27.65
C GLY M 327 33.25 -24.27 -26.72
N LEU M 328 33.14 -23.85 -25.46
CA LEU M 328 34.15 -24.19 -24.46
C LEU M 328 34.13 -25.69 -24.15
N LEU M 329 32.94 -26.29 -24.06
CA LEU M 329 32.84 -27.72 -23.83
C LEU M 329 33.35 -28.53 -25.00
N ASN M 330 33.38 -27.96 -26.20
CA ASN M 330 33.99 -28.60 -27.36
C ASN M 330 35.50 -28.46 -27.40
N ASN M 331 36.09 -27.85 -26.35
CA ASN M 331 37.53 -27.65 -26.20
C ASN M 331 38.11 -26.80 -27.34
N VAL M 332 37.30 -25.88 -27.87
CA VAL M 332 37.75 -24.92 -28.87
C VAL M 332 37.44 -23.52 -28.35
N VAL M 333 38.06 -22.53 -28.99
CA VAL M 333 37.85 -21.13 -28.66
C VAL M 333 37.07 -20.49 -29.81
N LEU M 334 35.87 -20.01 -29.51
CA LEU M 334 35.01 -19.42 -30.52
C LEU M 334 35.45 -18.00 -30.85
N ASP M 335 35.43 -17.67 -32.13
CA ASP M 335 35.76 -16.32 -32.56
C ASP M 335 34.63 -15.35 -32.21
N LYS M 336 34.96 -14.06 -32.17
CA LYS M 336 33.96 -13.04 -31.88
C LYS M 336 33.04 -12.77 -33.07
N ASP M 337 33.40 -13.25 -34.25
CA ASP M 337 32.57 -13.04 -35.43
C ASP M 337 31.28 -13.84 -35.34
N LEU M 338 30.17 -13.23 -35.75
CA LEU M 338 28.86 -13.87 -35.73
C LEU M 338 28.39 -14.11 -37.15
N PRO M 339 28.25 -15.36 -37.59
CA PRO M 339 27.83 -15.63 -38.97
C PRO M 339 26.33 -15.39 -39.15
N TYR M 340 25.90 -15.53 -40.41
CA TYR M 340 24.49 -15.39 -40.74
C TYR M 340 23.70 -16.59 -40.22
N ASN M 341 22.62 -16.29 -39.51
CA ASN M 341 21.60 -17.27 -39.16
C ASN M 341 20.25 -16.60 -39.28
N GLU M 342 19.18 -17.38 -39.08
CA GLU M 342 17.84 -16.80 -39.16
C GLU M 342 17.53 -15.91 -37.96
N TYR M 343 18.39 -15.92 -36.95
CA TYR M 343 18.22 -15.12 -35.74
C TYR M 343 19.22 -13.98 -35.66
N TYR M 344 19.78 -13.57 -36.81
CA TYR M 344 20.80 -12.53 -36.80
C TYR M 344 20.23 -11.17 -36.44
N GLU M 345 18.94 -10.93 -36.70
CA GLU M 345 18.31 -9.66 -36.37
C GLU M 345 18.12 -9.46 -34.88
N TYR M 346 18.30 -10.50 -34.06
CA TYR M 346 18.07 -10.39 -32.62
C TYR M 346 19.10 -9.49 -31.95
N TYR M 347 20.37 -9.70 -32.25
CA TYR M 347 21.47 -9.18 -31.43
C TYR M 347 21.61 -7.67 -31.55
N GLY M 348 22.57 -7.13 -30.81
CA GLY M 348 22.69 -5.71 -30.62
C GLY M 348 23.38 -5.02 -31.79
N PRO M 349 23.71 -3.73 -31.58
CA PRO M 349 24.35 -2.95 -32.66
C PRO M 349 25.69 -3.49 -33.12
N ASP M 350 26.49 -4.06 -32.21
CA ASP M 350 27.79 -4.58 -32.60
C ASP M 350 27.67 -5.84 -33.45
N TYR M 351 26.60 -6.62 -33.24
CA TYR M 351 26.31 -7.85 -33.98
C TYR M 351 27.46 -8.85 -33.89
N LYS M 352 28.08 -8.92 -32.70
CA LYS M 352 29.16 -9.84 -32.42
C LYS M 352 28.78 -10.73 -31.24
N LEU M 353 29.51 -11.84 -31.09
CA LEU M 353 29.38 -12.68 -29.90
C LEU M 353 30.11 -11.98 -28.76
N SER M 354 29.41 -11.04 -28.14
CA SER M 354 30.01 -10.20 -27.09
C SER M 354 28.90 -9.76 -26.14
N VAL M 355 28.85 -10.37 -24.96
CA VAL M 355 27.89 -9.98 -23.93
C VAL M 355 28.57 -8.89 -23.11
N ARG M 356 28.22 -7.64 -23.39
CA ARG M 356 28.87 -6.51 -22.73
C ARG M 356 28.38 -6.36 -21.30
N PRO M 357 29.26 -6.35 -20.30
CA PRO M 357 28.82 -6.16 -18.92
C PRO M 357 28.37 -4.73 -18.67
N SER M 358 27.45 -4.58 -17.71
CA SER M 358 26.93 -3.27 -17.36
C SER M 358 27.83 -2.61 -16.32
N ASN M 359 27.44 -1.42 -15.89
CA ASN M 359 28.20 -0.63 -14.92
C ASN M 359 27.53 -0.62 -13.54
N MET M 360 27.00 -1.76 -13.14
CA MET M 360 26.39 -1.89 -11.82
C MET M 360 27.41 -1.70 -10.71
N PHE M 361 26.95 -1.12 -9.61
CA PHE M 361 27.79 -0.93 -8.44
C PHE M 361 28.12 -2.26 -7.79
N ASN M 362 29.40 -2.47 -7.50
CA ASN M 362 29.85 -3.69 -6.82
C ASN M 362 29.79 -3.46 -5.31
N VAL M 363 28.58 -3.63 -4.77
CA VAL M 363 28.37 -3.45 -3.34
C VAL M 363 28.92 -4.65 -2.56
N ASN M 364 29.11 -5.79 -3.23
CA ASN M 364 29.61 -7.02 -2.60
C ASN M 364 31.04 -6.78 -2.11
N THR M 365 31.19 -6.67 -0.79
CA THR M 365 32.47 -6.37 -0.16
C THR M 365 33.34 -7.61 -0.07
N PRO M 366 34.66 -7.44 -0.14
CA PRO M 366 35.57 -8.58 0.05
C PRO M 366 35.51 -9.20 1.44
N GLU M 367 35.29 -8.39 2.49
CA GLU M 367 35.30 -8.93 3.84
C GLU M 367 34.05 -9.75 4.13
N TYR M 368 32.91 -9.34 3.56
CA TYR M 368 31.68 -10.14 3.66
C TYR M 368 31.89 -11.50 3.00
N LEU M 369 32.52 -11.51 1.82
CA LEU M 369 32.82 -12.76 1.13
C LEU M 369 33.79 -13.61 1.93
N ASP M 370 34.77 -12.98 2.58
CA ASP M 370 35.73 -13.72 3.39
C ASP M 370 35.06 -14.36 4.60
N LYS M 371 34.15 -13.62 5.26
CA LYS M 371 33.40 -14.19 6.37
C LYS M 371 32.53 -15.35 5.91
N VAL M 372 31.93 -15.22 4.71
CA VAL M 372 31.19 -16.32 4.11
C VAL M 372 32.10 -17.52 3.89
N MET M 373 33.35 -17.28 3.45
CA MET M 373 34.30 -18.38 3.27
C MET M 373 34.61 -19.09 4.58
N THR M 374 34.84 -18.33 5.66
CA THR M 374 35.11 -18.97 6.95
C THR M 374 33.90 -19.78 7.43
N ASN M 375 32.69 -19.23 7.26
CA ASN M 375 31.51 -19.95 7.73
C ASN M 375 31.29 -21.22 6.89
N ILE M 376 31.48 -21.11 5.57
CA ILE M 376 31.31 -22.26 4.68
C ILE M 376 32.34 -23.34 4.98
N PHE M 377 33.59 -22.94 5.23
CA PHE M 377 34.63 -23.92 5.55
C PHE M 377 34.37 -24.59 6.89
N ALA M 378 33.91 -23.82 7.88
CA ALA M 378 33.57 -24.41 9.17
C ALA M 378 32.37 -25.34 9.08
N ASN M 379 31.44 -25.07 8.16
CA ASN M 379 30.32 -25.99 7.96
C ASN M 379 30.73 -27.23 7.18
N LEU M 380 31.61 -27.09 6.21
CA LEU M 380 31.95 -28.16 5.29
C LEU M 380 33.14 -29.00 5.74
N GLU M 381 33.84 -28.61 6.81
CA GLU M 381 34.94 -29.44 7.31
C GLU M 381 34.46 -30.75 7.93
N ASN M 382 33.19 -30.83 8.30
CA ASN M 382 32.62 -32.04 8.87
C ASN M 382 32.20 -33.06 7.82
N THR M 383 32.16 -32.67 6.54
CA THR M 383 31.77 -33.61 5.50
C THR M 383 32.85 -34.65 5.26
N LYS M 384 34.11 -34.22 5.16
CA LYS M 384 35.28 -35.08 4.92
C LYS M 384 35.13 -35.94 3.68
N VAL M 404 5.37 -45.83 -19.78
CA VAL M 404 5.40 -47.05 -18.98
C VAL M 404 6.81 -47.32 -18.48
N GLU M 405 6.93 -47.72 -17.22
CA GLU M 405 8.23 -48.02 -16.67
C GLU M 405 8.99 -48.94 -17.61
N GLU M 406 8.29 -49.78 -18.37
CA GLU M 406 8.98 -50.59 -19.36
C GLU M 406 10.16 -49.84 -19.97
N ASP M 407 10.02 -48.52 -20.12
CA ASP M 407 11.06 -47.67 -20.68
C ASP M 407 11.99 -47.10 -19.61
N SER M 408 12.21 -47.84 -18.53
CA SER M 408 13.08 -47.38 -17.46
C SER M 408 14.54 -47.35 -17.92
N ALA M 409 15.34 -46.58 -17.17
CA ALA M 409 16.76 -46.35 -17.38
C ALA M 409 17.08 -45.66 -18.71
N GLU M 410 16.05 -45.14 -19.40
CA GLU M 410 16.17 -44.38 -20.65
C GLU M 410 16.89 -45.23 -21.69
N ALA M 411 18.11 -44.84 -22.13
CA ALA M 411 18.89 -45.57 -23.14
C ALA M 411 18.11 -45.74 -24.44
N LYS M 412 17.37 -44.71 -24.82
CA LYS M 412 16.58 -44.75 -26.05
C LYS M 412 16.40 -43.30 -26.51
N ASP M 413 17.05 -42.94 -27.61
CA ASP M 413 16.88 -41.63 -28.22
C ASP M 413 16.90 -41.78 -29.73
N THR M 414 16.30 -40.82 -30.41
CA THR M 414 16.34 -40.79 -31.87
C THR M 414 17.75 -40.43 -32.34
N LYS M 415 18.07 -40.83 -33.58
CA LYS M 415 19.40 -40.60 -34.11
C LYS M 415 19.67 -39.11 -34.31
N GLY M 416 18.77 -38.41 -34.97
CA GLY M 416 18.88 -36.97 -35.15
C GLY M 416 20.11 -36.52 -35.91
N GLY M 417 20.41 -37.17 -37.02
CA GLY M 417 21.62 -36.87 -37.76
C GLY M 417 21.50 -35.84 -38.87
N SER M 418 20.29 -35.35 -39.16
CA SER M 418 20.05 -34.45 -40.26
C SER M 418 19.33 -33.19 -39.75
N GLN M 419 20.12 -32.14 -39.48
CA GLN M 419 19.59 -30.82 -39.15
C GLN M 419 19.86 -29.86 -40.32
N TYR M 420 18.91 -28.96 -40.55
CA TYR M 420 19.05 -27.93 -41.58
C TYR M 420 18.94 -26.53 -40.97
N ALA M 421 19.41 -26.37 -39.73
CA ALA M 421 19.39 -25.07 -39.08
C ALA M 421 20.50 -24.14 -39.54
N ARG M 422 21.47 -24.65 -40.30
CA ARG M 422 22.56 -23.81 -40.79
C ARG M 422 22.07 -22.86 -41.87
N ASP M 423 22.64 -21.66 -41.89
CA ASP M 423 22.28 -20.66 -42.87
C ASP M 423 23.51 -20.10 -43.58
N GLU N 499 40.39 -10.29 37.16
CA GLU N 499 39.77 -9.12 36.56
C GLU N 499 38.24 -9.26 36.53
N GLU N 500 37.72 -10.15 37.36
CA GLU N 500 36.27 -10.36 37.43
C GLU N 500 35.56 -9.13 37.99
N VAL N 501 36.19 -8.46 38.96
CA VAL N 501 35.55 -7.31 39.60
C VAL N 501 35.58 -6.08 38.71
N THR N 502 36.38 -6.08 37.64
CA THR N 502 36.42 -4.97 36.69
C THR N 502 35.93 -5.37 35.31
N PHE N 503 35.41 -6.61 35.15
CA PHE N 503 34.95 -7.05 33.85
C PHE N 503 33.61 -6.41 33.49
N PHE N 504 32.69 -6.31 34.45
CA PHE N 504 31.39 -5.72 34.16
C PHE N 504 31.50 -4.22 33.90
N GLU N 505 32.39 -3.52 34.61
CA GLU N 505 32.61 -2.10 34.34
C GLU N 505 33.17 -1.89 32.95
N LYS N 506 34.13 -2.73 32.54
CA LYS N 506 34.67 -2.64 31.18
C LYS N 506 33.61 -2.95 30.14
N ALA N 507 32.76 -3.95 30.40
CA ALA N 507 31.68 -4.27 29.48
C ALA N 507 30.67 -3.13 29.36
N LYS N 508 30.34 -2.49 30.49
CA LYS N 508 29.42 -1.36 30.46
C LYS N 508 30.03 -0.17 29.74
N ARG N 509 31.32 0.07 29.91
CA ARG N 509 31.99 1.15 29.19
C ARG N 509 32.05 0.87 27.69
N TYR N 510 32.24 -0.41 27.31
CA TYR N 510 32.31 -0.76 25.90
C TYR N 510 30.94 -0.68 25.24
N ILE N 511 29.88 -1.09 25.95
CA ILE N 511 28.54 -1.07 25.38
C ILE N 511 28.06 0.36 25.18
N GLY N 512 28.19 1.20 26.21
CA GLY N 512 27.82 2.59 26.10
C GLY N 512 26.33 2.87 26.26
N ASN N 513 25.53 2.39 25.32
CA ASN N 513 24.11 2.69 25.32
C ASN N 513 23.42 1.92 26.46
N LYS N 514 22.44 2.57 27.08
CA LYS N 514 21.79 1.98 28.26
C LYS N 514 20.88 0.82 27.88
N HIS N 515 20.04 1.01 26.86
CA HIS N 515 19.10 -0.04 26.45
C HIS N 515 19.84 -1.29 25.97
N LEU N 516 20.97 -1.09 25.29
CA LEU N 516 21.80 -2.21 24.90
C LEU N 516 22.38 -2.93 26.11
N TYR N 517 22.66 -2.18 27.18
CA TYR N 517 23.11 -2.80 28.42
C TYR N 517 21.99 -3.62 29.06
N THR N 518 20.75 -3.14 29.00
CA THR N 518 19.63 -3.94 29.50
C THR N 518 19.42 -5.21 28.68
N GLU N 519 19.60 -5.12 27.36
CA GLU N 519 19.49 -6.32 26.53
C GLU N 519 20.61 -7.31 26.82
N PHE N 520 21.82 -6.80 27.06
CA PHE N 520 22.92 -7.64 27.50
C PHE N 520 22.62 -8.31 28.84
N LEU N 521 21.99 -7.55 29.74
CA LEU N 521 21.62 -8.08 31.05
C LEU N 521 20.56 -9.18 30.90
N LYS N 522 19.61 -8.99 29.98
CA LYS N 522 18.58 -9.98 29.73
C LYS N 522 19.15 -11.27 29.15
N ILE N 523 20.09 -11.15 28.20
CA ILE N 523 20.75 -12.32 27.65
C ILE N 523 21.60 -13.00 28.74
N LEU N 524 22.20 -12.20 29.61
CA LEU N 524 22.99 -12.72 30.73
C LEU N 524 22.12 -13.58 31.63
N ASN N 525 20.91 -13.09 31.94
CA ASN N 525 19.94 -13.87 32.71
C ASN N 525 19.46 -15.11 31.95
N LEU N 526 19.26 -14.97 30.63
CA LEU N 526 18.74 -16.08 29.84
C LEU N 526 19.69 -17.26 29.85
N TYR N 527 21.00 -17.01 29.79
CA TYR N 527 21.89 -18.13 29.99
C TYR N 527 22.01 -18.51 31.46
N SER N 528 21.90 -17.53 32.37
CA SER N 528 22.10 -17.79 33.79
C SER N 528 20.94 -18.53 34.44
N GLN N 529 19.77 -18.59 33.81
CA GLN N 529 18.60 -19.25 34.37
C GLN N 529 18.41 -20.67 33.86
N ASP N 530 19.48 -21.29 33.34
CA ASP N 530 19.45 -22.64 32.75
C ASP N 530 18.41 -22.75 31.63
N ILE N 531 18.31 -21.70 30.83
CA ILE N 531 17.43 -21.68 29.68
C ILE N 531 18.20 -21.73 28.37
N LEU N 532 19.25 -20.92 28.25
CA LEU N 532 20.09 -20.91 27.06
C LEU N 532 21.25 -21.88 27.23
N ASP N 533 21.76 -22.37 26.10
CA ASP N 533 22.89 -23.27 26.10
C ASP N 533 24.19 -22.48 25.87
N LEU N 534 25.32 -23.18 25.78
CA LEU N 534 26.60 -22.51 25.59
C LEU N 534 26.77 -21.98 24.18
N ASP N 535 26.20 -22.68 23.19
CA ASP N 535 26.33 -22.24 21.80
C ASP N 535 25.59 -20.93 21.55
N ASP N 536 24.42 -20.77 22.18
CA ASP N 536 23.67 -19.51 22.04
C ASP N 536 24.43 -18.34 22.66
N LEU N 537 25.04 -18.56 23.83
CA LEU N 537 25.86 -17.51 24.42
C LEU N 537 27.09 -17.21 23.57
N VAL N 538 27.68 -18.25 22.98
CA VAL N 538 28.87 -18.05 22.13
C VAL N 538 28.52 -17.21 20.91
N GLU N 539 27.41 -17.53 20.25
CA GLU N 539 27.03 -16.74 19.08
C GLU N 539 26.48 -15.37 19.47
N LYS N 540 26.02 -15.20 20.72
CA LYS N 540 25.62 -13.86 21.17
C LYS N 540 26.85 -12.97 21.38
N VAL N 541 27.88 -13.50 22.06
CA VAL N 541 29.10 -12.72 22.26
C VAL N 541 29.90 -12.60 20.96
N ASP N 542 29.62 -13.44 19.96
CA ASP N 542 30.23 -13.29 18.64
C ASP N 542 29.87 -11.94 18.03
N PHE N 543 28.61 -11.53 18.13
CA PHE N 543 28.20 -10.21 17.68
C PHE N 543 28.32 -9.14 18.76
N TYR N 544 28.43 -9.55 20.02
CA TYR N 544 28.51 -8.58 21.12
C TYR N 544 29.94 -8.06 21.29
N LEU N 545 30.87 -8.95 21.61
CA LEU N 545 32.26 -8.60 21.89
C LEU N 545 33.20 -9.31 20.92
N GLY N 546 32.83 -9.35 19.64
CA GLY N 546 33.66 -10.00 18.64
C GLY N 546 34.97 -9.26 18.39
N SER N 547 34.92 -7.92 18.40
CA SER N 547 36.11 -7.14 18.13
C SER N 547 37.14 -7.26 19.25
N ASN N 548 36.69 -7.25 20.50
CA ASN N 548 37.60 -7.34 21.62
C ASN N 548 38.12 -8.77 21.76
N LYS N 549 39.28 -9.04 21.15
CA LYS N 549 39.85 -10.39 21.18
C LYS N 549 40.31 -10.78 22.59
N GLU N 550 40.87 -9.82 23.33
CA GLU N 550 41.32 -10.10 24.69
C GLU N 550 40.14 -10.43 25.59
N LEU N 551 39.06 -9.64 25.50
CA LEU N 551 37.88 -9.90 26.31
C LEU N 551 37.19 -11.21 25.90
N PHE N 552 37.17 -11.51 24.60
CA PHE N 552 36.58 -12.76 24.13
C PHE N 552 37.38 -13.98 24.62
N THR N 553 38.71 -13.90 24.57
CA THR N 553 39.54 -14.99 25.07
C THR N 553 39.39 -15.13 26.58
N TRP N 554 39.28 -14.01 27.29
CA TRP N 554 39.06 -14.04 28.75
C TRP N 554 37.74 -14.73 29.07
N PHE N 555 36.67 -14.38 28.34
CA PHE N 555 35.37 -14.99 28.56
C PHE N 555 35.39 -16.48 28.22
N LYS N 556 36.07 -16.85 27.14
CA LYS N 556 36.14 -18.25 26.74
C LYS N 556 36.93 -19.09 27.74
N ASN N 557 38.01 -18.52 28.29
CA ASN N 557 38.79 -19.25 29.28
C ASN N 557 38.04 -19.33 30.62
N PHE N 558 37.31 -18.28 30.98
CA PHE N 558 36.62 -18.26 32.27
C PHE N 558 35.40 -19.18 32.25
N VAL N 559 34.62 -19.15 31.17
CA VAL N 559 33.44 -20.01 31.07
C VAL N 559 33.86 -21.46 30.90
N GLY N 560 34.78 -21.72 29.98
CA GLY N 560 35.23 -23.06 29.67
C GLY N 560 34.72 -23.64 28.36
N TYR N 561 34.30 -22.81 27.41
CA TYR N 561 33.81 -23.30 26.13
C TYR N 561 34.95 -23.89 25.31
N GLN N 562 34.66 -24.99 24.61
CA GLN N 562 35.65 -25.67 23.78
C GLN N 562 35.54 -25.23 22.33
N CYS N 583 23.11 -31.63 17.90
CA CYS N 583 22.15 -30.58 17.63
C CYS N 583 22.04 -30.28 16.14
N GLU N 584 21.02 -29.53 15.76
CA GLU N 584 20.79 -29.16 14.37
C GLU N 584 20.61 -27.65 14.26
N ALA N 585 20.91 -27.13 13.06
CA ALA N 585 20.80 -25.69 12.84
C ALA N 585 19.35 -25.22 12.92
N PHE N 586 18.46 -25.89 12.18
CA PHE N 586 17.01 -25.63 12.16
C PHE N 586 16.72 -24.18 11.78
N GLY N 587 17.06 -23.85 10.53
CA GLY N 587 16.91 -22.52 10.01
C GLY N 587 15.46 -22.07 9.89
N PRO N 588 15.26 -20.78 9.59
CA PRO N 588 13.89 -20.25 9.51
C PRO N 588 13.02 -20.89 8.44
N SER N 589 13.60 -21.31 7.32
CA SER N 589 12.86 -21.95 6.25
C SER N 589 12.96 -23.47 6.35
N TYR N 590 12.08 -24.15 5.61
CA TYR N 590 11.99 -25.61 5.56
C TYR N 590 11.76 -26.21 6.95
N LYS N 591 10.60 -25.89 7.51
CA LYS N 591 10.21 -26.52 8.76
C LYS N 591 9.50 -27.84 8.49
N ARG N 592 9.41 -28.66 9.52
CA ARG N 592 8.98 -30.05 9.34
C ARG N 592 7.47 -30.13 9.11
N LEU N 593 7.08 -30.88 8.08
CA LEU N 593 5.69 -31.16 7.80
C LEU N 593 5.19 -32.33 8.67
N PRO N 594 3.89 -32.43 8.89
CA PRO N 594 3.35 -33.60 9.59
C PRO N 594 3.44 -34.85 8.73
N LYS N 595 3.36 -36.00 9.42
CA LYS N 595 3.40 -37.29 8.74
C LYS N 595 2.10 -37.62 8.01
N SER N 596 1.04 -36.84 8.22
CA SER N 596 -0.22 -37.08 7.52
C SER N 596 -0.06 -36.86 6.02
N ASP N 597 0.69 -35.83 5.62
CA ASP N 597 0.95 -35.58 4.21
C ASP N 597 1.91 -36.58 3.59
N THR N 598 2.63 -37.35 4.40
CA THR N 598 3.55 -38.35 3.87
C THR N 598 2.79 -39.52 3.25
N PHE N 599 1.62 -39.85 3.80
CA PHE N 599 0.79 -40.93 3.27
C PHE N 599 0.24 -40.52 1.90
N MET N 600 0.79 -41.13 0.85
CA MET N 600 0.49 -40.79 -0.52
C MET N 600 0.96 -42.02 -1.28
N PRO N 601 0.09 -42.66 -2.11
CA PRO N 601 0.45 -43.95 -2.72
C PRO N 601 1.70 -43.96 -3.59
N CYS N 602 1.76 -43.07 -4.59
CA CYS N 602 2.94 -42.82 -5.43
C CYS N 602 3.59 -44.11 -5.94
N SER N 603 2.84 -44.79 -6.81
CA SER N 603 3.28 -46.10 -7.31
C SER N 603 4.56 -46.02 -8.14
N GLY N 604 4.88 -44.84 -8.66
CA GLY N 604 6.11 -44.67 -9.43
C GLY N 604 7.31 -44.24 -8.61
N ARG N 605 7.36 -44.67 -7.35
CA ARG N 605 8.45 -44.33 -6.44
C ARG N 605 8.97 -45.62 -5.80
N ASP N 606 10.24 -45.94 -6.06
CA ASP N 606 10.84 -47.15 -5.54
C ASP N 606 11.53 -46.86 -4.20
N ASP N 607 12.34 -47.82 -3.73
CA ASP N 607 12.97 -47.68 -2.42
C ASP N 607 14.11 -46.67 -2.45
N MET N 608 14.85 -46.60 -3.55
CA MET N 608 15.95 -45.65 -3.63
C MET N 608 15.43 -44.21 -3.66
N CYS N 609 14.34 -43.97 -4.39
CA CYS N 609 13.67 -42.68 -4.31
C CYS N 609 13.12 -42.41 -2.92
N TRP N 610 12.70 -43.46 -2.21
CA TRP N 610 12.24 -43.29 -0.83
C TRP N 610 13.38 -42.82 0.07
N GLU N 611 14.59 -43.35 -0.11
CA GLU N 611 15.68 -42.99 0.78
C GLU N 611 16.50 -41.79 0.32
N VAL N 612 16.26 -41.28 -0.90
CA VAL N 612 16.95 -40.05 -1.31
C VAL N 612 16.04 -38.82 -1.31
N LEU N 613 14.73 -38.99 -1.13
CA LEU N 613 13.79 -37.88 -1.15
C LEU N 613 12.96 -37.86 0.12
N ASN N 614 12.53 -36.68 0.51
CA ASN N 614 11.83 -36.44 1.77
C ASN N 614 10.44 -35.88 1.50
N ASP N 615 9.46 -36.36 2.26
CA ASP N 615 8.08 -35.90 2.12
C ASP N 615 7.65 -34.98 3.26
N GLU N 616 8.53 -34.68 4.20
CA GLU N 616 8.16 -33.90 5.38
C GLU N 616 8.87 -32.54 5.42
N TRP N 617 9.42 -32.09 4.29
CA TRP N 617 10.08 -30.79 4.21
C TRP N 617 9.69 -30.14 2.89
N VAL N 618 9.05 -28.97 2.95
CA VAL N 618 8.59 -28.27 1.77
C VAL N 618 8.82 -26.77 1.97
N GLY N 619 9.09 -26.06 0.88
CA GLY N 619 9.32 -24.63 0.92
C GLY N 619 8.27 -23.88 0.11
N HIS N 620 8.05 -22.62 0.47
CA HIS N 620 7.07 -21.75 -0.16
C HIS N 620 7.49 -20.29 0.06
N PRO N 621 7.69 -19.52 -1.01
CA PRO N 621 8.24 -18.16 -0.84
C PRO N 621 7.39 -17.20 -0.01
N VAL N 622 6.07 -17.45 0.13
CA VAL N 622 5.24 -16.54 0.90
C VAL N 622 5.59 -16.61 2.40
N TRP N 623 6.12 -17.75 2.85
CA TRP N 623 6.61 -17.83 4.23
C TRP N 623 7.84 -16.96 4.43
N ALA N 624 8.70 -16.87 3.41
CA ALA N 624 9.88 -16.01 3.50
C ALA N 624 9.48 -14.53 3.47
N SER N 625 8.42 -14.21 2.74
CA SER N 625 7.93 -12.84 2.67
C SER N 625 7.21 -12.39 3.93
N GLU N 626 6.85 -13.34 4.82
CA GLU N 626 6.12 -13.08 6.06
C GLU N 626 4.81 -12.34 5.78
N ASP N 627 4.08 -12.84 4.77
CA ASP N 627 2.79 -12.29 4.35
C ASP N 627 2.89 -10.82 3.97
N SER N 628 3.90 -10.48 3.17
CA SER N 628 4.09 -9.12 2.71
C SER N 628 4.38 -9.02 1.22
N GLY N 629 4.50 -10.14 0.51
CA GLY N 629 4.74 -10.12 -0.92
C GLY N 629 6.19 -9.86 -1.25
N PHE N 630 6.45 -9.74 -2.55
CA PHE N 630 7.79 -9.49 -3.07
C PHE N 630 7.73 -8.41 -4.14
N ILE N 631 8.86 -7.72 -4.31
CA ILE N 631 9.00 -6.69 -5.33
C ILE N 631 10.22 -7.01 -6.18
N ALA N 632 10.23 -6.47 -7.39
CA ALA N 632 11.30 -6.70 -8.34
C ALA N 632 12.30 -5.53 -8.31
N HIS N 633 13.44 -5.75 -8.96
CA HIS N 633 14.45 -4.71 -9.08
C HIS N 633 13.98 -3.63 -10.04
N ARG N 634 14.10 -2.36 -9.61
CA ARG N 634 13.63 -1.26 -10.43
C ARG N 634 14.58 -1.00 -11.58
N LYS N 635 14.03 -0.90 -12.79
CA LYS N 635 14.81 -0.66 -14.00
C LYS N 635 14.35 0.65 -14.64
N ASN N 636 15.25 1.27 -15.40
CA ASN N 636 14.92 2.52 -16.06
C ASN N 636 14.04 2.26 -17.28
N GLN N 637 13.58 3.36 -17.90
CA GLN N 637 12.61 3.25 -18.99
C GLN N 637 13.21 2.65 -20.25
N TYR N 638 14.50 2.84 -20.48
CA TYR N 638 15.14 2.27 -21.67
C TYR N 638 15.22 0.75 -21.56
N GLU N 639 15.53 0.25 -20.36
CA GLU N 639 15.52 -1.19 -20.15
C GLU N 639 14.12 -1.77 -20.31
N GLU N 640 13.10 -1.05 -19.82
CA GLU N 640 11.73 -1.53 -19.95
C GLU N 640 11.28 -1.58 -21.41
N THR N 641 11.61 -0.56 -22.20
CA THR N 641 11.20 -0.60 -23.60
C THR N 641 12.04 -1.61 -24.39
N LEU N 642 13.29 -1.84 -23.99
CA LEU N 642 14.07 -2.93 -24.59
C LEU N 642 13.44 -4.28 -24.28
N PHE N 643 12.98 -4.47 -23.04
CA PHE N 643 12.31 -5.71 -22.67
C PHE N 643 11.01 -5.87 -23.46
N LYS N 644 10.25 -4.79 -23.64
CA LYS N 644 8.98 -4.91 -24.36
C LYS N 644 9.21 -5.18 -25.84
N ILE N 645 10.26 -4.60 -26.45
CA ILE N 645 10.52 -4.90 -27.85
C ILE N 645 11.11 -6.31 -27.99
N GLU N 646 11.80 -6.81 -26.95
CA GLU N 646 12.21 -8.20 -26.95
C GLU N 646 11.02 -9.14 -26.86
N GLU N 647 10.00 -8.77 -26.08
CA GLU N 647 8.76 -9.53 -26.04
C GLU N 647 8.07 -9.55 -27.41
N GLU N 648 8.02 -8.39 -28.07
CA GLU N 648 7.46 -8.33 -29.42
C GLU N 648 8.22 -9.24 -30.38
N ARG N 649 9.55 -9.18 -30.35
CA ARG N 649 10.38 -10.01 -31.21
C ARG N 649 10.16 -11.50 -30.94
N HIS N 650 10.14 -11.88 -29.65
CA HIS N 650 9.93 -13.28 -29.29
C HIS N 650 8.58 -13.79 -29.76
N GLU N 651 7.51 -13.04 -29.49
CA GLU N 651 6.17 -13.48 -29.87
C GLU N 651 6.05 -13.59 -31.38
N TYR N 652 6.57 -12.59 -32.11
CA TYR N 652 6.36 -12.55 -33.56
C TYR N 652 7.20 -13.62 -34.26
N ASP N 653 8.46 -13.80 -33.84
CA ASP N 653 9.30 -14.82 -34.46
C ASP N 653 8.82 -16.22 -34.08
N PHE N 654 8.30 -16.39 -32.85
CA PHE N 654 7.70 -17.66 -32.46
C PHE N 654 6.50 -17.98 -33.33
N TYR N 655 5.67 -16.97 -33.62
CA TYR N 655 4.54 -17.15 -34.53
C TYR N 655 5.00 -17.61 -35.90
N ILE N 656 5.99 -16.91 -36.48
CA ILE N 656 6.49 -17.25 -37.81
C ILE N 656 7.04 -18.67 -37.84
N GLU N 657 7.85 -19.03 -36.84
CA GLU N 657 8.55 -20.30 -36.95
C GLU N 657 7.68 -21.50 -36.55
N SER N 658 6.72 -21.32 -35.63
CA SER N 658 5.73 -22.36 -35.41
C SER N 658 4.87 -22.55 -36.65
N ASN N 659 4.54 -21.45 -37.34
CA ASN N 659 3.76 -21.55 -38.57
C ASN N 659 4.52 -22.30 -39.65
N LEU N 660 5.83 -22.04 -39.81
CA LEU N 660 6.50 -22.77 -40.90
C LEU N 660 6.90 -24.18 -40.46
N ARG N 661 6.94 -24.46 -39.16
CA ARG N 661 7.03 -25.86 -38.72
C ARG N 661 5.75 -26.62 -39.09
N THR N 662 4.58 -25.98 -38.91
CA THR N 662 3.33 -26.57 -39.37
C THR N 662 3.32 -26.69 -40.89
N ILE N 663 3.95 -25.75 -41.60
CA ILE N 663 4.11 -25.84 -43.04
C ILE N 663 4.94 -27.06 -43.41
N GLN N 664 6.02 -27.31 -42.67
CA GLN N 664 6.83 -28.50 -42.91
C GLN N 664 6.04 -29.78 -42.66
N CYS N 665 5.24 -29.81 -41.59
CA CYS N 665 4.40 -30.98 -41.32
C CYS N 665 3.39 -31.21 -42.45
N LEU N 666 2.74 -30.14 -42.92
CA LEU N 666 1.77 -30.27 -43.98
C LEU N 666 2.41 -30.65 -45.30
N GLU N 667 3.60 -30.12 -45.60
CA GLU N 667 4.27 -30.54 -46.84
C GLU N 667 4.74 -31.98 -46.73
N THR N 668 5.07 -32.46 -45.53
CA THR N 668 5.43 -33.87 -45.41
C THR N 668 4.24 -34.79 -45.65
N ILE N 669 3.06 -34.48 -45.07
CA ILE N 669 2.00 -35.47 -45.29
C ILE N 669 1.42 -35.33 -46.70
N VAL N 670 1.50 -34.13 -47.31
CA VAL N 670 1.15 -34.00 -48.72
C VAL N 670 2.13 -34.77 -49.59
N ASN N 671 3.43 -34.76 -49.26
CA ASN N 671 4.39 -35.58 -49.99
C ASN N 671 4.11 -37.07 -49.80
N LYS N 672 3.60 -37.46 -48.64
CA LYS N 672 3.21 -38.86 -48.45
C LYS N 672 1.98 -39.21 -49.30
N ILE N 673 1.01 -38.30 -49.41
CA ILE N 673 -0.20 -38.63 -50.17
C ILE N 673 -0.05 -38.27 -51.64
N GLU N 674 1.16 -37.85 -52.03
CA GLU N 674 1.37 -37.45 -53.42
C GLU N 674 1.40 -38.63 -54.38
N ASN N 675 1.75 -39.82 -53.91
CA ASN N 675 1.95 -41.00 -54.76
C ASN N 675 1.01 -42.14 -54.39
N MET N 676 -0.25 -41.81 -54.12
CA MET N 676 -1.25 -42.81 -53.75
C MET N 676 -2.59 -42.42 -54.36
N THR N 677 -3.49 -43.39 -54.42
CA THR N 677 -4.70 -43.28 -55.23
C THR N 677 -5.87 -42.72 -54.41
N GLU N 678 -7.01 -42.55 -55.09
CA GLU N 678 -8.18 -41.95 -54.47
C GLU N 678 -8.85 -42.90 -53.48
N ASN N 679 -8.71 -44.21 -53.68
CA ASN N 679 -9.37 -45.19 -52.83
C ASN N 679 -8.87 -45.11 -51.39
N GLU N 680 -7.56 -44.95 -51.21
CA GLU N 680 -7.01 -44.70 -49.89
C GLU N 680 -6.98 -43.23 -49.52
N LYS N 681 -7.25 -42.33 -50.47
CA LYS N 681 -7.37 -40.91 -50.15
C LYS N 681 -8.69 -40.61 -49.46
N ALA N 682 -9.75 -41.31 -49.86
CA ALA N 682 -11.06 -41.13 -49.23
C ALA N 682 -11.04 -41.56 -47.77
N ASN N 683 -10.36 -42.66 -47.47
CA ASN N 683 -10.27 -43.20 -46.11
C ASN N 683 -8.83 -43.09 -45.65
N PHE N 684 -8.52 -42.02 -44.93
CA PHE N 684 -7.18 -41.77 -44.38
C PHE N 684 -7.28 -41.31 -42.93
N LYS N 685 -8.03 -42.07 -42.13
CA LYS N 685 -8.18 -41.74 -40.71
C LYS N 685 -6.84 -41.87 -39.98
N LEU N 686 -6.51 -40.86 -39.18
CA LEU N 686 -5.24 -40.78 -38.50
C LEU N 686 -5.46 -40.38 -37.04
N PRO N 687 -4.60 -40.83 -36.14
CA PRO N 687 -4.69 -40.38 -34.75
C PRO N 687 -4.21 -38.95 -34.61
N PRO N 688 -4.54 -38.28 -33.49
CA PRO N 688 -4.02 -36.93 -33.26
C PRO N 688 -2.49 -36.92 -33.22
N GLY N 689 -1.91 -35.85 -33.75
CA GLY N 689 -0.47 -35.70 -33.88
C GLY N 689 0.02 -35.67 -35.30
N LEU N 690 -0.82 -36.08 -36.26
CA LEU N 690 -0.50 -36.10 -37.70
C LEU N 690 0.74 -36.92 -37.99
N GLY N 691 0.91 -38.03 -37.27
CA GLY N 691 2.05 -38.89 -37.47
C GLY N 691 3.37 -38.32 -37.01
N HIS N 692 3.35 -37.37 -36.09
CA HIS N 692 4.56 -36.71 -35.59
C HIS N 692 4.64 -36.89 -34.08
N THR N 693 5.72 -36.37 -33.50
CA THR N 693 5.96 -36.51 -32.07
C THR N 693 5.36 -35.39 -31.23
N SER N 694 4.68 -34.42 -31.85
CA SER N 694 4.04 -33.33 -31.14
C SER N 694 2.52 -33.51 -31.19
N MET N 695 1.82 -32.97 -30.19
CA MET N 695 0.38 -33.14 -30.09
C MET N 695 -0.41 -31.89 -30.49
N THR N 696 0.00 -30.70 -30.06
CA THR N 696 -0.87 -29.54 -30.16
C THR N 696 -0.23 -28.31 -30.79
N ILE N 697 0.86 -28.45 -31.55
CA ILE N 697 1.41 -27.27 -32.24
C ILE N 697 0.50 -26.84 -33.38
N TYR N 698 -0.08 -27.80 -34.10
CA TYR N 698 -0.95 -27.46 -35.22
C TYR N 698 -2.28 -26.89 -34.71
N LYS N 699 -2.81 -27.45 -33.62
CA LYS N 699 -4.02 -26.90 -33.02
C LYS N 699 -3.80 -25.48 -32.54
N LYS N 700 -2.65 -25.21 -31.93
CA LYS N 700 -2.36 -23.86 -31.44
C LYS N 700 -2.20 -22.88 -32.60
N VAL N 701 -1.50 -23.26 -33.67
CA VAL N 701 -1.31 -22.30 -34.76
C VAL N 701 -2.62 -22.06 -35.51
N ILE N 702 -3.50 -23.08 -35.64
CA ILE N 702 -4.77 -22.82 -36.32
C ILE N 702 -5.71 -22.07 -35.39
N ARG N 703 -5.53 -22.19 -34.06
CA ARG N 703 -6.27 -21.33 -33.15
C ARG N 703 -5.83 -19.88 -33.27
N LYS N 704 -4.53 -19.66 -33.49
CA LYS N 704 -4.02 -18.30 -33.60
C LYS N 704 -4.42 -17.67 -34.93
N VAL N 705 -4.35 -18.42 -36.03
CA VAL N 705 -4.58 -17.80 -37.34
C VAL N 705 -6.07 -17.80 -37.74
N TYR N 706 -6.86 -18.76 -37.25
CA TYR N 706 -8.29 -18.79 -37.51
C TYR N 706 -9.07 -18.42 -36.24
N ASP N 707 -10.39 -18.52 -36.32
CA ASP N 707 -11.26 -18.17 -35.21
C ASP N 707 -11.19 -19.22 -34.11
N LYS N 708 -11.65 -18.82 -32.91
CA LYS N 708 -11.65 -19.74 -31.77
C LYS N 708 -12.68 -20.84 -31.95
N GLU N 709 -13.92 -20.48 -32.33
CA GLU N 709 -14.95 -21.49 -32.50
C GLU N 709 -14.80 -22.24 -33.82
N ARG N 710 -14.29 -21.58 -34.87
CA ARG N 710 -14.05 -22.27 -36.13
C ARG N 710 -12.83 -23.16 -36.08
N GLY N 711 -11.92 -22.90 -35.12
CA GLY N 711 -10.73 -23.73 -35.00
C GLY N 711 -11.05 -25.17 -34.66
N PHE N 712 -12.04 -25.38 -33.77
CA PHE N 712 -12.44 -26.74 -33.40
C PHE N 712 -12.97 -27.49 -34.61
N GLU N 713 -13.81 -26.85 -35.41
CA GLU N 713 -14.38 -27.54 -36.56
C GLU N 713 -13.35 -27.77 -37.66
N ILE N 714 -12.40 -26.84 -37.85
CA ILE N 714 -11.40 -27.06 -38.89
C ILE N 714 -10.40 -28.13 -38.46
N ILE N 715 -10.08 -28.23 -37.17
CA ILE N 715 -9.17 -29.28 -36.75
C ILE N 715 -9.89 -30.62 -36.73
N ASP N 716 -11.21 -30.62 -36.49
CA ASP N 716 -11.99 -31.85 -36.60
C ASP N 716 -12.00 -32.34 -38.05
N ALA N 717 -12.22 -31.41 -38.99
CA ALA N 717 -12.19 -31.79 -40.41
C ALA N 717 -10.82 -32.26 -40.85
N LEU N 718 -9.76 -31.65 -40.33
CA LEU N 718 -8.40 -32.08 -40.66
C LEU N 718 -8.11 -33.46 -40.09
N HIS N 719 -8.61 -33.75 -38.88
CA HIS N 719 -8.34 -35.04 -38.26
C HIS N 719 -9.13 -36.16 -38.93
N GLU N 720 -10.41 -35.93 -39.20
CA GLU N 720 -11.25 -37.00 -39.73
C GLU N 720 -11.26 -37.06 -41.26
N HIS N 721 -10.66 -36.09 -41.94
CA HIS N 721 -10.66 -36.10 -43.40
C HIS N 721 -9.48 -35.29 -43.94
N PRO N 722 -8.31 -35.89 -44.10
CA PRO N 722 -7.18 -35.17 -44.69
C PRO N 722 -7.20 -35.24 -46.22
N ALA N 723 -6.21 -34.62 -46.85
CA ALA N 723 -5.98 -34.57 -48.30
C ALA N 723 -7.08 -33.82 -49.07
N VAL N 724 -8.08 -33.26 -48.38
CA VAL N 724 -9.10 -32.43 -49.01
C VAL N 724 -9.08 -31.01 -48.46
N THR N 725 -8.86 -30.87 -47.15
CA THR N 725 -8.70 -29.56 -46.52
C THR N 725 -7.25 -29.19 -46.30
N ALA N 726 -6.32 -30.14 -46.43
CA ALA N 726 -4.91 -29.84 -46.27
C ALA N 726 -4.32 -28.87 -47.30
N PRO N 727 -4.58 -29.00 -48.63
CA PRO N 727 -3.97 -28.02 -49.56
C PRO N 727 -4.43 -26.58 -49.35
N VAL N 728 -5.71 -26.36 -49.03
CA VAL N 728 -6.19 -24.98 -48.89
C VAL N 728 -5.62 -24.33 -47.63
N VAL N 729 -5.53 -25.08 -46.52
CA VAL N 729 -4.91 -24.52 -45.33
C VAL N 729 -3.41 -24.38 -45.53
N LEU N 730 -2.82 -25.23 -46.37
CA LEU N 730 -1.42 -25.05 -46.76
C LEU N 730 -1.22 -23.72 -47.48
N LYS N 731 -2.09 -23.42 -48.43
CA LYS N 731 -1.98 -22.17 -49.18
C LYS N 731 -2.19 -20.96 -48.28
N ARG N 732 -3.19 -21.03 -47.39
CA ARG N 732 -3.45 -19.92 -46.47
C ARG N 732 -2.29 -19.71 -45.50
N LEU N 733 -1.77 -20.79 -44.92
CA LEU N 733 -0.64 -20.64 -44.00
C LEU N 733 0.63 -20.21 -44.72
N LYS N 734 0.83 -20.64 -45.97
CA LYS N 734 2.02 -20.24 -46.72
C LYS N 734 1.98 -18.75 -47.07
N GLN N 735 0.81 -18.24 -47.49
CA GLN N 735 0.73 -16.80 -47.73
C GLN N 735 0.79 -16.02 -46.43
N LYS N 736 0.34 -16.61 -45.31
CA LYS N 736 0.54 -16.00 -44.01
C LYS N 736 2.02 -15.88 -43.67
N ASP N 737 2.80 -16.93 -43.92
CA ASP N 737 4.25 -16.84 -43.71
C ASP N 737 4.90 -15.83 -44.63
N GLU N 738 4.43 -15.74 -45.89
CA GLU N 738 5.00 -14.78 -46.82
C GLU N 738 4.78 -13.34 -46.34
N GLU N 739 3.53 -13.00 -46.01
CA GLU N 739 3.26 -11.66 -45.52
C GLU N 739 3.88 -11.42 -44.14
N TRP N 740 4.02 -12.47 -43.33
CA TRP N 740 4.64 -12.33 -42.02
C TRP N 740 6.12 -12.02 -42.14
N ARG N 741 6.81 -12.70 -43.06
CA ARG N 741 8.22 -12.43 -43.28
C ARG N 741 8.43 -11.06 -43.92
N ARG N 742 7.53 -10.66 -44.82
CA ARG N 742 7.62 -9.32 -45.40
C ARG N 742 7.44 -8.23 -44.33
N ALA N 743 6.45 -8.41 -43.44
CA ALA N 743 6.22 -7.43 -42.39
C ALA N 743 7.36 -7.43 -41.37
N GLN N 744 7.95 -8.60 -41.11
CA GLN N 744 9.13 -8.65 -40.24
C GLN N 744 10.31 -7.93 -40.88
N ARG N 745 10.48 -8.09 -42.19
CA ARG N 745 11.58 -7.41 -42.89
C ARG N 745 11.39 -5.89 -42.86
N GLU N 746 10.16 -5.41 -43.05
CA GLU N 746 9.95 -3.97 -42.97
C GLU N 746 9.95 -3.46 -41.53
N TRP N 747 9.71 -4.32 -40.55
CA TRP N 747 9.89 -3.94 -39.15
C TRP N 747 11.36 -3.87 -38.75
N ASN N 748 12.21 -4.67 -39.42
CA ASN N 748 13.56 -4.90 -38.95
C ASN N 748 14.41 -3.63 -38.95
N LYS N 749 14.24 -2.78 -39.98
CA LYS N 749 15.09 -1.59 -40.10
C LYS N 749 14.85 -0.61 -38.96
N VAL N 750 13.58 -0.25 -38.73
CA VAL N 750 13.26 0.67 -37.64
C VAL N 750 13.50 0.03 -36.29
N TRP N 751 13.29 -1.29 -36.17
CA TRP N 751 13.52 -1.98 -34.91
C TRP N 751 15.00 -1.97 -34.54
N ARG N 752 15.87 -2.22 -35.53
CA ARG N 752 17.31 -2.15 -35.32
C ARG N 752 17.77 -0.72 -35.04
N GLU N 753 17.14 0.27 -35.70
CA GLU N 753 17.49 1.66 -35.45
C GLU N 753 17.15 2.08 -34.04
N LEU N 754 16.00 1.63 -33.52
CA LEU N 754 15.65 1.92 -32.14
C LEU N 754 16.56 1.17 -31.17
N GLU N 755 16.87 -0.10 -31.47
CA GLU N 755 17.73 -0.91 -30.61
C GLU N 755 19.13 -0.33 -30.51
N GLN N 756 19.66 0.20 -31.62
CA GLN N 756 21.02 0.75 -31.63
C GLN N 756 21.17 1.91 -30.66
N LYS N 757 20.12 2.72 -30.50
CA LYS N 757 20.17 3.85 -29.58
C LYS N 757 19.65 3.53 -28.19
N VAL N 758 18.91 2.42 -28.01
CA VAL N 758 18.36 2.12 -26.70
C VAL N 758 19.19 1.08 -25.92
N PHE N 759 20.00 0.27 -26.60
CA PHE N 759 20.70 -0.81 -25.91
C PHE N 759 21.82 -0.27 -25.01
N PHE N 760 22.58 0.71 -25.51
CA PHE N 760 23.65 1.28 -24.70
C PHE N 760 23.08 2.15 -23.57
N LYS N 761 21.91 2.75 -23.77
CA LYS N 761 21.22 3.42 -22.68
C LYS N 761 20.79 2.41 -21.61
N SER N 762 20.30 1.25 -22.04
CA SER N 762 19.91 0.20 -21.09
C SER N 762 21.12 -0.37 -20.35
N LEU N 763 22.29 -0.40 -21.00
CA LEU N 763 23.50 -0.87 -20.33
C LEU N 763 23.91 0.06 -19.19
N ASP N 764 23.76 1.37 -19.37
CA ASP N 764 24.13 2.32 -18.34
C ASP N 764 23.06 2.38 -17.27
N HIS N 765 23.48 2.21 -16.01
CA HIS N 765 22.56 2.26 -14.88
C HIS N 765 22.85 3.44 -13.96
N LEU N 766 24.08 3.55 -13.46
CA LEU N 766 24.46 4.70 -12.64
C LEU N 766 24.68 5.94 -13.47
N GLY N 767 25.08 5.77 -14.74
CA GLY N 767 25.34 6.93 -15.59
C GLY N 767 24.09 7.68 -15.98
N LEU N 768 22.94 7.00 -16.01
CA LEU N 768 21.68 7.68 -16.30
C LEU N 768 21.32 8.65 -15.18
N THR N 769 21.53 8.25 -13.94
CA THR N 769 21.29 9.11 -12.79
C THR N 769 22.53 9.92 -12.39
N PHE N 770 23.63 9.79 -13.14
CA PHE N 770 24.85 10.50 -12.79
C PHE N 770 24.72 12.00 -13.08
N LYS N 771 23.80 12.38 -13.97
CA LYS N 771 23.54 13.80 -14.24
C LYS N 771 23.09 14.54 -12.99
N GLN N 772 22.42 13.84 -12.07
CA GLN N 772 22.05 14.41 -10.79
C GLN N 772 22.93 13.93 -9.65
N ALA N 773 23.51 12.74 -9.77
CA ALA N 773 24.39 12.22 -8.73
C ALA N 773 25.67 13.04 -8.62
N ASP N 774 26.20 13.52 -9.76
CA ASP N 774 27.43 14.29 -9.71
C ASP N 774 27.25 15.65 -9.05
N LYS N 775 26.00 16.12 -8.93
CA LYS N 775 25.79 17.35 -8.16
C LYS N 775 25.37 17.01 -6.74
N LYS N 776 24.67 15.89 -6.55
CA LYS N 776 24.16 15.55 -5.23
C LYS N 776 25.26 15.09 -4.30
N LEU N 777 26.14 14.20 -4.77
CA LEU N 777 27.22 13.69 -3.94
C LEU N 777 28.42 14.63 -3.89
N LEU N 778 28.64 15.44 -4.92
CA LEU N 778 29.78 16.35 -4.95
C LEU N 778 29.31 17.76 -4.56
N THR N 779 29.23 17.96 -3.24
CA THR N 779 28.93 19.26 -2.65
C THR N 779 30.02 19.60 -1.63
N THR N 780 29.78 20.65 -0.86
CA THR N 780 30.65 20.99 0.26
C THR N 780 30.33 20.12 1.48
N LYS N 781 29.09 20.23 1.97
CA LYS N 781 28.70 19.55 3.22
C LYS N 781 28.87 18.04 3.13
N GLN N 782 28.72 17.46 1.94
CA GLN N 782 29.02 16.05 1.76
C GLN N 782 30.52 15.78 1.95
N LEU N 783 31.36 16.72 1.53
CA LEU N 783 32.80 16.54 1.68
C LEU N 783 33.24 16.65 3.14
N ILE N 784 32.71 17.64 3.87
CA ILE N 784 32.98 17.69 5.31
C ILE N 784 32.41 16.46 6.02
N SER N 785 31.25 15.97 5.58
CA SER N 785 30.68 14.77 6.18
C SER N 785 31.58 13.56 5.95
N GLU N 786 32.10 13.40 4.73
CA GLU N 786 32.97 12.26 4.43
C GLU N 786 34.27 12.35 5.23
N ILE N 787 34.90 13.53 5.26
CA ILE N 787 36.18 13.66 5.94
C ILE N 787 36.01 13.50 7.46
N SER N 788 34.90 13.99 8.01
CA SER N 788 34.65 13.82 9.43
C SER N 788 34.33 12.37 9.77
N SER N 789 33.62 11.66 8.87
CA SER N 789 33.38 10.24 9.09
C SER N 789 34.69 9.45 9.09
N ILE N 790 35.59 9.76 8.16
CA ILE N 790 36.88 9.08 8.11
C ILE N 790 37.70 9.38 9.38
N LYS N 791 37.71 10.66 9.80
CA LYS N 791 38.46 11.03 10.99
C LYS N 791 37.90 10.35 12.24
N VAL N 792 36.58 10.35 12.40
CA VAL N 792 35.99 9.75 13.58
C VAL N 792 36.15 8.24 13.56
N ASP N 793 36.14 7.62 12.38
CA ASP N 793 36.37 6.19 12.29
C ASP N 793 37.80 5.84 12.70
N GLN N 794 38.78 6.60 12.21
CA GLN N 794 40.16 6.34 12.57
C GLN N 794 40.42 6.58 14.05
N THR N 795 39.85 7.66 14.62
CA THR N 795 40.06 7.95 16.03
C THR N 795 39.38 6.91 16.91
N ASN N 796 38.19 6.46 16.54
CA ASN N 796 37.51 5.43 17.33
C ASN N 796 38.24 4.10 17.25
N LYS N 797 38.74 3.74 16.06
CA LYS N 797 39.51 2.50 15.93
C LYS N 797 40.80 2.56 16.74
N LYS N 798 41.47 3.72 16.77
CA LYS N 798 42.67 3.84 17.57
C LYS N 798 42.36 3.84 19.06
N ILE N 799 41.26 4.48 19.46
CA ILE N 799 40.84 4.47 20.87
C ILE N 799 40.56 3.05 21.32
N HIS N 800 39.96 2.24 20.43
CA HIS N 800 39.80 0.82 20.72
C HIS N 800 41.15 0.11 20.77
N TRP N 801 42.08 0.46 19.88
CA TRP N 801 43.31 -0.29 19.73
C TRP N 801 44.52 0.35 20.41
N LEU N 802 44.90 1.57 20.01
CA LEU N 802 46.16 2.14 20.47
C LEU N 802 46.09 3.65 20.47
N THR N 803 46.59 4.26 21.54
CA THR N 803 46.47 5.70 21.74
C THR N 803 47.08 6.57 20.62
N PRO N 804 48.27 6.28 20.06
CA PRO N 804 48.72 7.08 18.92
C PRO N 804 47.82 6.91 17.70
N LYS N 805 47.70 7.98 16.93
CA LYS N 805 46.83 8.03 15.76
C LYS N 805 47.64 8.30 14.50
N PRO N 806 47.29 7.70 13.37
CA PRO N 806 48.00 7.99 12.13
C PRO N 806 47.63 9.36 11.58
N LYS N 807 48.58 9.97 10.88
CA LYS N 807 48.39 11.27 10.27
C LYS N 807 48.11 11.20 8.77
N SER N 808 47.92 9.99 8.23
CA SER N 808 47.70 9.79 6.81
C SER N 808 46.37 9.09 6.59
N GLN N 809 45.48 9.73 5.83
CA GLN N 809 44.19 9.17 5.49
C GLN N 809 43.68 9.83 4.22
N LEU N 810 43.01 9.05 3.38
CA LEU N 810 42.48 9.49 2.09
C LEU N 810 43.62 10.05 1.22
N ASP N 811 44.50 9.14 0.84
CA ASP N 811 45.69 9.46 0.08
C ASP N 811 45.46 9.23 -1.41
N PHE N 812 45.91 10.18 -2.22
CA PHE N 812 45.81 10.09 -3.68
C PHE N 812 47.21 9.98 -4.28
N ASP N 813 47.38 9.02 -5.18
CA ASP N 813 48.64 8.80 -5.86
C ASP N 813 48.61 9.50 -7.21
N PHE N 814 49.74 10.14 -7.57
CA PHE N 814 49.86 10.87 -8.84
C PHE N 814 50.92 10.15 -9.68
N PRO N 815 50.50 9.23 -10.55
CA PRO N 815 51.47 8.52 -11.40
C PRO N 815 51.74 9.17 -12.75
N ASP N 816 51.00 10.23 -13.11
CA ASP N 816 51.17 10.89 -14.40
C ASP N 816 51.20 12.40 -14.21
N LYS N 817 51.86 13.08 -15.15
CA LYS N 817 52.01 14.52 -15.11
C LYS N 817 51.24 15.26 -16.20
N ASN N 818 50.92 14.59 -17.30
CA ASN N 818 50.19 15.22 -18.40
C ASN N 818 48.72 15.43 -18.08
N ILE N 819 48.21 14.80 -17.02
CA ILE N 819 46.81 14.96 -16.64
C ILE N 819 46.53 16.39 -16.19
N PHE N 820 47.46 16.97 -15.41
CA PHE N 820 47.34 18.37 -15.02
C PHE N 820 47.32 19.28 -16.24
N TYR N 821 48.08 18.90 -17.27
CA TYR N 821 48.10 19.67 -18.52
C TYR N 821 46.77 19.54 -19.25
N ASP N 822 46.14 18.37 -19.20
CA ASP N 822 44.82 18.20 -19.80
C ASP N 822 43.77 19.02 -19.07
N ILE N 823 43.82 19.06 -17.73
CA ILE N 823 42.88 19.87 -16.97
C ILE N 823 43.12 21.36 -17.23
N LEU N 824 44.39 21.75 -17.41
CA LEU N 824 44.69 23.13 -17.81
C LEU N 824 44.14 23.45 -19.20
N CYS N 825 44.20 22.49 -20.12
CA CYS N 825 43.60 22.68 -21.44
C CYS N 825 42.09 22.85 -21.34
N LEU N 826 41.44 22.06 -20.50
CA LEU N 826 40.00 22.23 -20.28
C LEU N 826 39.70 23.60 -19.68
N ALA N 827 40.54 24.04 -18.73
CA ALA N 827 40.34 25.35 -18.10
C ALA N 827 40.48 26.48 -19.11
N ASP N 828 41.57 26.50 -19.88
CA ASP N 828 41.76 27.60 -20.83
C ASP N 828 40.86 27.48 -22.06
N THR N 829 40.24 26.32 -22.28
CA THR N 829 39.13 26.26 -23.23
C THR N 829 37.86 26.85 -22.63
N PHE N 830 37.66 26.69 -21.32
CA PHE N 830 36.47 27.22 -20.67
C PHE N 830 36.59 28.69 -20.32
N ILE N 831 37.77 29.29 -20.46
CA ILE N 831 37.90 30.73 -20.26
C ILE N 831 37.10 31.50 -21.31
N THR N 832 37.18 31.08 -22.57
CA THR N 832 36.60 31.84 -23.67
C THR N 832 35.15 31.48 -23.96
N HIS N 833 34.52 30.63 -23.16
CA HIS N 833 33.15 30.20 -23.43
C HIS N 833 32.12 30.92 -22.57
N THR N 834 32.40 31.12 -21.28
CA THR N 834 31.43 31.75 -20.40
C THR N 834 31.25 33.23 -20.74
N THR N 835 30.02 33.71 -20.58
CA THR N 835 29.68 35.08 -20.92
C THR N 835 29.22 35.90 -19.72
N ALA N 836 29.12 35.31 -18.54
CA ALA N 836 28.68 36.02 -17.34
C ALA N 836 29.85 36.60 -16.55
N TYR N 837 31.07 36.45 -17.03
CA TYR N 837 32.27 36.92 -16.31
C TYR N 837 32.96 38.01 -17.12
N SER N 838 33.50 38.99 -16.41
CA SER N 838 34.24 40.07 -17.04
C SER N 838 35.62 39.58 -17.49
N ASN N 839 36.15 40.24 -18.53
CA ASN N 839 37.39 39.79 -19.18
C ASN N 839 38.60 39.68 -18.24
N PRO N 840 39.01 40.71 -17.48
CA PRO N 840 40.19 40.50 -16.63
C PRO N 840 39.91 39.64 -15.40
N ASP N 841 38.65 39.45 -15.00
CA ASP N 841 38.34 38.42 -14.01
C ASP N 841 38.65 37.04 -14.55
N LYS N 842 38.27 36.76 -15.80
CA LYS N 842 38.63 35.50 -16.44
C LYS N 842 40.14 35.35 -16.57
N GLU N 843 40.83 36.43 -16.94
CA GLU N 843 42.28 36.40 -17.05
C GLU N 843 42.94 36.09 -15.71
N ARG N 844 42.46 36.73 -14.64
CA ARG N 844 43.03 36.52 -13.31
C ARG N 844 42.77 35.09 -12.82
N LEU N 845 41.56 34.57 -13.06
CA LEU N 845 41.27 33.21 -12.60
C LEU N 845 42.07 32.18 -13.39
N LYS N 846 42.25 32.40 -14.69
CA LYS N 846 43.11 31.53 -15.48
C LYS N 846 44.56 31.60 -14.98
N ASP N 847 45.03 32.81 -14.64
CA ASP N 847 46.39 32.97 -14.16
C ASP N 847 46.63 32.25 -12.84
N LEU N 848 45.71 32.39 -11.88
CA LEU N 848 45.98 31.73 -10.59
C LEU N 848 45.72 30.23 -10.69
N LEU N 849 44.82 29.79 -11.60
CA LEU N 849 44.65 28.37 -11.81
C LEU N 849 45.90 27.73 -12.44
N LYS N 850 46.57 28.44 -13.34
CA LYS N 850 47.86 27.97 -13.83
C LYS N 850 48.93 28.00 -12.75
N TYR N 851 48.92 29.06 -11.92
CA TYR N 851 49.90 29.20 -10.86
C TYR N 851 49.78 28.11 -9.81
N PHE N 852 48.55 27.64 -9.55
CA PHE N 852 48.35 26.59 -8.55
C PHE N 852 49.05 25.30 -8.94
N ILE N 853 48.97 24.94 -10.22
CA ILE N 853 49.73 23.80 -10.73
C ILE N 853 51.23 24.11 -10.76
N SER N 854 51.60 25.34 -11.15
CA SER N 854 53.01 25.68 -11.25
C SER N 854 53.71 25.72 -9.88
N LEU N 855 52.94 25.85 -8.80
CA LEU N 855 53.49 25.97 -7.46
C LEU N 855 53.30 24.72 -6.61
N PHE N 856 52.16 24.03 -6.74
CA PHE N 856 51.86 22.92 -5.84
C PHE N 856 52.75 21.72 -6.14
N PHE N 857 52.87 21.35 -7.41
CA PHE N 857 53.58 20.13 -7.80
C PHE N 857 54.97 20.41 -8.36
N SER N 858 55.49 21.63 -8.16
CA SER N 858 56.84 22.03 -8.58
C SER N 858 57.04 21.85 -10.09
N ILE N 859 56.01 22.17 -10.86
CA ILE N 859 56.07 22.10 -12.32
C ILE N 859 56.55 23.46 -12.80
N SER N 860 57.86 23.58 -13.03
CA SER N 860 58.44 24.85 -13.44
C SER N 860 58.05 25.21 -14.87
N PHE N 861 58.02 24.21 -15.76
CA PHE N 861 57.70 24.44 -17.17
C PHE N 861 56.62 23.46 -17.62
N GLU N 862 55.83 23.90 -18.59
CA GLU N 862 54.77 23.09 -19.17
C GLU N 862 54.87 23.16 -20.69
N LYS N 863 54.57 22.03 -21.34
CA LYS N 863 54.51 21.99 -22.81
C LYS N 863 53.17 22.45 -23.35
N ILE N 864 52.21 22.78 -22.49
CA ILE N 864 50.89 23.23 -22.89
C ILE N 864 50.62 24.67 -22.47
N GLU N 865 51.58 25.33 -21.80
CA GLU N 865 51.37 26.68 -21.30
C GLU N 865 51.26 27.72 -22.41
N GLU N 866 51.66 27.39 -23.63
CA GLU N 866 51.57 28.32 -24.75
C GLU N 866 50.13 28.48 -25.22
N ILE N 970 59.27 17.39 3.55
CA ILE N 970 57.86 17.47 3.19
C ILE N 970 57.35 18.90 3.32
N PHE N 971 56.17 19.16 2.76
CA PHE N 971 55.54 20.47 2.81
C PHE N 971 54.16 20.35 3.41
N ASN N 972 53.81 21.29 4.28
CA ASN N 972 52.53 21.30 4.97
C ASN N 972 51.75 22.54 4.57
N LEU N 973 50.48 22.35 4.22
CA LEU N 973 49.61 23.45 3.82
C LEU N 973 48.34 23.40 4.67
N PHE N 974 47.96 24.56 5.22
CA PHE N 974 46.75 24.70 6.00
C PHE N 974 45.70 25.43 5.16
N ALA N 975 44.51 24.85 5.06
CA ALA N 975 43.52 25.31 4.10
C ALA N 975 42.16 25.43 4.75
N ASN N 976 41.33 26.32 4.20
CA ASN N 976 39.94 26.45 4.61
C ASN N 976 39.09 25.52 3.74
N THR N 977 37.76 25.61 3.89
CA THR N 977 36.90 24.60 3.26
C THR N 977 36.71 24.82 1.77
N ASN N 978 36.79 26.07 1.27
CA ASN N 978 36.61 26.31 -0.16
C ASN N 978 37.78 25.75 -0.97
N ILE N 979 39.01 26.06 -0.54
CA ILE N 979 40.19 25.52 -1.21
C ILE N 979 40.27 24.00 -1.01
N TYR N 980 39.80 23.49 0.14
CA TYR N 980 39.79 22.05 0.36
C TYR N 980 38.86 21.34 -0.61
N ILE N 981 37.64 21.86 -0.79
CA ILE N 981 36.72 21.18 -1.70
C ILE N 981 37.13 21.39 -3.16
N PHE N 982 37.81 22.50 -3.46
CA PHE N 982 38.37 22.67 -4.80
C PHE N 982 39.47 21.66 -5.07
N PHE N 983 40.35 21.43 -4.08
CA PHE N 983 41.40 20.43 -4.24
C PHE N 983 40.83 19.02 -4.32
N ARG N 984 39.77 18.75 -3.56
CA ARG N 984 39.10 17.45 -3.65
C ARG N 984 38.42 17.28 -5.00
N HIS N 985 37.88 18.36 -5.55
CA HIS N 985 37.33 18.33 -6.91
C HIS N 985 38.41 18.00 -7.93
N TRP N 986 39.58 18.63 -7.80
CA TRP N 986 40.65 18.38 -8.76
C TRP N 986 41.21 16.96 -8.61
N THR N 987 41.28 16.45 -7.37
CA THR N 987 41.70 15.07 -7.20
C THR N 987 40.65 14.09 -7.73
N THR N 988 39.37 14.43 -7.62
CA THR N 988 38.33 13.59 -8.24
C THR N 988 38.47 13.57 -9.75
N ILE N 989 38.73 14.73 -10.35
CA ILE N 989 38.95 14.80 -11.80
C ILE N 989 40.18 13.99 -12.19
N TYR N 990 41.25 14.08 -11.38
CA TYR N 990 42.45 13.29 -11.61
C TYR N 990 42.16 11.80 -11.50
N GLU N 991 41.33 11.40 -10.54
CA GLU N 991 40.96 9.99 -10.43
C GLU N 991 40.17 9.51 -11.63
N ARG N 992 39.25 10.36 -12.14
CA ARG N 992 38.50 10.03 -13.35
C ARG N 992 39.44 9.85 -14.54
N LEU N 993 40.38 10.77 -14.70
CA LEU N 993 41.31 10.67 -15.83
C LEU N 993 42.29 9.52 -15.65
N LEU N 994 42.62 9.16 -14.41
CA LEU N 994 43.44 7.98 -14.16
C LEU N 994 42.69 6.70 -14.53
N GLU N 995 41.41 6.60 -14.16
CA GLU N 995 40.64 5.42 -14.52
C GLU N 995 40.39 5.30 -16.02
N ILE N 996 40.32 6.42 -16.75
CA ILE N 996 40.14 6.25 -18.19
C ILE N 996 41.50 6.00 -18.85
N LYS N 997 42.60 6.48 -18.26
CA LYS N 997 43.93 6.25 -18.82
C LYS N 997 44.46 4.83 -18.57
N GLN N 998 44.15 4.24 -17.42
CA GLN N 998 44.71 2.94 -17.06
C GLN N 998 44.26 1.85 -18.03
N MET N 999 43.00 1.91 -18.46
CA MET N 999 42.43 0.96 -19.40
C MET N 999 42.32 1.52 -20.82
N ASN N 1000 42.92 2.67 -21.08
CA ASN N 1000 42.94 3.24 -22.44
C ASN N 1000 43.76 2.39 -23.40
N GLU N 1001 44.87 1.82 -22.92
CA GLU N 1001 45.74 1.05 -23.79
C GLU N 1001 45.13 -0.27 -24.23
N ARG N 1002 44.05 -0.72 -23.58
CA ARG N 1002 43.32 -1.90 -24.01
C ARG N 1002 42.27 -1.56 -25.07
N VAL N 1003 41.46 -0.54 -24.81
CA VAL N 1003 40.42 -0.15 -25.76
C VAL N 1003 41.00 0.46 -27.02
N THR N 1004 42.21 1.02 -26.97
CA THR N 1004 42.84 1.55 -28.18
C THR N 1004 43.09 0.43 -29.19
N LYS N 1005 43.74 -0.64 -28.75
CA LYS N 1005 43.96 -1.77 -29.66
C LYS N 1005 42.68 -2.55 -29.91
N GLU N 1006 41.70 -2.45 -29.01
CA GLU N 1006 40.40 -3.06 -29.29
C GLU N 1006 39.70 -2.38 -30.46
N ILE N 1007 39.70 -1.04 -30.48
CA ILE N 1007 39.07 -0.31 -31.57
C ILE N 1007 39.98 -0.20 -32.79
N ASN N 1008 41.26 -0.53 -32.66
CA ASN N 1008 42.16 -0.47 -33.82
C ASN N 1008 41.89 -1.61 -34.80
N THR N 1009 41.57 -2.81 -34.31
CA THR N 1009 41.35 -3.95 -35.18
C THR N 1009 39.94 -4.53 -35.01
N ARG N 1010 38.93 -3.67 -35.10
CA ARG N 1010 37.53 -4.12 -35.08
C ARG N 1010 37.26 -4.91 -36.34
N SER N 1011 37.19 -6.23 -36.22
CA SER N 1011 36.91 -7.10 -37.35
C SER N 1011 35.43 -7.00 -37.69
N THR N 1012 35.10 -6.21 -38.71
CA THR N 1012 33.72 -6.04 -39.11
C THR N 1012 33.21 -7.29 -39.82
N VAL N 1013 31.99 -7.69 -39.46
CA VAL N 1013 31.37 -8.85 -40.10
C VAL N 1013 30.83 -8.41 -41.46
N THR N 1014 31.27 -9.10 -42.53
CA THR N 1014 30.90 -8.70 -43.88
C THR N 1014 29.42 -8.95 -44.17
N PHE N 1015 28.82 -9.92 -43.48
CA PHE N 1015 27.42 -10.24 -43.73
C PHE N 1015 26.50 -9.11 -43.25
N ALA N 1016 26.85 -8.45 -42.15
CA ALA N 1016 26.11 -7.27 -41.72
C ALA N 1016 26.38 -6.08 -42.63
N LYS N 1017 27.58 -6.02 -43.24
CA LYS N 1017 27.87 -4.95 -44.19
C LYS N 1017 27.05 -5.11 -45.47
N ASP N 1018 26.78 -6.36 -45.87
CA ASP N 1018 26.02 -6.60 -47.09
C ASP N 1018 24.56 -6.17 -46.96
N LEU N 1019 23.96 -6.36 -45.78
CA LEU N 1019 22.55 -6.05 -45.55
C LEU N 1019 22.33 -4.66 -44.95
N ASP N 1020 23.40 -3.90 -44.73
CA ASP N 1020 23.39 -2.61 -44.04
C ASP N 1020 22.76 -2.84 -42.66
N LEU N 1021 23.58 -3.40 -41.77
CA LEU N 1021 23.16 -3.66 -40.39
C LEU N 1021 24.00 -2.95 -39.35
N LEU N 1022 25.06 -2.26 -39.74
CA LEU N 1022 25.93 -1.61 -38.77
C LEU N 1022 25.24 -0.40 -38.13
N SER N 1023 25.79 0.03 -37.00
CA SER N 1023 25.30 1.19 -36.27
C SER N 1023 26.01 2.43 -36.81
N SER N 1024 25.40 3.04 -37.83
CA SER N 1024 25.95 4.24 -38.46
C SER N 1024 25.27 5.51 -37.97
N GLN N 1025 24.88 5.55 -36.70
CA GLN N 1025 24.20 6.73 -36.17
C GLN N 1025 25.18 7.87 -35.90
N LEU N 1026 26.44 7.55 -35.64
CA LEU N 1026 27.42 8.53 -35.19
C LEU N 1026 28.63 8.64 -36.11
N SER N 1027 28.58 8.00 -37.29
CA SER N 1027 29.75 7.99 -38.18
C SER N 1027 29.71 9.04 -39.28
N GLU N 1028 28.59 9.77 -39.43
CA GLU N 1028 28.50 10.75 -40.51
C GLU N 1028 29.38 11.96 -40.25
N MET N 1029 29.32 12.51 -39.04
CA MET N 1029 30.06 13.70 -38.69
C MET N 1029 31.43 13.43 -38.05
N GLY N 1030 31.78 12.16 -37.84
CA GLY N 1030 33.10 11.82 -37.37
C GLY N 1030 33.24 11.62 -35.87
N LEU N 1031 32.26 10.98 -35.23
CA LEU N 1031 32.37 10.64 -33.82
C LEU N 1031 32.97 9.26 -33.58
N ASP N 1032 33.27 8.52 -34.65
CA ASP N 1032 33.88 7.21 -34.51
C ASP N 1032 35.30 7.35 -34.00
N PHE N 1033 35.70 6.43 -33.12
CA PHE N 1033 36.99 6.47 -32.46
C PHE N 1033 38.06 5.69 -33.21
N VAL N 1034 37.73 5.15 -34.39
CA VAL N 1034 38.68 4.37 -35.17
C VAL N 1034 39.66 5.30 -35.88
N GLY N 1035 40.91 4.85 -35.97
CA GLY N 1035 41.93 5.60 -36.70
C GLY N 1035 42.54 6.76 -35.95
N GLU N 1036 42.30 6.87 -34.64
CA GLU N 1036 42.88 7.95 -33.86
C GLU N 1036 43.00 7.51 -32.41
N ASP N 1037 43.80 8.24 -31.65
CA ASP N 1037 43.97 7.94 -30.23
C ASP N 1037 42.68 8.24 -29.47
N ALA N 1038 42.36 7.36 -28.52
CA ALA N 1038 41.10 7.47 -27.80
C ALA N 1038 41.13 8.61 -26.79
N TYR N 1039 42.25 8.79 -26.09
CA TYR N 1039 42.36 9.84 -25.08
C TYR N 1039 42.37 11.23 -25.72
N LYS N 1040 43.05 11.37 -26.85
CA LYS N 1040 43.04 12.64 -27.57
C LYS N 1040 41.63 12.98 -28.07
N GLN N 1041 40.90 11.97 -28.54
CA GLN N 1041 39.52 12.17 -28.98
C GLN N 1041 38.63 12.57 -27.80
N VAL N 1042 38.86 11.98 -26.63
CA VAL N 1042 38.08 12.35 -25.45
C VAL N 1042 38.41 13.77 -25.01
N LEU N 1043 39.69 14.17 -25.09
CA LEU N 1043 40.06 15.55 -24.77
C LEU N 1043 39.40 16.54 -25.74
N ARG N 1044 39.40 16.22 -27.03
CA ARG N 1044 38.74 17.09 -28.01
C ARG N 1044 37.24 17.15 -27.76
N LEU N 1045 36.63 16.02 -27.40
CA LEU N 1045 35.20 16.01 -27.11
C LEU N 1045 34.86 16.81 -25.86
N SER N 1046 35.71 16.75 -24.83
CA SER N 1046 35.47 17.56 -23.65
C SER N 1046 35.65 19.05 -23.95
N ARG N 1047 36.62 19.39 -24.80
CA ARG N 1047 36.78 20.79 -25.21
C ARG N 1047 35.57 21.28 -26.01
N ARG N 1048 35.03 20.45 -26.89
CA ARG N 1048 33.88 20.84 -27.69
C ARG N 1048 32.60 20.88 -26.85
N LEU N 1049 32.51 20.02 -25.84
CA LEU N 1049 31.39 20.10 -24.90
C LEU N 1049 31.47 21.35 -24.05
N ILE N 1050 32.69 21.76 -23.69
CA ILE N 1050 32.90 23.04 -23.04
C ILE N 1050 32.46 24.17 -23.96
N ASN N 1051 32.74 24.05 -25.26
CA ASN N 1051 32.21 24.98 -26.24
C ASN N 1051 30.68 24.93 -26.34
N GLY N 1052 30.07 23.82 -25.95
CA GLY N 1052 28.62 23.76 -25.86
C GLY N 1052 27.89 23.48 -27.14
N ASP N 1053 28.51 22.76 -28.08
CA ASP N 1053 27.89 22.41 -29.36
C ASP N 1053 28.12 20.95 -29.69
N LEU N 1054 27.88 20.07 -28.71
CA LEU N 1054 28.14 18.64 -28.88
C LEU N 1054 26.90 17.77 -28.71
N GLU N 1055 25.72 18.37 -28.55
CA GLU N 1055 24.42 17.69 -28.41
C GLU N 1055 24.50 16.51 -27.44
N HIS N 1056 24.63 16.86 -26.15
CA HIS N 1056 25.17 16.06 -25.05
C HIS N 1056 24.92 14.55 -25.10
N GLN N 1057 23.71 14.15 -25.50
CA GLN N 1057 23.38 12.74 -25.71
C GLN N 1057 24.33 12.08 -26.71
N TRP N 1058 24.78 12.84 -27.72
CA TRP N 1058 25.73 12.31 -28.69
C TRP N 1058 27.06 11.95 -28.05
N PHE N 1059 27.60 12.86 -27.22
CA PHE N 1059 28.83 12.60 -26.50
C PHE N 1059 28.65 11.44 -25.52
N GLU N 1060 27.50 11.39 -24.86
CA GLU N 1060 27.22 10.31 -23.93
C GLU N 1060 27.21 8.96 -24.63
N GLU N 1061 26.56 8.87 -25.80
CA GLU N 1061 26.51 7.63 -26.54
C GLU N 1061 27.89 7.24 -27.06
N SER N 1062 28.68 8.22 -27.51
CA SER N 1062 30.02 7.93 -27.98
C SER N 1062 30.90 7.40 -26.85
N LEU N 1063 30.79 7.98 -25.66
CA LEU N 1063 31.60 7.53 -24.54
C LEU N 1063 31.13 6.15 -24.04
N ARG N 1064 29.83 5.88 -24.12
CA ARG N 1064 29.31 4.56 -23.77
C ARG N 1064 29.82 3.49 -24.73
N GLN N 1065 29.73 3.75 -26.03
CA GLN N 1065 30.10 2.74 -27.01
C GLN N 1065 31.61 2.56 -27.10
N ALA N 1066 32.37 3.63 -26.86
CA ALA N 1066 33.80 3.57 -27.10
C ALA N 1066 34.53 2.77 -26.02
N TYR N 1067 34.06 2.81 -24.77
CA TYR N 1067 34.76 2.11 -23.69
C TYR N 1067 33.78 1.30 -22.84
N ASN N 1068 32.74 0.77 -23.50
CA ASN N 1068 31.87 -0.27 -22.94
C ASN N 1068 31.19 0.14 -21.63
N ASN N 1069 30.67 1.37 -21.57
CA ASN N 1069 29.84 1.86 -20.46
C ASN N 1069 30.56 1.86 -19.11
N LYS N 1070 31.89 1.76 -19.10
CA LYS N 1070 32.60 1.59 -17.85
C LYS N 1070 32.89 2.92 -17.15
N ALA N 1071 33.26 3.95 -17.90
CA ALA N 1071 33.67 5.23 -17.32
C ALA N 1071 32.47 6.18 -17.23
N PHE N 1072 31.64 5.96 -16.21
CA PHE N 1072 30.48 6.80 -15.97
C PHE N 1072 30.82 8.09 -15.23
N LYS N 1073 32.05 8.23 -14.74
CA LYS N 1073 32.39 9.32 -13.82
C LYS N 1073 32.62 10.64 -14.53
N LEU N 1074 32.80 10.65 -15.85
CA LEU N 1074 33.10 11.85 -16.60
C LEU N 1074 31.93 12.36 -17.42
N TYR N 1075 30.71 11.87 -17.14
CA TYR N 1075 29.54 12.23 -17.93
C TYR N 1075 29.15 13.69 -17.75
N THR N 1076 29.53 14.31 -16.64
CA THR N 1076 29.21 15.71 -16.36
C THR N 1076 30.47 16.56 -16.31
N ILE N 1077 31.35 16.38 -17.31
CA ILE N 1077 32.66 17.04 -17.32
C ILE N 1077 32.50 18.56 -17.38
N ASP N 1078 31.55 19.05 -18.17
CA ASP N 1078 31.30 20.49 -18.23
C ASP N 1078 30.73 21.00 -16.90
N LYS N 1079 29.88 20.20 -16.25
CA LYS N 1079 29.29 20.61 -14.98
C LYS N 1079 30.34 20.69 -13.88
N VAL N 1080 31.20 19.67 -13.78
CA VAL N 1080 32.23 19.70 -12.74
C VAL N 1080 33.29 20.75 -13.05
N THR N 1081 33.56 21.00 -14.34
CA THR N 1081 34.48 22.08 -14.70
C THR N 1081 33.91 23.44 -14.31
N GLN N 1082 32.61 23.65 -14.54
CA GLN N 1082 31.97 24.90 -14.13
C GLN N 1082 31.98 25.05 -12.62
N SER N 1083 31.70 23.97 -11.89
CA SER N 1083 31.72 24.03 -10.44
C SER N 1083 33.12 24.32 -9.89
N LEU N 1084 34.14 23.70 -10.48
CA LEU N 1084 35.51 23.96 -10.05
C LEU N 1084 35.96 25.37 -10.41
N VAL N 1085 35.51 25.90 -11.55
CA VAL N 1085 35.82 27.28 -11.92
C VAL N 1085 35.15 28.25 -10.94
N LYS N 1086 33.89 27.99 -10.58
CA LYS N 1086 33.20 28.84 -9.62
C LYS N 1086 33.84 28.78 -8.24
N HIS N 1087 34.32 27.60 -7.85
CA HIS N 1087 35.00 27.49 -6.56
C HIS N 1087 36.37 28.16 -6.58
N ALA N 1088 37.08 28.09 -7.70
CA ALA N 1088 38.37 28.79 -7.81
C ALA N 1088 38.19 30.29 -7.94
N HIS N 1089 37.01 30.76 -8.35
CA HIS N 1089 36.74 32.19 -8.38
C HIS N 1089 36.68 32.77 -6.96
N THR N 1090 36.29 31.96 -5.98
CA THR N 1090 36.23 32.41 -4.59
C THR N 1090 37.61 32.49 -3.94
N LEU N 1091 38.67 32.09 -4.64
CA LEU N 1091 40.00 32.09 -4.06
C LEU N 1091 40.53 33.50 -3.84
N MET N 1092 40.14 34.46 -4.69
CA MET N 1092 40.60 35.83 -4.58
C MET N 1092 39.55 36.80 -4.10
N THR N 1093 38.25 36.50 -4.29
CA THR N 1093 37.20 37.40 -3.85
C THR N 1093 37.14 37.47 -2.32
N ASP N 1094 37.30 36.35 -1.65
CA ASP N 1094 37.30 36.33 -0.19
C ASP N 1094 38.60 36.91 0.34
N ALA N 1095 38.50 37.79 1.34
CA ALA N 1095 39.68 38.41 1.91
C ALA N 1095 40.54 37.39 2.66
N LYS N 1096 39.90 36.48 3.39
CA LYS N 1096 40.65 35.48 4.15
C LYS N 1096 41.38 34.51 3.23
N THR N 1097 40.75 34.10 2.13
CA THR N 1097 41.39 33.21 1.18
C THR N 1097 42.54 33.91 0.47
N ALA N 1098 42.37 35.18 0.12
CA ALA N 1098 43.47 35.95 -0.45
C ALA N 1098 44.62 36.08 0.53
N GLU N 1099 44.30 36.26 1.81
CA GLU N 1099 45.34 36.36 2.85
C GLU N 1099 46.11 35.04 2.98
N ILE N 1100 45.40 33.90 3.00
CA ILE N 1100 46.14 32.67 3.22
C ILE N 1100 46.89 32.25 1.96
N MET N 1101 46.41 32.64 0.77
CA MET N 1101 47.22 32.46 -0.43
C MET N 1101 48.46 33.35 -0.41
N ALA N 1102 48.33 34.57 0.12
CA ALA N 1102 49.50 35.45 0.21
C ALA N 1102 50.56 34.89 1.16
N LEU N 1103 50.13 34.40 2.33
CA LEU N 1103 51.13 33.79 3.22
C LEU N 1103 51.57 32.42 2.77
N PHE N 1104 50.83 31.76 1.86
CA PHE N 1104 51.34 30.55 1.23
C PHE N 1104 52.42 30.89 0.20
N VAL N 1105 52.27 32.02 -0.51
CA VAL N 1105 53.34 32.52 -1.36
C VAL N 1105 54.57 32.84 -0.52
N LYS N 1106 54.36 33.49 0.63
CA LYS N 1106 55.49 33.85 1.50
C LYS N 1106 56.13 32.60 2.10
N ASP N 1107 55.34 31.59 2.42
CA ASP N 1107 55.87 30.40 3.10
C ASP N 1107 56.63 29.50 2.12
N ARG N 1108 56.14 29.36 0.89
CA ARG N 1108 56.75 28.46 -0.06
C ARG N 1108 58.07 29.04 -0.56
N ASN N 1109 59.17 28.34 -0.27
CA ASN N 1109 60.49 28.80 -0.68
C ASN N 1109 61.38 27.69 -1.24
N ALA N 1110 60.88 26.44 -1.30
CA ALA N 1110 61.63 25.28 -1.79
C ALA N 1110 62.95 25.09 -1.04
N SER N 1111 62.91 25.25 0.28
CA SER N 1111 64.08 25.12 1.12
C SER N 1111 63.76 24.24 2.32
N THR N 1112 64.81 23.68 2.92
CA THR N 1112 64.67 22.79 4.07
C THR N 1112 64.35 23.63 5.30
N THR N 1113 63.06 23.85 5.54
CA THR N 1113 62.61 24.63 6.68
C THR N 1113 61.49 23.94 7.46
N SER N 1114 61.28 22.64 7.24
CA SER N 1114 60.24 21.91 7.93
C SER N 1114 60.65 21.58 9.36
N ALA N 1115 59.66 21.15 10.14
CA ALA N 1115 59.72 20.71 11.54
C ALA N 1115 60.00 21.84 12.53
N LYS N 1116 60.18 23.08 12.07
CA LYS N 1116 60.28 24.20 13.00
C LYS N 1116 59.51 25.44 12.54
N ASP N 1117 58.86 25.40 11.37
CA ASP N 1117 58.15 26.56 10.85
C ASP N 1117 56.65 26.36 10.74
N GLN N 1118 56.17 25.11 10.75
CA GLN N 1118 54.74 24.86 10.59
C GLN N 1118 53.94 25.14 11.85
N ILE N 1119 54.60 25.25 13.02
CA ILE N 1119 53.88 25.56 14.24
C ILE N 1119 53.38 27.00 14.23
N ILE N 1120 54.25 27.93 13.81
CA ILE N 1120 53.85 29.32 13.67
C ILE N 1120 52.80 29.47 12.58
N TYR N 1121 52.93 28.69 11.51
CA TYR N 1121 51.95 28.65 10.43
C TYR N 1121 50.57 28.24 10.96
N ARG N 1122 50.53 27.17 11.74
CA ARG N 1122 49.27 26.69 12.31
C ARG N 1122 48.68 27.71 13.29
N LEU N 1123 49.54 28.32 14.11
CA LEU N 1123 49.07 29.31 15.07
C LEU N 1123 48.46 30.53 14.37
N GLN N 1124 49.11 31.02 13.31
CA GLN N 1124 48.60 32.21 12.65
C GLN N 1124 47.37 31.92 11.79
N VAL N 1125 47.26 30.72 11.21
CA VAL N 1125 46.03 30.40 10.49
C VAL N 1125 44.88 30.08 11.44
N ARG N 1126 45.18 29.64 12.66
CA ARG N 1126 44.12 29.53 13.67
C ARG N 1126 43.69 30.90 14.18
N SER N 1127 44.63 31.85 14.27
CA SER N 1127 44.29 33.18 14.77
C SER N 1127 43.52 33.99 13.73
N HIS N 1128 43.94 33.95 12.46
CA HIS N 1128 43.37 34.86 11.47
C HIS N 1128 41.96 34.44 11.07
N MET N 1129 41.75 33.17 10.79
CA MET N 1129 40.40 32.66 10.59
C MET N 1129 39.64 32.56 11.92
N SER N 1130 38.31 32.53 11.82
CA SER N 1130 37.43 32.49 12.97
C SER N 1130 37.20 31.06 13.41
N ASN N 1131 36.28 30.88 14.37
CA ASN N 1131 36.01 29.55 14.93
C ASN N 1131 35.19 28.68 13.99
N THR N 1132 34.27 29.28 13.23
CA THR N 1132 33.37 28.49 12.40
C THR N 1132 34.05 27.93 11.15
N GLU N 1133 35.21 28.46 10.76
CA GLU N 1133 35.92 27.94 9.61
C GLU N 1133 36.65 26.65 9.96
N ASN N 1134 36.82 25.80 8.95
CA ASN N 1134 37.42 24.49 9.12
C ASN N 1134 38.87 24.50 8.63
N MET N 1135 39.70 23.68 9.28
CA MET N 1135 41.11 23.55 8.94
C MET N 1135 41.37 22.19 8.31
N PHE N 1136 42.20 22.18 7.27
CA PHE N 1136 42.57 20.97 6.55
C PHE N 1136 44.07 20.98 6.31
N ARG N 1137 44.75 19.91 6.75
CA ARG N 1137 46.19 19.77 6.58
C ARG N 1137 46.45 19.00 5.30
N ILE N 1138 47.02 19.68 4.30
CA ILE N 1138 47.35 19.07 3.02
C ILE N 1138 48.87 18.92 2.98
N GLU N 1139 49.34 17.69 3.20
CA GLU N 1139 50.77 17.39 3.18
C GLU N 1139 51.13 16.80 1.81
N PHE N 1140 52.09 17.44 1.14
CA PHE N 1140 52.51 17.03 -0.19
C PHE N 1140 53.96 16.56 -0.16
N ASP N 1141 54.24 15.47 -0.85
CA ASP N 1141 55.58 14.91 -0.96
C ASP N 1141 56.07 15.04 -2.39
N LYS N 1142 57.23 15.66 -2.56
CA LYS N 1142 57.82 15.79 -3.88
C LYS N 1142 58.24 14.44 -4.44
N ARG N 1143 58.78 13.58 -3.59
CA ARG N 1143 59.19 12.25 -4.03
C ARG N 1143 57.97 11.37 -4.26
N THR N 1144 57.92 10.73 -5.44
CA THR N 1144 56.89 9.78 -5.88
C THR N 1144 55.49 10.38 -5.97
N LEU N 1145 55.36 11.70 -5.75
CA LEU N 1145 54.11 12.45 -5.90
C LEU N 1145 52.99 11.87 -5.03
N HIS N 1146 53.19 11.95 -3.72
CA HIS N 1146 52.23 11.47 -2.74
C HIS N 1146 51.64 12.64 -1.97
N VAL N 1147 50.36 12.52 -1.58
CA VAL N 1147 49.67 13.55 -0.85
C VAL N 1147 49.02 12.92 0.38
N SER N 1148 48.82 13.73 1.41
CA SER N 1148 48.12 13.30 2.61
C SER N 1148 47.24 14.43 3.10
N ILE N 1149 45.94 14.16 3.24
CA ILE N 1149 44.96 15.13 3.70
C ILE N 1149 44.51 14.74 5.09
N GLN N 1150 44.66 15.65 6.05
CA GLN N 1150 44.34 15.39 7.45
C GLN N 1150 43.26 16.35 7.91
N TYR N 1151 42.25 15.83 8.59
CA TYR N 1151 41.16 16.62 9.14
C TYR N 1151 41.53 17.03 10.57
N ILE N 1152 41.82 18.32 10.77
CA ILE N 1152 42.28 18.82 12.05
C ILE N 1152 41.31 19.90 12.56
N ALA N 1153 40.03 19.74 12.25
CA ALA N 1153 39.05 20.72 12.68
C ALA N 1153 38.85 20.67 14.20
N LEU N 1154 38.87 21.85 14.84
CA LEU N 1154 38.58 22.03 16.26
C LEU N 1154 39.50 21.21 17.15
N ASP N 1155 40.81 21.29 16.89
CA ASP N 1155 41.81 20.61 17.72
C ASP N 1155 42.79 21.58 18.39
N ASP N 1156 42.91 22.81 17.91
CA ASP N 1156 43.86 23.76 18.44
C ASP N 1156 43.22 24.84 19.29
N LEU N 1157 41.96 25.18 19.05
CA LEU N 1157 41.26 26.19 19.85
C LEU N 1157 40.66 25.62 21.13
N THR N 1158 40.77 24.30 21.35
CA THR N 1158 40.24 23.68 22.56
C THR N 1158 41.15 23.95 23.74
N LYS O 33 15.50 6.60 -35.50
CA LYS O 33 14.35 7.13 -36.21
C LYS O 33 13.24 6.09 -36.33
N LYS O 34 12.50 5.88 -35.25
CA LYS O 34 11.38 4.94 -35.28
C LYS O 34 10.22 5.54 -36.08
N ARG O 35 9.61 4.71 -36.92
CA ARG O 35 8.51 5.11 -37.79
C ARG O 35 7.37 4.11 -37.65
N PRO O 36 6.53 4.27 -36.63
CA PRO O 36 5.40 3.36 -36.44
C PRO O 36 4.16 3.67 -37.26
N LYS O 37 4.27 4.55 -38.27
CA LYS O 37 3.13 4.92 -39.10
C LYS O 37 3.05 4.08 -40.37
N ARG O 38 4.09 4.14 -41.21
CA ARG O 38 4.09 3.42 -42.47
C ARG O 38 4.61 2.00 -42.36
N LEU O 39 5.56 1.76 -41.46
CA LEU O 39 6.08 0.42 -41.21
C LEU O 39 5.33 -0.30 -40.10
N SER O 40 4.06 0.05 -39.87
CA SER O 40 3.23 -0.66 -38.91
C SER O 40 2.57 -1.90 -39.50
N SER O 41 2.82 -2.18 -40.78
CA SER O 41 2.33 -3.36 -41.50
C SER O 41 0.80 -3.41 -41.56
N GLN O 42 0.28 -4.52 -42.09
CA GLN O 42 -1.16 -4.72 -42.25
C GLN O 42 -1.65 -6.01 -41.59
N ASN O 43 -0.85 -7.08 -41.65
CA ASN O 43 -1.28 -8.34 -41.07
C ASN O 43 -1.25 -8.30 -39.55
N VAL O 44 -0.22 -7.70 -38.96
CA VAL O 44 -0.01 -7.70 -37.52
C VAL O 44 0.05 -6.26 -37.02
N ASN O 45 -0.72 -5.96 -35.99
CA ASN O 45 -0.67 -4.68 -35.29
C ASN O 45 0.39 -4.77 -34.19
N TYR O 46 0.35 -3.80 -33.26
CA TYR O 46 1.14 -3.91 -32.05
C TYR O 46 0.77 -5.17 -31.28
N ASP O 47 1.78 -5.85 -30.74
CA ASP O 47 1.58 -7.17 -30.15
C ASP O 47 0.87 -7.05 -28.80
N LEU O 48 0.75 -8.21 -28.13
CA LEU O 48 -0.06 -8.38 -26.91
C LEU O 48 -1.51 -7.96 -27.17
N LYS O 49 -2.00 -8.23 -28.37
CA LYS O 49 -3.34 -7.86 -28.79
C LYS O 49 -3.70 -8.68 -30.02
N ARG O 50 -4.92 -8.48 -30.51
CA ARG O 50 -5.39 -9.14 -31.71
C ARG O 50 -6.16 -8.15 -32.58
N ARG O 51 -6.55 -8.59 -33.76
CA ARG O 51 -7.30 -7.75 -34.68
C ARG O 51 -8.23 -8.62 -35.53
N LYS O 52 -8.89 -7.98 -36.49
CA LYS O 52 -9.97 -8.60 -37.25
C LYS O 52 -9.48 -9.54 -38.34
N ILE O 53 -8.17 -9.75 -38.46
CA ILE O 53 -7.66 -10.65 -39.49
C ILE O 53 -7.97 -12.11 -39.15
N ILE O 54 -8.18 -12.41 -37.87
CA ILE O 54 -8.52 -13.78 -37.46
C ILE O 54 -10.00 -14.08 -37.59
N THR O 55 -10.83 -13.08 -37.87
CA THR O 55 -12.26 -13.25 -38.05
C THR O 55 -12.71 -13.02 -39.48
N SER O 56 -12.36 -11.87 -40.07
CA SER O 56 -12.77 -11.58 -41.44
C SER O 56 -12.04 -12.47 -42.44
N GLU O 57 -10.74 -12.68 -42.24
CA GLU O 57 -9.95 -13.52 -43.14
C GLU O 57 -9.89 -14.96 -42.60
N GLY O 58 -11.08 -15.56 -42.48
CA GLY O 58 -11.20 -16.91 -42.00
C GLY O 58 -12.06 -17.77 -42.90
N ILE O 59 -11.97 -17.54 -44.21
CA ILE O 59 -12.78 -18.28 -45.17
C ILE O 59 -12.22 -19.68 -45.32
N GLU O 60 -13.08 -20.69 -45.12
CA GLU O 60 -12.70 -22.09 -45.21
C GLU O 60 -13.82 -22.83 -45.94
N ARG O 61 -13.71 -22.90 -47.26
CA ARG O 61 -14.70 -23.55 -48.11
C ARG O 61 -14.36 -25.00 -48.42
N SER O 62 -13.47 -25.61 -47.65
CA SER O 62 -13.06 -26.99 -47.88
C SER O 62 -14.10 -28.01 -47.41
N PHE O 63 -15.09 -27.58 -46.63
CA PHE O 63 -16.13 -28.47 -46.13
C PHE O 63 -17.32 -28.60 -47.08
N LYS O 64 -17.26 -27.94 -48.24
CA LYS O 64 -18.22 -27.97 -49.35
C LYS O 64 -19.69 -27.98 -48.92
N ASN O 65 -20.02 -27.18 -47.91
CA ASN O 65 -21.38 -27.04 -47.36
C ASN O 65 -21.99 -28.37 -46.95
N GLU O 258 -28.70 -8.69 -4.73
CA GLU O 258 -27.56 -7.92 -4.21
C GLU O 258 -26.40 -8.84 -3.86
N ASN O 259 -25.19 -8.44 -4.28
CA ASN O 259 -23.99 -9.22 -4.00
C ASN O 259 -22.89 -8.28 -3.52
N GLU O 260 -21.96 -8.85 -2.76
CA GLU O 260 -20.82 -8.11 -2.25
C GLU O 260 -19.53 -8.83 -2.65
N ASP O 261 -18.44 -8.08 -2.66
CA ASP O 261 -17.12 -8.60 -2.96
C ASP O 261 -16.17 -8.40 -1.78
N PHE O 262 -16.72 -8.44 -0.56
CA PHE O 262 -15.92 -8.35 0.65
C PHE O 262 -15.89 -9.66 1.43
N CYS O 263 -16.92 -10.51 1.28
CA CYS O 263 -16.96 -11.84 1.89
C CYS O 263 -16.83 -11.76 3.42
N SER O 264 -17.88 -11.24 4.05
CA SER O 264 -17.86 -10.98 5.48
C SER O 264 -17.99 -12.25 6.31
N ALA O 265 -17.06 -13.20 6.15
CA ALA O 265 -16.91 -14.34 7.04
C ALA O 265 -15.48 -14.51 7.53
N CYS O 266 -14.48 -14.06 6.77
CA CYS O 266 -13.10 -13.99 7.25
C CYS O 266 -12.38 -12.72 6.81
N ASN O 267 -13.07 -11.78 6.14
CA ASN O 267 -12.49 -10.53 5.65
C ASN O 267 -11.30 -10.78 4.72
N GLN O 268 -11.48 -11.68 3.75
CA GLN O 268 -10.44 -12.01 2.79
C GLN O 268 -11.07 -12.06 1.40
N SER O 269 -10.31 -12.54 0.43
CA SER O 269 -10.75 -12.62 -0.95
C SER O 269 -10.49 -14.01 -1.50
N GLY O 270 -11.17 -14.33 -2.60
CA GLY O 270 -11.03 -15.63 -3.23
C GLY O 270 -12.25 -15.94 -4.08
N SER O 271 -12.50 -17.24 -4.25
CA SER O 271 -13.69 -17.68 -4.96
C SER O 271 -14.93 -17.40 -4.11
N PHE O 272 -15.92 -16.76 -4.71
CA PHE O 272 -17.08 -16.27 -3.98
C PHE O 272 -18.34 -16.98 -4.48
N LEU O 273 -19.29 -17.15 -3.57
CA LEU O 273 -20.66 -17.49 -3.93
C LEU O 273 -21.62 -16.58 -3.18
N CYS O 274 -22.75 -16.28 -3.81
CA CYS O 274 -23.70 -15.30 -3.30
C CYS O 274 -25.12 -15.84 -3.37
N CYS O 275 -25.97 -15.32 -2.50
CA CYS O 275 -27.39 -15.66 -2.45
C CYS O 275 -28.21 -14.59 -3.15
N ASP O 276 -29.42 -14.98 -3.56
CA ASP O 276 -30.28 -14.09 -4.33
C ASP O 276 -30.83 -12.96 -3.48
N THR O 277 -31.37 -13.29 -2.31
CA THR O 277 -32.00 -12.31 -1.43
C THR O 277 -31.10 -11.87 -0.28
N CYS O 278 -29.84 -12.32 -0.26
CA CYS O 278 -28.91 -11.99 0.81
C CYS O 278 -27.72 -11.24 0.24
N PRO O 279 -27.35 -10.09 0.81
CA PRO O 279 -26.18 -9.39 0.36
C PRO O 279 -24.81 -9.76 0.96
N LYS O 280 -24.67 -10.96 1.51
CA LYS O 280 -23.43 -11.43 2.10
C LYS O 280 -22.83 -12.53 1.23
N SER O 281 -21.51 -12.49 1.07
CA SER O 281 -20.77 -13.46 0.27
C SER O 281 -19.93 -14.35 1.17
N PHE O 282 -19.70 -15.58 0.70
CA PHE O 282 -18.97 -16.59 1.45
C PHE O 282 -18.02 -17.32 0.50
N HIS O 283 -16.92 -17.84 1.02
CA HIS O 283 -16.14 -18.77 0.22
C HIS O 283 -16.70 -20.19 0.31
N PHE O 284 -16.09 -21.07 -0.48
CA PHE O 284 -16.48 -22.47 -0.52
C PHE O 284 -16.08 -23.22 0.74
N LEU O 285 -15.16 -22.66 1.53
CA LEU O 285 -14.70 -23.30 2.76
C LEU O 285 -15.30 -22.68 4.02
N CYS O 286 -15.68 -21.41 3.98
CA CYS O 286 -16.21 -20.71 5.15
C CYS O 286 -17.72 -20.92 5.30
N LEU O 287 -18.14 -22.18 5.29
CA LEU O 287 -19.54 -22.54 5.44
C LEU O 287 -19.65 -23.73 6.37
N ASP O 288 -20.81 -23.86 7.02
CA ASP O 288 -21.06 -25.05 7.84
C ASP O 288 -21.06 -26.34 7.02
N PRO O 289 -21.69 -26.44 5.85
CA PRO O 289 -21.34 -27.54 4.94
C PRO O 289 -20.21 -27.15 4.01
N PRO O 290 -19.06 -27.82 4.12
CA PRO O 290 -17.94 -27.52 3.21
C PRO O 290 -18.20 -28.10 1.83
N ILE O 291 -18.20 -27.23 0.82
CA ILE O 291 -18.57 -27.60 -0.54
C ILE O 291 -17.43 -27.22 -1.48
N ASP O 292 -17.09 -28.14 -2.42
CA ASP O 292 -16.10 -27.96 -3.48
C ASP O 292 -16.78 -27.45 -4.74
N PRO O 293 -16.10 -26.59 -5.52
CA PRO O 293 -16.67 -26.15 -6.80
C PRO O 293 -16.86 -27.26 -7.83
N ASN O 294 -16.15 -28.39 -7.69
CA ASN O 294 -16.27 -29.45 -8.69
C ASN O 294 -17.58 -30.21 -8.57
N ASN O 295 -18.24 -30.14 -7.42
CA ASN O 295 -19.52 -30.80 -7.19
C ASN O 295 -20.48 -29.87 -6.45
N LEU O 296 -20.52 -28.61 -6.87
CA LEU O 296 -21.40 -27.64 -6.23
C LEU O 296 -22.87 -27.97 -6.51
N PRO O 297 -23.75 -27.70 -5.55
CA PRO O 297 -25.18 -27.99 -5.77
C PRO O 297 -25.78 -27.10 -6.84
N LYS O 298 -26.77 -27.65 -7.53
CA LYS O 298 -27.48 -26.90 -8.57
C LYS O 298 -28.59 -26.07 -7.95
N GLY O 299 -29.11 -25.13 -8.74
CA GLY O 299 -30.17 -24.26 -8.27
C GLY O 299 -29.66 -23.16 -7.35
N ASP O 300 -30.60 -22.59 -6.61
CA ASP O 300 -30.28 -21.47 -5.72
C ASP O 300 -29.54 -21.95 -4.47
N TRP O 301 -28.60 -21.13 -4.03
CA TRP O 301 -27.84 -21.38 -2.80
C TRP O 301 -28.28 -20.36 -1.75
N HIS O 302 -28.52 -20.83 -0.52
CA HIS O 302 -29.01 -19.97 0.54
C HIS O 302 -28.24 -20.23 1.82
N CYS O 303 -28.08 -19.17 2.61
CA CYS O 303 -27.30 -19.19 3.85
C CYS O 303 -28.12 -19.79 4.99
N ASN O 304 -27.50 -19.87 6.17
CA ASN O 304 -28.17 -20.44 7.33
C ASN O 304 -29.29 -19.51 7.84
N GLU O 305 -28.98 -18.23 8.02
CA GLU O 305 -30.04 -17.30 8.40
C GLU O 305 -30.98 -16.98 7.24
N CYS O 306 -30.56 -17.27 6.01
CA CYS O 306 -31.52 -17.30 4.91
C CYS O 306 -32.53 -18.42 5.10
N LYS O 307 -32.07 -19.59 5.56
CA LYS O 307 -32.98 -20.65 5.95
C LYS O 307 -33.75 -20.32 7.22
N PHE O 308 -33.29 -19.34 7.99
CA PHE O 308 -33.98 -18.95 9.22
C PHE O 308 -34.91 -17.76 9.06
N LYS O 309 -34.78 -16.98 7.98
CA LYS O 309 -35.58 -15.76 7.81
C LYS O 309 -36.74 -15.94 6.83
N ILE O 310 -36.45 -16.31 5.58
CA ILE O 310 -37.49 -16.45 4.57
C ILE O 310 -38.02 -17.88 4.49
N PHE O 311 -37.50 -18.79 5.29
CA PHE O 311 -37.89 -20.19 5.34
C PHE O 311 -38.42 -20.52 6.72
N ILE O 312 -38.56 -21.82 6.99
CA ILE O 312 -39.16 -22.39 8.20
C ILE O 312 -38.67 -21.74 9.49
N ASN O 313 -39.56 -21.67 10.48
CA ASN O 313 -39.46 -21.03 11.80
C ASN O 313 -39.64 -19.52 11.73
N ASN O 314 -39.77 -18.93 10.54
CA ASN O 314 -40.11 -17.51 10.46
C ASN O 314 -41.17 -17.19 9.41
N SER O 315 -41.46 -18.09 8.47
CA SER O 315 -42.57 -17.90 7.54
C SER O 315 -43.80 -18.68 7.97
N MET O 316 -43.66 -19.99 8.15
CA MET O 316 -44.71 -20.82 8.71
C MET O 316 -44.17 -21.41 10.00
N ALA O 317 -45.03 -21.50 11.02
CA ALA O 317 -44.65 -21.78 12.41
C ALA O 317 -43.59 -20.78 12.88
N THR O 318 -44.00 -19.52 12.86
CA THR O 318 -43.15 -18.38 13.17
C THR O 318 -42.72 -18.45 14.64
N LEU O 319 -41.54 -17.89 14.93
CA LEU O 319 -40.87 -18.03 16.22
C LEU O 319 -41.65 -17.27 17.29
N LYS O 320 -42.71 -17.93 17.77
CA LYS O 320 -43.51 -17.38 18.87
C LYS O 320 -42.87 -17.71 20.23
N LYS O 321 -42.81 -19.01 20.56
CA LYS O 321 -42.21 -19.48 21.79
C LYS O 321 -41.49 -20.80 21.58
N ILE O 322 -40.93 -21.00 20.38
CA ILE O 322 -40.30 -22.27 20.03
C ILE O 322 -39.01 -22.51 20.82
N GLU O 323 -38.41 -21.44 21.37
CA GLU O 323 -37.24 -21.63 22.22
C GLU O 323 -37.59 -22.40 23.49
N SER O 324 -38.73 -22.08 24.10
CA SER O 324 -39.09 -22.70 25.38
C SER O 324 -39.50 -24.16 25.20
N ASN O 325 -40.32 -24.46 24.18
CA ASN O 325 -40.65 -25.85 23.92
C ASN O 325 -39.47 -26.63 23.37
N PHE O 326 -38.53 -25.95 22.69
CA PHE O 326 -37.27 -26.58 22.32
C PHE O 326 -36.48 -26.97 23.56
N ILE O 327 -36.45 -26.09 24.57
CA ILE O 327 -35.81 -26.40 25.84
C ILE O 327 -36.48 -27.60 26.50
N LYS O 328 -37.81 -27.63 26.49
CA LYS O 328 -38.54 -28.75 27.07
C LYS O 328 -38.27 -30.05 26.31
N GLN O 329 -38.05 -29.95 25.00
CA GLN O 329 -37.82 -31.14 24.18
C GLN O 329 -36.40 -31.69 24.35
N ASN O 330 -35.41 -30.82 24.50
CA ASN O 330 -34.00 -31.24 24.42
C ASN O 330 -33.39 -31.55 25.79
N ASN O 331 -34.17 -32.11 26.72
CA ASN O 331 -33.76 -32.54 28.07
C ASN O 331 -32.93 -31.46 28.79
N ASN O 332 -33.63 -30.37 29.06
CA ASN O 332 -33.27 -29.24 29.96
C ASN O 332 -31.78 -28.87 29.92
N VAL O 333 -31.35 -28.41 28.75
CA VAL O 333 -30.02 -27.87 28.56
C VAL O 333 -30.14 -26.35 28.47
N LYS O 334 -31.12 -25.80 29.19
CA LYS O 334 -31.54 -24.40 29.03
C LYS O 334 -30.41 -23.40 29.31
N ILE O 335 -29.39 -23.81 30.07
CA ILE O 335 -28.22 -22.95 30.25
C ILE O 335 -27.35 -22.89 28.99
N PHE O 336 -27.59 -23.79 28.03
CA PHE O 336 -26.91 -23.75 26.74
C PHE O 336 -27.89 -23.78 25.57
N ALA O 337 -29.17 -24.08 25.81
CA ALA O 337 -30.13 -24.26 24.71
C ALA O 337 -30.39 -22.96 23.97
N LYS O 338 -30.27 -21.81 24.64
CA LYS O 338 -30.41 -20.53 23.96
C LYS O 338 -29.28 -20.32 22.96
N LEU O 339 -28.06 -20.73 23.32
CA LEU O 339 -26.96 -20.68 22.37
C LEU O 339 -27.13 -21.70 21.24
N LEU O 340 -27.67 -22.87 21.54
CA LEU O 340 -27.99 -23.83 20.47
C LEU O 340 -29.02 -23.26 19.50
N PHE O 341 -30.01 -22.55 20.02
CA PHE O 341 -31.00 -21.90 19.16
C PHE O 341 -30.36 -20.79 18.33
N ASN O 342 -29.48 -19.99 18.95
CA ASN O 342 -28.82 -18.90 18.24
C ASN O 342 -27.78 -19.38 17.23
N ILE O 343 -27.34 -20.64 17.34
CA ILE O 343 -26.42 -21.20 16.35
C ILE O 343 -27.09 -21.24 14.98
N ASP O 344 -28.36 -21.68 14.93
CA ASP O 344 -29.07 -21.75 13.66
C ASP O 344 -29.33 -20.38 13.07
N SER O 345 -29.59 -19.38 13.91
CA SER O 345 -29.81 -18.01 13.44
C SER O 345 -28.51 -17.21 13.42
N HIS O 346 -27.49 -17.76 12.76
CA HIS O 346 -26.20 -17.08 12.65
C HIS O 346 -25.43 -17.69 11.48
N ASN O 347 -24.81 -16.82 10.69
CA ASN O 347 -24.02 -17.26 9.55
C ASN O 347 -22.67 -17.83 9.99
N PRO O 348 -22.17 -18.85 9.30
CA PRO O 348 -20.83 -19.35 9.60
C PRO O 348 -19.76 -18.33 9.27
N LYS O 349 -18.69 -18.33 10.07
CA LYS O 349 -17.60 -17.39 9.89
C LYS O 349 -16.35 -17.94 10.56
N GLN O 350 -15.21 -17.33 10.23
CA GLN O 350 -13.94 -17.66 10.86
C GLN O 350 -13.91 -17.15 12.30
N PHE O 351 -13.00 -17.71 13.09
CA PHE O 351 -12.81 -17.20 14.43
C PHE O 351 -12.15 -15.83 14.41
N GLN O 352 -12.70 -14.93 15.21
CA GLN O 352 -12.13 -13.61 15.42
C GLN O 352 -11.91 -13.41 16.91
N LEU O 353 -10.76 -12.84 17.26
CA LEU O 353 -10.43 -12.65 18.66
C LEU O 353 -11.35 -11.60 19.28
N PRO O 354 -11.79 -11.81 20.52
CA PRO O 354 -12.67 -10.83 21.17
C PRO O 354 -11.96 -9.51 21.43
N ASN O 355 -12.77 -8.46 21.60
CA ASN O 355 -12.24 -7.11 21.76
C ASN O 355 -11.46 -6.95 23.06
N TYR O 356 -11.92 -7.59 24.14
CA TYR O 356 -11.25 -7.44 25.43
C TYR O 356 -9.95 -8.24 25.52
N ILE O 357 -9.65 -9.09 24.53
CA ILE O 357 -8.33 -9.69 24.45
C ILE O 357 -7.34 -8.76 23.77
N LYS O 358 -7.82 -7.80 22.98
CA LYS O 358 -6.92 -6.86 22.31
C LYS O 358 -6.35 -5.84 23.28
N GLU O 359 -7.14 -5.44 24.29
CA GLU O 359 -6.71 -4.37 25.18
C GLU O 359 -5.64 -4.82 26.17
N THR O 360 -5.68 -6.09 26.58
CA THR O 360 -4.70 -6.56 27.55
C THR O 360 -3.33 -6.81 26.93
N PHE O 361 -3.25 -6.94 25.61
CA PHE O 361 -1.97 -7.04 24.90
C PHE O 361 -1.87 -5.90 23.91
N PRO O 362 -1.24 -4.78 24.29
CA PRO O 362 -1.11 -3.65 23.34
C PRO O 362 -0.09 -3.89 22.23
N ALA O 363 0.74 -4.92 22.34
CA ALA O 363 1.77 -5.15 21.33
C ALA O 363 1.22 -5.71 20.03
N VAL O 364 0.05 -6.34 20.07
CA VAL O 364 -0.55 -6.96 18.89
C VAL O 364 -1.71 -6.09 18.40
N LYS O 365 -1.71 -5.80 17.09
CA LYS O 365 -2.76 -5.02 16.47
C LYS O 365 -3.35 -5.80 15.31
N THR O 366 -4.62 -5.56 15.02
CA THR O 366 -5.31 -6.24 13.94
C THR O 366 -4.78 -5.77 12.59
N GLY O 367 -4.59 -6.72 11.67
CA GLY O 367 -4.08 -6.44 10.35
C GLY O 367 -5.17 -6.05 9.38
N SER O 368 -4.79 -6.03 8.10
CA SER O 368 -5.75 -5.64 7.05
C SER O 368 -6.82 -6.72 6.87
N ARG O 369 -6.42 -7.97 6.74
CA ARG O 369 -7.35 -9.08 6.58
C ARG O 369 -7.69 -9.77 7.90
N GLY O 370 -7.04 -9.38 8.99
CA GLY O 370 -7.32 -9.99 10.28
C GLY O 370 -6.32 -11.05 10.69
N GLN O 371 -5.03 -10.76 10.53
CA GLN O 371 -3.97 -11.67 10.90
C GLN O 371 -3.22 -11.15 12.13
N TYR O 372 -2.41 -12.01 12.72
CA TYR O 372 -1.61 -11.63 13.87
C TYR O 372 -0.50 -10.68 13.45
N SER O 373 -0.43 -9.52 14.11
CA SER O 373 0.58 -8.50 13.80
C SER O 373 1.06 -7.91 15.12
N ASP O 374 2.14 -8.47 15.65
CA ASP O 374 2.76 -7.97 16.87
C ASP O 374 3.78 -6.88 16.51
N GLU O 375 4.62 -6.51 17.47
CA GLU O 375 5.68 -5.55 17.19
C GLU O 375 6.84 -6.14 16.40
N ASN O 376 6.84 -7.46 16.19
CA ASN O 376 7.84 -8.06 15.30
C ASN O 376 7.57 -7.72 13.84
N ASP O 377 6.33 -7.41 13.49
CA ASP O 377 5.96 -7.15 12.11
C ASP O 377 5.98 -5.65 11.83
N LYS O 378 6.55 -5.28 10.68
CA LYS O 378 6.66 -3.88 10.30
C LYS O 378 5.45 -3.43 9.50
N ILE O 379 5.22 -2.12 9.50
CA ILE O 379 4.09 -1.52 8.80
C ILE O 379 4.25 -1.52 7.28
N GLY O 392 17.27 5.88 -9.02
CA GLY O 392 18.56 5.47 -8.50
C GLY O 392 18.47 4.91 -7.10
N GLN O 393 17.36 5.19 -6.40
CA GLN O 393 17.18 4.69 -5.04
C GLN O 393 16.94 3.19 -5.05
N SER O 394 16.10 2.71 -5.97
CA SER O 394 15.74 1.30 -6.13
C SER O 394 15.20 0.67 -4.85
N ASP O 399 22.13 -0.09 -4.70
CA ASP O 399 22.85 0.53 -5.79
C ASP O 399 23.16 2.00 -5.49
N SER O 400 24.23 2.50 -6.09
CA SER O 400 24.66 3.91 -6.01
C SER O 400 25.01 4.34 -4.59
N TYR O 401 25.39 5.60 -4.43
CA TYR O 401 25.78 6.14 -3.13
C TYR O 401 24.54 6.60 -2.37
N ASN O 402 24.43 6.18 -1.11
CA ASN O 402 23.34 6.57 -0.22
C ASN O 402 23.93 7.07 1.09
N PRO O 403 24.45 8.30 1.12
CA PRO O 403 24.99 8.83 2.38
C PRO O 403 23.91 9.22 3.37
N ASP O 404 22.65 9.36 2.94
CA ASP O 404 21.57 9.69 3.86
C ASP O 404 21.25 8.55 4.82
N THR O 405 21.58 7.31 4.45
CA THR O 405 21.38 6.20 5.38
C THR O 405 22.39 6.23 6.52
N HIS O 406 23.56 6.82 6.29
CA HIS O 406 24.57 6.96 7.32
C HIS O 406 24.34 8.15 8.24
N ILE O 407 23.43 9.05 7.88
CA ILE O 407 23.16 10.27 8.63
C ILE O 407 21.78 10.15 9.25
N ASP O 408 21.72 10.27 10.58
CA ASP O 408 20.44 10.27 11.29
C ASP O 408 19.94 11.69 11.45
N SER O 409 18.62 11.87 11.26
CA SER O 409 18.01 13.19 11.38
C SER O 409 17.78 13.61 12.82
N ASN O 410 17.98 12.71 13.79
CA ASN O 410 17.76 13.06 15.19
C ASN O 410 18.84 14.01 15.70
N SER O 411 20.11 13.74 15.37
CA SER O 411 21.21 14.55 15.86
C SER O 411 22.23 14.92 14.81
N GLY O 412 22.23 14.27 13.64
CA GLY O 412 23.22 14.55 12.62
C GLY O 412 24.57 13.92 12.86
N LYS O 413 24.68 13.01 13.83
CA LYS O 413 25.95 12.37 14.15
C LYS O 413 26.19 11.18 13.22
N PHE O 414 27.18 10.37 13.54
CA PHE O 414 27.60 9.26 12.69
C PHE O 414 27.21 7.93 13.31
N LEU O 415 26.61 7.06 12.50
CA LEU O 415 26.12 5.77 12.97
C LEU O 415 27.29 4.79 13.05
N ILE O 416 27.79 4.56 14.25
CA ILE O 416 28.92 3.67 14.48
C ILE O 416 28.40 2.25 14.70
N CYS O 417 28.94 1.30 13.94
CA CYS O 417 28.52 -0.09 14.05
C CYS O 417 29.04 -0.72 15.34
N TYR O 418 28.34 -1.76 15.79
CA TYR O 418 28.72 -2.45 17.02
C TYR O 418 30.03 -3.20 16.87
N LYS O 419 30.15 -4.01 15.82
CA LYS O 419 31.29 -4.92 15.71
C LYS O 419 32.57 -4.16 15.35
N CYS O 420 32.57 -3.50 14.20
CA CYS O 420 33.66 -2.61 13.82
C CYS O 420 33.26 -1.18 14.18
N ASN O 421 34.14 -0.50 14.93
CA ASN O 421 33.85 0.85 15.42
C ASN O 421 34.07 1.89 14.31
N GLN O 422 33.30 1.72 13.23
CA GLN O 422 33.39 2.57 12.05
C GLN O 422 32.01 2.71 11.44
N THR O 423 31.81 3.80 10.70
CA THR O 423 30.66 3.90 9.83
C THR O 423 31.00 3.57 8.39
N ARG O 424 32.26 3.82 7.99
CA ARG O 424 32.81 3.49 6.67
C ARG O 424 31.98 4.11 5.55
N LEU O 425 31.90 5.45 5.57
CA LEU O 425 31.18 6.16 4.53
C LEU O 425 31.91 6.12 3.20
N GLY O 426 33.24 6.14 3.22
CA GLY O 426 34.02 6.07 1.99
C GLY O 426 34.17 7.41 1.31
N SER O 427 34.16 7.39 -0.03
CA SER O 427 34.32 8.61 -0.79
C SER O 427 33.63 8.45 -2.15
N TRP O 428 33.36 9.60 -2.78
CA TRP O 428 32.77 9.58 -4.12
C TRP O 428 33.78 9.12 -5.17
N SER O 429 35.07 9.31 -4.91
CA SER O 429 36.08 8.83 -5.84
C SER O 429 36.25 7.31 -5.77
N HIS O 430 35.99 6.72 -4.60
CA HIS O 430 36.06 5.28 -4.38
C HIS O 430 34.72 4.81 -3.82
N PRO O 431 33.71 4.61 -4.67
CA PRO O 431 32.43 4.09 -4.18
C PRO O 431 32.53 2.69 -3.60
N GLU O 432 33.49 1.88 -4.05
CA GLU O 432 33.62 0.50 -3.58
C GLU O 432 34.05 0.43 -2.12
N ASN O 433 34.66 1.48 -1.58
CA ASN O 433 35.03 1.48 -0.17
C ASN O 433 33.82 1.68 0.74
N SER O 434 32.72 2.19 0.21
CA SER O 434 31.52 2.40 1.03
C SER O 434 30.83 1.07 1.34
N ARG O 435 30.31 0.97 2.56
CA ARG O 435 29.60 -0.23 3.00
C ARG O 435 28.18 0.17 3.41
N LEU O 436 27.21 -0.65 3.00
CA LEU O 436 25.83 -0.42 3.38
C LEU O 436 25.63 -0.67 4.87
N ILE O 437 24.89 0.22 5.52
CA ILE O 437 24.56 0.10 6.94
C ILE O 437 23.05 0.19 7.09
N MET O 438 22.57 -0.32 8.22
CA MET O 438 21.16 -0.23 8.56
C MET O 438 21.02 0.03 10.06
N THR O 439 19.92 0.67 10.43
CA THR O 439 19.59 0.89 11.83
C THR O 439 18.59 -0.15 12.31
N CYS O 440 18.55 -0.34 13.62
CA CYS O 440 17.63 -1.30 14.20
C CYS O 440 16.23 -0.69 14.35
N ASP O 441 15.23 -1.56 14.27
CA ASP O 441 13.84 -1.11 14.39
C ASP O 441 13.36 -1.00 15.83
N TYR O 442 14.17 -1.43 16.80
CA TYR O 442 13.82 -1.35 18.21
C TYR O 442 14.72 -0.40 18.99
N CYS O 443 16.03 -0.58 18.92
CA CYS O 443 16.98 0.22 19.68
C CYS O 443 17.79 1.18 18.82
N GLN O 444 17.55 1.20 17.50
CA GLN O 444 18.26 2.07 16.55
C GLN O 444 19.77 1.85 16.60
N THR O 445 20.18 0.60 16.75
CA THR O 445 21.59 0.24 16.80
C THR O 445 22.14 0.12 15.39
N PRO O 446 23.17 0.88 15.02
CA PRO O 446 23.76 0.73 13.68
C PRO O 446 24.46 -0.61 13.52
N TRP O 447 24.44 -1.11 12.28
CA TRP O 447 25.09 -2.39 11.97
C TRP O 447 25.52 -2.38 10.51
N HIS O 448 26.71 -2.93 10.27
CA HIS O 448 27.18 -3.12 8.90
C HIS O 448 26.54 -4.37 8.29
N LEU O 449 26.62 -4.44 6.96
CA LEU O 449 26.12 -5.60 6.22
C LEU O 449 27.12 -6.74 6.16
N ASP O 450 28.35 -6.54 6.64
CA ASP O 450 29.40 -7.54 6.55
C ASP O 450 29.63 -8.30 7.85
N CYS O 451 29.28 -7.70 8.99
CA CYS O 451 29.57 -8.33 10.28
C CYS O 451 28.63 -9.50 10.53
N VAL O 452 27.33 -9.22 10.64
CA VAL O 452 26.33 -10.27 10.81
C VAL O 452 26.08 -10.92 9.45
N PRO O 453 25.69 -12.20 9.40
CA PRO O 453 25.36 -12.80 8.10
C PRO O 453 24.05 -12.27 7.55
N ARG O 454 24.14 -11.39 6.56
CA ARG O 454 22.97 -10.75 5.97
C ARG O 454 23.38 -10.16 4.64
N ALA O 455 22.55 -10.38 3.61
CA ALA O 455 22.92 -9.96 2.26
C ALA O 455 22.53 -8.51 2.00
N SER O 456 21.24 -8.19 2.13
CA SER O 456 20.75 -6.85 1.82
C SER O 456 19.79 -6.41 2.91
N PHE O 457 19.05 -5.34 2.63
CA PHE O 457 18.16 -4.74 3.61
C PHE O 457 16.92 -5.60 3.82
N LYS O 458 16.12 -5.20 4.81
CA LYS O 458 14.85 -5.86 5.13
C LYS O 458 13.75 -4.82 5.01
N ASN O 459 13.07 -4.79 3.87
CA ASN O 459 12.04 -3.80 3.59
C ASN O 459 10.62 -4.35 3.66
N LEU O 460 10.41 -5.61 3.34
CA LEU O 460 9.10 -6.24 3.39
C LEU O 460 9.12 -7.42 4.35
N GLY O 461 8.07 -7.55 5.15
CA GLY O 461 7.96 -8.65 6.08
C GLY O 461 7.95 -8.22 7.54
N SER O 462 8.66 -8.96 8.38
CA SER O 462 8.78 -8.62 9.78
C SER O 462 9.88 -7.57 9.98
N LYS O 463 9.83 -6.90 11.14
CA LYS O 463 10.82 -5.88 11.45
C LYS O 463 12.20 -6.49 11.59
N TRP O 464 13.21 -5.74 11.15
CA TRP O 464 14.59 -6.21 11.23
C TRP O 464 15.02 -6.26 12.68
N LYS O 465 15.17 -7.48 13.21
CA LYS O 465 15.58 -7.69 14.59
C LYS O 465 17.06 -8.04 14.59
N CYS O 466 17.89 -7.11 15.06
CA CYS O 466 19.31 -7.38 15.21
C CYS O 466 19.53 -8.43 16.30
N PRO O 467 20.53 -9.30 16.15
CA PRO O 467 20.74 -10.38 17.13
C PRO O 467 21.38 -9.89 18.43
N LEU O 468 20.74 -8.91 19.06
CA LEU O 468 21.20 -8.38 20.33
C LEU O 468 20.13 -8.39 21.43
N HIS O 469 18.86 -8.56 21.08
CA HIS O 469 17.77 -8.53 22.03
C HIS O 469 17.41 -9.96 22.46
N SER O 470 16.37 -10.07 23.27
CA SER O 470 15.92 -11.37 23.74
C SER O 470 15.23 -12.12 22.62
N PRO O 471 15.66 -13.33 22.27
CA PRO O 471 15.01 -14.07 21.19
C PRO O 471 13.63 -14.57 21.62
N THR O 472 12.72 -14.62 20.65
CA THR O 472 11.37 -15.09 20.94
C THR O 472 11.34 -16.61 21.14
N LYS O 473 12.22 -17.34 20.47
CA LYS O 473 12.26 -18.80 20.55
C LYS O 473 13.66 -19.23 20.97
N VAL O 474 13.75 -20.01 22.05
CA VAL O 474 14.98 -20.60 22.51
C VAL O 474 14.82 -22.12 22.50
N TYR O 475 15.95 -22.82 22.53
CA TYR O 475 15.94 -24.28 22.50
C TYR O 475 17.05 -24.82 23.39
N LYS O 476 16.68 -25.72 24.30
CA LYS O 476 17.63 -26.40 25.16
C LYS O 476 17.27 -27.88 25.20
N LYS O 477 18.23 -28.73 24.83
CA LYS O 477 18.00 -30.17 24.78
C LYS O 477 18.32 -30.80 26.13
N ILE O 478 17.33 -31.52 26.68
CA ILE O 478 17.52 -32.20 27.96
C ILE O 478 17.26 -33.69 27.79
N ASN O 488 11.18 -33.16 26.50
CA ASN O 488 12.28 -33.31 25.54
C ASN O 488 13.08 -32.02 25.45
N TYR O 489 12.37 -30.89 25.39
CA TYR O 489 13.01 -29.59 25.28
C TYR O 489 12.06 -28.52 25.81
N LYS O 490 12.63 -27.35 26.08
CA LYS O 490 11.86 -26.19 26.50
C LYS O 490 12.00 -25.10 25.45
N VAL O 491 10.87 -24.56 24.99
CA VAL O 491 10.86 -23.60 23.91
C VAL O 491 10.84 -22.16 24.44
N TRP O 492 10.00 -21.90 25.45
CA TRP O 492 9.95 -20.62 26.17
C TRP O 492 9.65 -19.46 25.23
N LYS O 493 8.42 -19.44 24.72
CA LYS O 493 8.02 -18.40 23.78
C LYS O 493 7.68 -17.08 24.46
N LYS O 494 8.58 -16.62 25.33
CA LYS O 494 8.59 -15.29 25.96
C LYS O 494 7.24 -15.05 26.66
N GLN O 495 6.80 -13.79 26.74
CA GLN O 495 5.49 -13.44 27.25
C GLN O 495 4.81 -12.36 26.42
N ARG O 496 5.48 -11.82 25.40
CA ARG O 496 4.99 -10.83 24.42
C ARG O 496 4.35 -9.59 25.08
N LEU O 497 4.69 -9.34 26.34
CA LEU O 497 4.33 -8.17 27.17
C LEU O 497 2.82 -8.03 27.39
N ILE O 498 2.45 -7.26 28.41
CA ILE O 498 1.06 -6.99 28.77
C ILE O 498 0.91 -5.51 29.06
N ASN O 499 -0.30 -5.11 29.42
CA ASN O 499 -0.63 -3.71 29.57
C ASN O 499 -0.02 -3.13 30.84
N LYS O 500 -0.04 -1.80 30.92
CA LYS O 500 0.43 -1.06 32.09
C LYS O 500 -0.57 -1.14 33.26
N LYS O 501 -1.75 -1.71 33.03
CA LYS O 501 -2.84 -1.68 34.00
C LYS O 501 -2.58 -2.70 35.11
N ASN O 502 -3.63 -2.98 35.91
CA ASN O 502 -3.50 -3.78 37.12
C ASN O 502 -3.11 -5.23 36.85
N GLN O 503 -3.18 -5.69 35.60
CA GLN O 503 -2.70 -7.03 35.27
C GLN O 503 -1.18 -7.13 35.44
N LEU O 504 -0.47 -6.02 35.26
CA LEU O 504 0.97 -5.98 35.49
C LEU O 504 1.23 -5.86 36.99
N TYR O 505 1.92 -6.84 37.56
CA TYR O 505 2.21 -6.88 38.99
C TYR O 505 3.71 -6.91 39.22
N TYR O 506 4.19 -6.09 40.15
CA TYR O 506 5.60 -6.03 40.50
C TYR O 506 5.78 -6.49 41.95
N GLU O 507 6.84 -7.25 42.20
CA GLU O 507 7.09 -7.76 43.54
C GLU O 507 8.59 -8.01 43.74
N PRO O 508 9.37 -6.97 44.03
CA PRO O 508 10.81 -7.17 44.28
C PRO O 508 11.06 -7.70 45.68
N LEU O 509 11.38 -8.99 45.78
CA LEU O 509 11.63 -9.61 47.07
C LEU O 509 13.03 -10.18 47.19
N GLN O 510 13.42 -11.06 46.28
CA GLN O 510 14.68 -11.79 46.39
C GLN O 510 15.48 -11.64 45.10
N LYS O 511 16.81 -11.57 45.23
CA LYS O 511 17.69 -11.42 44.09
C LYS O 511 18.51 -12.66 43.76
N ILE O 512 18.72 -13.55 44.72
CA ILE O 512 19.55 -14.75 44.51
C ILE O 512 18.64 -15.96 44.58
N GLY O 513 18.67 -16.78 43.54
CA GLY O 513 17.84 -17.98 43.48
C GLY O 513 16.36 -17.70 43.46
N TYR O 514 15.94 -16.66 42.72
CA TYR O 514 14.53 -16.29 42.68
C TYR O 514 13.70 -17.24 41.83
N GLN O 515 14.32 -17.87 40.83
CA GLN O 515 13.66 -18.73 39.85
C GLN O 515 12.53 -17.95 39.17
N ASN O 516 12.97 -16.93 38.42
CA ASN O 516 12.08 -16.08 37.65
C ASN O 516 11.91 -16.53 36.21
N ASN O 517 12.69 -17.54 35.77
CA ASN O 517 12.78 -18.08 34.42
C ASN O 517 12.73 -17.01 33.33
N GLY O 518 13.48 -15.93 33.51
CA GLY O 518 13.49 -14.84 32.55
C GLY O 518 12.37 -13.85 32.79
N ASN O 519 12.05 -13.09 31.74
CA ASN O 519 10.96 -12.12 31.72
C ASN O 519 11.13 -11.08 32.84
N ILE O 520 12.22 -10.31 32.74
CA ILE O 520 12.55 -9.29 33.73
C ILE O 520 12.85 -7.98 33.03
N GLN O 521 12.76 -6.90 33.78
CA GLN O 521 13.13 -5.57 33.32
C GLN O 521 14.20 -5.01 34.23
N ILE O 522 14.96 -4.04 33.70
CA ILE O 522 16.14 -3.52 34.37
C ILE O 522 15.81 -2.11 34.88
N ILE O 523 16.12 -1.87 36.15
CA ILE O 523 15.83 -0.58 36.79
C ILE O 523 17.10 0.00 37.41
N PRO O 524 17.20 1.33 37.58
CA PRO O 524 18.37 1.88 38.26
C PRO O 524 18.31 1.71 39.78
N ASP O 536 -0.03 -16.34 37.76
CA ASP O 536 0.09 -15.09 37.03
C ASP O 536 1.49 -14.84 36.51
N PHE O 537 1.61 -13.88 35.60
CA PHE O 537 2.91 -13.36 35.16
C PHE O 537 3.49 -12.56 36.32
N LYS O 538 4.21 -13.26 37.20
CA LYS O 538 4.89 -12.62 38.32
C LYS O 538 6.28 -12.18 37.86
N ILE O 539 6.49 -10.87 37.78
CA ILE O 539 7.79 -10.32 37.41
C ILE O 539 8.34 -9.54 38.58
N THR O 540 9.66 -9.43 38.63
CA THR O 540 10.35 -8.82 39.76
C THR O 540 11.31 -7.76 39.25
N GLN O 541 11.66 -6.83 40.13
CA GLN O 541 12.61 -5.77 39.80
C GLN O 541 14.02 -6.33 39.87
N ILE O 542 14.77 -6.19 38.78
CA ILE O 542 16.06 -6.84 38.62
C ILE O 542 17.10 -5.77 38.28
N ASP O 543 18.20 -5.77 39.03
CA ASP O 543 19.32 -4.88 38.79
C ASP O 543 20.53 -5.68 38.31
N GLU O 544 21.64 -4.97 38.05
CA GLU O 544 22.85 -5.60 37.55
C GLU O 544 23.50 -6.49 38.59
N ASN O 545 23.46 -6.06 39.86
CA ASN O 545 24.12 -6.80 40.95
C ASN O 545 23.53 -8.20 41.07
N SER O 546 22.19 -8.29 41.02
CA SER O 546 21.53 -9.58 41.09
C SER O 546 21.92 -10.48 39.92
N ILE O 547 22.00 -9.89 38.73
CA ILE O 547 22.26 -10.66 37.51
C ILE O 547 23.67 -11.26 37.57
N LYS O 548 24.66 -10.42 37.85
CA LYS O 548 26.04 -10.90 37.93
C LYS O 548 26.23 -11.84 39.11
N TYR O 549 25.47 -11.65 40.19
CA TYR O 549 25.59 -12.51 41.35
C TYR O 549 25.08 -13.91 41.05
N ASP O 550 23.91 -14.01 40.41
CA ASP O 550 23.38 -15.33 40.06
C ASP O 550 24.21 -15.99 38.97
N PHE O 551 24.76 -15.21 38.04
CA PHE O 551 25.70 -15.78 37.08
C PHE O 551 26.95 -16.36 37.73
N PHE O 552 27.55 -15.63 38.68
CA PHE O 552 28.77 -16.14 39.29
C PHE O 552 28.48 -17.37 40.15
N ASP O 553 27.35 -17.37 40.86
CA ASP O 553 26.92 -18.58 41.56
C ASP O 553 26.69 -19.74 40.60
N LYS O 554 26.06 -19.47 39.45
CA LYS O 554 25.71 -20.53 38.52
C LYS O 554 26.94 -21.14 37.86
N ILE O 555 27.86 -20.32 37.36
CA ILE O 555 29.01 -20.93 36.68
C ILE O 555 30.05 -21.42 37.66
N TYR O 556 29.99 -21.02 38.94
CA TYR O 556 30.86 -21.68 39.91
C TYR O 556 30.27 -23.04 40.29
N LYS O 557 28.95 -23.13 40.47
CA LYS O 557 28.34 -24.42 40.78
C LYS O 557 28.22 -25.34 39.57
N SER O 558 28.50 -24.85 38.36
CA SER O 558 28.36 -25.66 37.16
C SER O 558 29.69 -26.01 36.49
N LYS O 559 30.82 -25.58 37.04
CA LYS O 559 32.10 -25.89 36.42
C LYS O 559 32.45 -27.36 36.55
N MET O 560 32.36 -27.91 37.76
CA MET O 560 32.64 -29.34 37.93
C MET O 560 31.48 -30.19 37.48
N VAL O 561 30.26 -29.66 37.51
CA VAL O 561 29.02 -30.34 37.12
C VAL O 561 28.83 -31.67 37.85
N ASN P 304 1.96 1.32 70.06
CA ASN P 304 2.46 1.47 68.69
C ASN P 304 1.33 1.36 67.68
N GLU P 305 0.29 0.59 68.03
CA GLU P 305 -0.86 0.45 67.15
C GLU P 305 -1.61 1.77 66.99
N CYS P 306 -1.73 2.54 68.08
CA CYS P 306 -2.36 3.85 68.00
C CYS P 306 -1.56 4.80 67.11
N LYS P 307 -0.24 4.76 67.23
CA LYS P 307 0.61 5.59 66.37
C LYS P 307 0.49 5.19 64.91
N PHE P 308 0.49 3.89 64.65
CA PHE P 308 0.45 3.43 63.27
C PHE P 308 -0.75 3.99 62.53
N LYS P 309 -1.94 3.78 63.09
CA LYS P 309 -3.15 4.25 62.43
C LYS P 309 -3.18 5.76 62.31
N ILE P 310 -2.93 6.44 63.41
CA ILE P 310 -2.98 7.90 63.44
C ILE P 310 -1.97 8.47 62.46
N PHE P 311 -0.99 7.65 62.09
CA PHE P 311 0.05 8.11 61.16
C PHE P 311 -0.27 7.80 59.70
N ILE P 312 -0.69 6.57 59.41
CA ILE P 312 -0.91 6.12 58.04
C ILE P 312 -2.34 5.66 57.81
N ASN P 313 -2.90 4.88 58.74
CA ASN P 313 -4.19 4.23 58.54
C ASN P 313 -5.37 5.19 58.54
N ASN P 314 -5.17 6.46 58.91
CA ASN P 314 -6.32 7.36 59.06
C ASN P 314 -6.78 7.92 57.71
N SER P 315 -5.94 8.75 57.07
CA SER P 315 -6.34 9.37 55.82
C SER P 315 -5.22 9.55 54.80
N MET P 316 -4.00 9.09 55.06
CA MET P 316 -2.86 9.40 54.22
C MET P 316 -2.20 8.12 53.73
N ALA P 317 -1.99 8.04 52.40
CA ALA P 317 -1.27 6.95 51.74
C ALA P 317 -1.91 5.60 52.04
N THR P 318 -3.24 5.53 51.98
CA THR P 318 -3.93 4.26 52.17
C THR P 318 -3.67 3.32 51.00
N LEU P 319 -3.74 3.83 49.77
CA LEU P 319 -3.45 3.01 48.60
C LEU P 319 -1.96 2.97 48.29
N LYS P 320 -1.26 4.09 48.52
CA LYS P 320 0.16 4.16 48.23
C LYS P 320 0.95 3.33 49.24
N LYS P 321 1.89 2.53 48.74
CA LYS P 321 2.68 1.65 49.59
C LYS P 321 3.84 2.43 50.19
N ILE P 322 3.94 2.42 51.53
CA ILE P 322 5.00 3.13 52.22
C ILE P 322 6.34 2.43 52.00
N GLU P 323 6.35 1.09 52.06
CA GLU P 323 7.58 0.31 51.94
C GLU P 323 8.02 0.09 50.50
N SER P 324 7.51 0.88 49.55
CA SER P 324 7.92 0.77 48.16
C SER P 324 9.19 1.56 47.85
N ASN P 325 9.68 2.37 48.79
CA ASN P 325 10.84 3.22 48.54
C ASN P 325 11.90 3.13 49.62
N PHE P 326 11.81 2.16 50.53
CA PHE P 326 12.83 2.02 51.58
C PHE P 326 14.04 1.23 51.11
N ILE P 327 13.98 0.63 49.92
CA ILE P 327 15.10 -0.14 49.39
C ILE P 327 16.27 0.78 49.08
N LYS P 328 15.99 1.98 48.57
CA LYS P 328 17.02 2.92 48.13
C LYS P 328 17.91 3.44 49.26
N GLN P 329 17.50 3.29 50.51
CA GLN P 329 18.31 3.75 51.64
C GLN P 329 18.70 2.65 52.61
N ASN P 330 18.19 1.44 52.44
CA ASN P 330 18.49 0.33 53.35
C ASN P 330 19.36 -0.71 52.62
N ASN P 331 20.40 -1.17 53.31
CA ASN P 331 21.35 -2.11 52.74
C ASN P 331 21.34 -3.42 53.51
N ASN P 332 21.75 -4.49 52.83
CA ASN P 332 21.81 -5.85 53.38
C ASN P 332 20.46 -6.33 53.89
N VAL P 333 19.38 -5.92 53.22
CA VAL P 333 18.01 -6.31 53.58
C VAL P 333 17.41 -6.93 52.32
N LYS P 334 17.51 -8.25 52.19
CA LYS P 334 17.02 -8.88 50.97
C LYS P 334 16.00 -9.98 51.27
N ILE P 335 16.22 -10.74 52.35
CA ILE P 335 15.38 -11.91 52.60
C ILE P 335 14.01 -11.48 53.13
N PHE P 336 13.99 -10.70 54.21
CA PHE P 336 12.75 -10.21 54.78
C PHE P 336 12.70 -8.69 54.62
N ALA P 337 11.67 -8.21 53.94
CA ALA P 337 11.49 -6.78 53.70
C ALA P 337 10.10 -6.28 54.06
N LYS P 338 9.06 -7.08 53.81
CA LYS P 338 7.70 -6.64 54.06
C LYS P 338 7.34 -6.63 55.54
N LEU P 339 7.96 -7.53 56.32
CA LEU P 339 7.62 -7.64 57.74
C LEU P 339 8.23 -6.53 58.58
N LEU P 340 9.24 -5.82 58.05
CA LEU P 340 9.85 -4.74 58.80
C LEU P 340 8.96 -3.50 58.84
N PHE P 341 8.11 -3.31 57.84
CA PHE P 341 7.27 -2.12 57.78
C PHE P 341 6.20 -2.15 58.86
N ASN P 342 5.48 -3.27 58.99
CA ASN P 342 4.39 -3.38 59.94
C ASN P 342 4.86 -3.95 61.29
N ILE P 343 5.88 -3.33 61.87
CA ILE P 343 6.34 -3.74 63.20
C ILE P 343 5.58 -3.02 64.30
N ASP P 344 4.84 -1.97 63.98
CA ASP P 344 4.03 -1.23 64.94
C ASP P 344 2.54 -1.55 64.80
N SER P 345 2.16 -2.41 63.86
CA SER P 345 0.76 -2.73 63.62
C SER P 345 0.24 -3.85 64.51
N HIS P 346 1.10 -4.53 65.25
CA HIS P 346 0.70 -5.61 66.14
C HIS P 346 1.12 -5.29 67.57
N ASN P 347 0.21 -5.53 68.51
CA ASN P 347 0.50 -5.28 69.91
C ASN P 347 1.38 -6.38 70.49
N PRO P 348 2.27 -6.04 71.43
CA PRO P 348 3.07 -7.07 72.08
C PRO P 348 2.21 -7.97 72.97
N LYS P 349 2.67 -9.22 73.12
CA LYS P 349 1.99 -10.20 73.93
C LYS P 349 3.01 -11.02 74.70
N GLN P 350 2.52 -11.74 75.72
CA GLN P 350 3.39 -12.55 76.56
C GLN P 350 3.88 -13.79 75.80
N PHE P 351 4.91 -14.42 76.36
CA PHE P 351 5.50 -15.60 75.74
C PHE P 351 4.55 -16.79 75.85
N GLN P 352 4.37 -17.50 74.73
CA GLN P 352 3.52 -18.68 74.69
C GLN P 352 4.16 -19.71 73.77
N LEU P 353 3.74 -20.97 73.94
CA LEU P 353 4.26 -22.07 73.15
C LEU P 353 3.14 -23.07 72.89
N PRO P 354 2.90 -23.43 71.63
CA PRO P 354 1.87 -24.45 71.34
C PRO P 354 2.29 -25.82 71.82
N ASN P 355 1.29 -26.67 72.07
CA ASN P 355 1.56 -28.03 72.53
C ASN P 355 2.23 -28.89 71.47
N TYR P 356 2.05 -28.56 70.19
CA TYR P 356 2.74 -29.30 69.13
C TYR P 356 4.24 -29.06 69.18
N ILE P 357 4.66 -27.82 69.44
CA ILE P 357 6.07 -27.50 69.51
C ILE P 357 6.61 -27.74 70.93
N THR P 540 21.06 5.86 45.29
CA THR P 540 21.95 4.86 45.86
C THR P 540 23.39 5.08 45.42
N GLN P 541 24.15 5.78 46.25
CA GLN P 541 25.56 6.06 45.96
C GLN P 541 26.51 5.31 46.87
N ILE P 542 26.36 5.43 48.19
CA ILE P 542 27.21 4.68 49.10
C ILE P 542 26.76 3.23 49.23
N ASP P 543 25.50 2.92 48.91
CA ASP P 543 25.04 1.54 48.92
C ASP P 543 25.66 0.75 47.78
N GLU P 544 25.83 1.40 46.62
CA GLU P 544 26.52 0.75 45.51
C GLU P 544 27.97 0.45 45.85
N ASN P 545 28.65 1.39 46.52
CA ASN P 545 30.02 1.15 46.97
C ASN P 545 30.08 0.04 48.00
N SER P 546 29.09 -0.01 48.91
CA SER P 546 29.06 -1.05 49.93
C SER P 546 28.90 -2.43 49.29
N ILE P 547 27.95 -2.58 48.37
CA ILE P 547 27.75 -3.87 47.73
C ILE P 547 28.92 -4.21 46.81
N LYS P 548 29.60 -3.20 46.26
CA LYS P 548 30.75 -3.47 45.40
C LYS P 548 31.94 -4.01 46.21
N TYR P 549 32.24 -3.39 47.35
CA TYR P 549 33.31 -3.92 48.21
C TYR P 549 32.92 -5.28 48.80
N ASP P 550 31.63 -5.45 49.11
CA ASP P 550 31.16 -6.75 49.61
C ASP P 550 31.35 -7.83 48.56
N PHE P 551 31.06 -7.50 47.29
CA PHE P 551 31.19 -8.48 46.22
C PHE P 551 32.65 -8.74 45.91
N PHE P 552 33.52 -7.73 46.08
CA PHE P 552 34.96 -7.93 45.97
C PHE P 552 35.46 -8.91 47.02
N ASP P 553 35.01 -8.74 48.27
CA ASP P 553 35.37 -9.68 49.33
C ASP P 553 34.83 -11.08 49.03
N LYS P 554 33.61 -11.14 48.46
CA LYS P 554 33.02 -12.42 48.09
C LYS P 554 33.84 -13.11 47.00
N ILE P 555 34.34 -12.35 46.02
CA ILE P 555 35.15 -12.91 44.95
C ILE P 555 36.48 -13.43 45.50
N TYR P 556 37.10 -12.66 46.40
CA TYR P 556 38.35 -13.12 47.01
C TYR P 556 38.14 -14.38 47.83
N LYS P 557 37.03 -14.45 48.59
CA LYS P 557 36.70 -15.66 49.33
C LYS P 557 36.40 -16.84 48.41
N SER P 558 35.76 -16.58 47.25
CA SER P 558 35.51 -17.64 46.28
C SER P 558 36.80 -18.20 45.72
N LYS P 559 37.77 -17.32 45.44
CA LYS P 559 39.10 -17.77 45.04
C LYS P 559 39.76 -18.59 46.14
N MET P 560 39.59 -18.19 47.39
CA MET P 560 40.22 -18.91 48.50
C MET P 560 39.58 -20.29 48.67
N VAL P 561 38.27 -20.42 48.50
CA VAL P 561 37.67 -21.75 48.69
C VAL P 561 37.96 -22.61 47.45
N GLN P 562 38.14 -21.99 46.28
CA GLN P 562 38.61 -22.76 45.12
C GLN P 562 40.00 -23.33 45.36
N LYS P 563 40.90 -22.52 45.94
CA LYS P 563 42.22 -23.02 46.31
C LYS P 563 42.11 -24.13 47.35
N ARG P 564 41.22 -23.98 48.32
CA ARG P 564 41.01 -25.02 49.33
C ARG P 564 40.50 -26.31 48.71
N LYS P 565 39.58 -26.21 47.76
CA LYS P 565 39.01 -27.42 47.16
C LYS P 565 39.99 -28.10 46.22
N LEU P 566 40.86 -27.34 45.55
CA LEU P 566 41.90 -27.99 44.75
C LEU P 566 43.00 -28.56 45.62
N PHE P 567 43.22 -28.00 46.81
CA PHE P 567 44.15 -28.62 47.75
C PHE P 567 43.58 -29.92 48.31
N GLN P 568 42.30 -29.94 48.68
CA GLN P 568 41.70 -31.11 49.28
C GLN P 568 41.28 -32.17 48.26
N PHE P 569 41.22 -31.82 46.97
CA PHE P 569 40.86 -32.79 45.95
C PHE P 569 42.09 -33.51 45.42
ZN ZN Q . 13.89 -15.85 -10.91
#